data_6CNU
# 
_entry.id   6CNU 
# 
_audit_conform.dict_name       mmcif_pdbx.dic 
_audit_conform.dict_version    5.403 
_audit_conform.dict_location   http://mmcif.pdb.org/dictionaries/ascii/mmcif_pdbx.dic 
# 
loop_
_database_2.database_id 
_database_2.database_code 
_database_2.pdbx_database_accession 
_database_2.pdbx_DOI 
PDB   6CNU         pdb_00006cnu 10.2210/pdb6cnu/pdb 
WWPDB D_1000233107 ?            ?                   
# 
loop_
_pdbx_audit_revision_history.ordinal 
_pdbx_audit_revision_history.data_content_type 
_pdbx_audit_revision_history.major_revision 
_pdbx_audit_revision_history.minor_revision 
_pdbx_audit_revision_history.revision_date 
_pdbx_audit_revision_history.part_number 
1 'Structure model' 1 0 2019-03-06 ? 
2 'Structure model' 1 1 2019-07-03 ? 
3 'Structure model' 2 0 2020-03-04 ? 
4 'Structure model' 2 1 2025-04-02 ? 
# 
loop_
_pdbx_audit_revision_details.ordinal 
_pdbx_audit_revision_details.revision_ordinal 
_pdbx_audit_revision_details.data_content_type 
_pdbx_audit_revision_details.provider 
_pdbx_audit_revision_details.type 
_pdbx_audit_revision_details.description 
_pdbx_audit_revision_details.details 
1 1 'Structure model' repository 'Initial release'        ?                 ?                                                 
2 3 'Structure model' author     'Coordinate replacement' 'Ligand identity' 'Replace NH4 with NH2 for the C-terminal residue' 
# 
loop_
_pdbx_audit_revision_group.ordinal 
_pdbx_audit_revision_group.revision_ordinal 
_pdbx_audit_revision_group.data_content_type 
_pdbx_audit_revision_group.group 
1  2 'Structure model' 'Data collection'         
2  2 'Structure model' 'Database references'     
3  2 'Structure model' 'Derived calculations'    
4  2 'Structure model' 'Source and taxonomy'     
5  3 'Structure model' Advisory                  
6  3 'Structure model' 'Atomic model'            
7  3 'Structure model' 'Data collection'         
8  3 'Structure model' 'Database references'     
9  3 'Structure model' 'Derived calculations'    
10 3 'Structure model' 'Non-polymer description' 
11 3 'Structure model' 'Polymer sequence'        
12 3 'Structure model' 'Refinement description'  
13 3 'Structure model' 'Source and taxonomy'     
14 3 'Structure model' 'Structure summary'       
15 4 'Structure model' 'Data collection'         
16 4 'Structure model' 'Database references'     
17 4 'Structure model' 'Derived calculations'    
18 4 'Structure model' 'Structure summary'       
# 
loop_
_pdbx_audit_revision_category.ordinal 
_pdbx_audit_revision_category.revision_ordinal 
_pdbx_audit_revision_category.data_content_type 
_pdbx_audit_revision_category.category 
1  2 'Structure model' chem_comp                      
2  2 'Structure model' pdbx_entity_src_syn            
3  2 'Structure model' pdbx_struct_mod_residue        
4  2 'Structure model' struct_ref                     
5  2 'Structure model' struct_ref_seq                 
6  2 'Structure model' struct_ref_seq_dif             
7  3 'Structure model' atom_site                      
8  3 'Structure model' atom_site_anisotrop            
9  3 'Structure model' chem_comp                      
10 3 'Structure model' diffrn                         
11 3 'Structure model' entity                         
12 3 'Structure model' entity_poly                    
13 3 'Structure model' entity_poly_seq                
14 3 'Structure model' pdbx_distant_solvent_atoms     
15 3 'Structure model' pdbx_entity_nonpoly            
16 3 'Structure model' pdbx_entity_src_syn            
17 3 'Structure model' pdbx_entry_details             
18 3 'Structure model' pdbx_nonpoly_scheme            
19 3 'Structure model' pdbx_poly_seq_scheme           
20 3 'Structure model' pdbx_struct_assembly_gen       
21 3 'Structure model' pdbx_struct_special_symmetry   
22 3 'Structure model' pdbx_validate_close_contact    
23 3 'Structure model' pdbx_validate_main_chain_plane 
24 3 'Structure model' pdbx_validate_rmsd_angle       
25 3 'Structure model' pdbx_validate_symm_contact     
26 3 'Structure model' pdbx_validate_torsion          
27 3 'Structure model' refine                         
28 3 'Structure model' refine_hist                    
29 3 'Structure model' refine_ls_restr                
30 3 'Structure model' refine_ls_shell                
31 3 'Structure model' struct_asym                    
32 3 'Structure model' struct_conn                    
33 3 'Structure model' struct_ref_seq                 
34 3 'Structure model' struct_ref_seq_dif             
35 3 'Structure model' struct_site                    
36 3 'Structure model' struct_site_gen                
37 4 'Structure model' chem_comp_atom                 
38 4 'Structure model' chem_comp_bond                 
39 4 'Structure model' database_2                     
40 4 'Structure model' pdbx_entry_details             
41 4 'Structure model' pdbx_modification_feature      
42 4 'Structure model' struct_conn                    
# 
loop_
_pdbx_audit_revision_item.ordinal 
_pdbx_audit_revision_item.revision_ordinal 
_pdbx_audit_revision_item.data_content_type 
_pdbx_audit_revision_item.item 
1   2 'Structure model' '_pdbx_entity_src_syn.ncbi_taxonomy_id'                       
2   2 'Structure model' '_pdbx_entity_src_syn.organism_common_name'                   
3   2 'Structure model' '_pdbx_entity_src_syn.organism_scientific'                    
4   2 'Structure model' '_struct_ref.db_code'                                         
5   2 'Structure model' '_struct_ref.db_name'                                         
6   2 'Structure model' '_struct_ref.pdbx_align_begin'                                
7   2 'Structure model' '_struct_ref.pdbx_db_accession'                               
8   2 'Structure model' '_struct_ref.pdbx_seq_one_letter_code'                        
9   2 'Structure model' '_struct_ref_seq.db_align_beg'                                
10  2 'Structure model' '_struct_ref_seq.db_align_end'                                
11  2 'Structure model' '_struct_ref_seq.pdbx_db_accession'                           
12  3 'Structure model' '_atom_site.B_iso_or_equiv'                                   
13  3 'Structure model' '_atom_site.Cartn_x'                                          
14  3 'Structure model' '_atom_site.Cartn_y'                                          
15  3 'Structure model' '_atom_site.Cartn_z'                                          
16  3 'Structure model' '_atom_site.auth_asym_id'                                     
17  3 'Structure model' '_atom_site.auth_atom_id'                                     
18  3 'Structure model' '_atom_site.auth_comp_id'                                     
19  3 'Structure model' '_atom_site.auth_seq_id'                                      
20  3 'Structure model' '_atom_site.group_PDB'                                        
21  3 'Structure model' '_atom_site.label_alt_id'                                     
22  3 'Structure model' '_atom_site.label_asym_id'                                    
23  3 'Structure model' '_atom_site.label_atom_id'                                    
24  3 'Structure model' '_atom_site.label_comp_id'                                    
25  3 'Structure model' '_atom_site.label_entity_id'                                  
26  3 'Structure model' '_atom_site.label_seq_id'                                     
27  3 'Structure model' '_atom_site.occupancy'                                        
28  3 'Structure model' '_atom_site.type_symbol'                                      
29  3 'Structure model' '_atom_site_anisotrop.U[1][1]'                                
30  3 'Structure model' '_atom_site_anisotrop.U[1][2]'                                
31  3 'Structure model' '_atom_site_anisotrop.U[1][3]'                                
32  3 'Structure model' '_atom_site_anisotrop.U[2][2]'                                
33  3 'Structure model' '_atom_site_anisotrop.U[2][3]'                                
34  3 'Structure model' '_atom_site_anisotrop.U[3][3]'                                
35  3 'Structure model' '_atom_site_anisotrop.pdbx_auth_asym_id'                      
36  3 'Structure model' '_atom_site_anisotrop.pdbx_auth_atom_id'                      
37  3 'Structure model' '_atom_site_anisotrop.pdbx_auth_comp_id'                      
38  3 'Structure model' '_atom_site_anisotrop.pdbx_auth_seq_id'                       
39  3 'Structure model' '_atom_site_anisotrop.pdbx_label_alt_id'                      
40  3 'Structure model' '_atom_site_anisotrop.pdbx_label_asym_id'                     
41  3 'Structure model' '_atom_site_anisotrop.pdbx_label_atom_id'                     
42  3 'Structure model' '_atom_site_anisotrop.pdbx_label_comp_id'                     
43  3 'Structure model' '_atom_site_anisotrop.pdbx_label_seq_id'                      
44  3 'Structure model' '_atom_site_anisotrop.type_symbol'                            
45  3 'Structure model' '_chem_comp.formula'                                          
46  3 'Structure model' '_chem_comp.formula_weight'                                   
47  3 'Structure model' '_chem_comp.id'                                               
48  3 'Structure model' '_chem_comp.name'                                             
49  3 'Structure model' '_diffrn.pdbx_serial_crystal_experiment'                      
50  3 'Structure model' '_entity_poly.pdbx_seq_one_letter_code'                       
51  3 'Structure model' '_entity_poly.pdbx_seq_one_letter_code_can'                   
52  3 'Structure model' '_pdbx_distant_solvent_atoms.neighbor_macromolecule_distance' 
53  3 'Structure model' '_pdbx_entity_src_syn.pdbx_end_seq_num'                       
54  3 'Structure model' '_pdbx_struct_assembly_gen.asym_id_list'                      
55  3 'Structure model' '_pdbx_validate_close_contact.auth_seq_id_2'                  
56  3 'Structure model' '_pdbx_validate_close_contact.dist'                           
57  3 'Structure model' '_pdbx_validate_main_chain_plane.improper_torsion_angle'      
58  3 'Structure model' '_pdbx_validate_rmsd_angle.angle_deviation'                   
59  3 'Structure model' '_pdbx_validate_rmsd_angle.angle_value'                       
60  3 'Structure model' '_pdbx_validate_symm_contact.auth_seq_id_1'                   
61  3 'Structure model' '_pdbx_validate_symm_contact.auth_seq_id_2'                   
62  3 'Structure model' '_pdbx_validate_symm_contact.dist'                            
63  3 'Structure model' '_pdbx_validate_torsion.phi'                                  
64  3 'Structure model' '_pdbx_validate_torsion.psi'                                  
65  3 'Structure model' '_refine.B_iso_max'                                           
66  3 'Structure model' '_refine.B_iso_mean'                                          
67  3 'Structure model' '_refine.B_iso_min'                                           
68  3 'Structure model' '_refine.aniso_B[1][1]'                                       
69  3 'Structure model' '_refine.aniso_B[1][2]'                                       
70  3 'Structure model' '_refine.aniso_B[2][2]'                                       
71  3 'Structure model' '_refine.aniso_B[3][3]'                                       
72  3 'Structure model' '_refine.ls_R_factor_R_free'                                  
73  3 'Structure model' '_refine.ls_R_factor_R_work'                                  
74  3 'Structure model' '_refine.ls_R_factor_obs'                                     
75  3 'Structure model' '_refine.ls_wR_factor_R_free'                                 
76  3 'Structure model' '_refine.ls_wR_factor_R_work'                                 
77  3 'Structure model' '_refine.overall_FOM_work_R_set'                              
78  3 'Structure model' '_refine.overall_SU_B'                                        
79  3 'Structure model' '_refine.overall_SU_R_Cruickshank_DPI'                        
80  3 'Structure model' '_refine_hist.pdbx_B_iso_mean_ligand'                         
81  3 'Structure model' '_refine_hist.pdbx_B_iso_mean_solvent'                        
82  3 'Structure model' '_refine_ls_restr.dev_ideal'                                  
83  3 'Structure model' '_refine_ls_restr.number'                                     
84  3 'Structure model' '_refine_ls_shell.R_factor_R_free'                            
85  3 'Structure model' '_refine_ls_shell.R_factor_R_work'                            
86  3 'Structure model' '_struct_conn.pdbx_dist_value'                                
87  3 'Structure model' '_struct_conn.pdbx_leaving_atom_flag'                         
88  3 'Structure model' '_struct_conn.ptnr2_auth_comp_id'                             
89  3 'Structure model' '_struct_conn.ptnr2_auth_seq_id'                              
90  3 'Structure model' '_struct_conn.ptnr2_label_asym_id'                            
91  3 'Structure model' '_struct_conn.ptnr2_label_comp_id'                            
92  3 'Structure model' '_struct_conn.ptnr2_label_seq_id'                             
93  3 'Structure model' '_struct_ref_seq.db_align_end'                                
94  3 'Structure model' '_struct_ref_seq.pdbx_auth_seq_align_end'                     
95  3 'Structure model' '_struct_ref_seq.seq_align_end'                               
96  4 'Structure model' '_database_2.pdbx_DOI'                                        
97  4 'Structure model' '_database_2.pdbx_database_accession'                         
98  4 'Structure model' '_pdbx_entry_details.has_protein_modification'                
99  4 'Structure model' '_struct_conn.pdbx_dist_value'                                
100 4 'Structure model' '_struct_conn.pdbx_leaving_atom_flag'                         
101 4 'Structure model' '_struct_conn.ptnr1_label_atom_id'                            
102 4 'Structure model' '_struct_conn.ptnr2_auth_comp_id'                             
103 4 'Structure model' '_struct_conn.ptnr2_auth_seq_id'                              
104 4 'Structure model' '_struct_conn.ptnr2_label_asym_id'                            
105 4 'Structure model' '_struct_conn.ptnr2_label_atom_id'                            
106 4 'Structure model' '_struct_conn.ptnr2_label_comp_id'                            
107 4 'Structure model' '_struct_conn.ptnr2_label_seq_id'                             
# 
_pdbx_database_status.status_code                     REL 
_pdbx_database_status.status_code_sf                  REL 
_pdbx_database_status.status_code_mr                  ? 
_pdbx_database_status.entry_id                        6CNU 
_pdbx_database_status.recvd_initial_deposition_date   2018-03-09 
_pdbx_database_status.SG_entry                        N 
_pdbx_database_status.deposit_site                    RCSB 
_pdbx_database_status.process_site                    RCSB 
_pdbx_database_status.status_code_cs                  ? 
_pdbx_database_status.status_code_nmr_data            ? 
_pdbx_database_status.methods_development_category    ? 
_pdbx_database_status.pdb_format_compatible           Y 
# 
loop_
_audit_author.name 
_audit_author.pdbx_ordinal 
_audit_author.identifier_ORCID 
'Min, X.'  1 0000-0003-2229-5455 
'Wang, Z.' 2 ?                   
# 
_citation.abstract                  ? 
_citation.abstract_id_CAS           ? 
_citation.book_id_ISBN              ? 
_citation.book_publisher            ? 
_citation.book_publisher_city       ? 
_citation.book_title                ? 
_citation.coordinate_linkage        ? 
_citation.country                   US 
_citation.database_id_Medline       ? 
_citation.details                   ? 
_citation.id                        primary 
_citation.journal_abbrev            'J. Med. Chem.' 
_citation.journal_id_ASTM           JMCMAR 
_citation.journal_id_CSD            0151 
_citation.journal_id_ISSN           1520-4804 
_citation.journal_full              ? 
_citation.journal_issue             ? 
_citation.journal_volume            61 
_citation.language                  ? 
_citation.page_first                9500 
_citation.page_last                 9512 
_citation.title                     
;Discovery of Tarantula Venom-Derived NaV1.7-Inhibitory JzTx-V Peptide 5-Br-Trp24 Analogue AM-6120 with Systemic Block of Histamine-Induced Pruritis.
;
_citation.year                      2018 
_citation.database_id_CSD           ? 
_citation.pdbx_database_id_DOI      10.1021/acs.jmedchem.8b00736 
_citation.pdbx_database_id_PubMed   30346167 
_citation.unpublished_flag          ? 
# 
loop_
_citation_author.citation_id 
_citation_author.name 
_citation_author.ordinal 
_citation_author.identifier_ORCID 
primary 'Wu, B.'          1  0000-0002-5247-7332 
primary 'Murray, J.K.'    2  ?                   
primary 'Andrews, K.L.'   3  ?                   
primary 'Sham, K.'        4  ?                   
primary 'Long, J.'        5  ?                   
primary 'Aral, J.'        6  ?                   
primary 'Ligutti, J.'     7  ?                   
primary 'Amagasu, S.'     8  ?                   
primary 'Liu, D.'         9  ?                   
primary 'Zou, A.'         10 ?                   
primary 'Min, X.'         11 ?                   
primary 'Wang, Z.'        12 ?                   
primary 'Ilch, C.P.'      13 ?                   
primary 'Kornecook, T.J.' 14 ?                   
primary 'Lin, M.J.'       15 ?                   
primary 'Be, X.'          16 ?                   
primary 'Miranda, L.P.'   17 ?                   
primary 'Moyer, B.D.'     18 ?                   
primary 'Biswas, K.'      19 0000-0001-9971-1424 
# 
loop_
_entity.id 
_entity.type 
_entity.src_method 
_entity.pdbx_description 
_entity.formula_weight 
_entity.pdbx_number_of_molecules 
_entity.pdbx_ec 
_entity.pdbx_mutation 
_entity.pdbx_fragment 
_entity.details 
1 polymer     syn 'JzTx-V(D)'   3633.325 1  ? ? ? ? 
2 polymer     syn JzTx-V        3683.241 1  ? ? ? ? 
3 non-polymer syn 'BROMIDE ION' 79.904   2  ? ? ? ? 
4 non-polymer syn 'SULFATE ION' 96.063   2  ? ? ? ? 
5 non-polymer syn GLYCEROL      92.094   2  ? ? ? ? 
6 water       nat water         18.015   55 ? ? ? ? 
# 
loop_
_entity_poly.entity_id 
_entity_poly.type 
_entity_poly.nstd_linkage 
_entity_poly.nstd_monomer 
_entity_poly.pdbx_seq_one_letter_code 
_entity_poly.pdbx_seq_one_letter_code_can 
_entity_poly.pdbx_strand_id 
_entity_poly.pdbx_target_identifier 
1 'polypeptide(D)' no yes 
;(DGL)(F9D)(DCY)(DGN)(DLY)(DTR)(MED)(DTR)(DTH)(DCY)(DAS)(DSN)(DAL)(DAR)(DAL)(DCY)
(DCY)(DGL)G(DLE)(DAR)(DCY)(DLY)(DLE)(DTR)(DCY)(DAR)(DLY)(DGL)(DIL)(NH2)
;
EXCQKWMWTCDSARACCEGLRCKLWCRKEIX A ? 
2 'polypeptide(L)' no yes 'E(LPH)CQKW(MSE)WTCDSARACCEGLRCKLWCRKEI(NH2)' EXCQKWMWTCDSARACCEGLRCKLWCRKEIX B ? 
# 
loop_
_pdbx_entity_nonpoly.entity_id 
_pdbx_entity_nonpoly.name 
_pdbx_entity_nonpoly.comp_id 
3 'BROMIDE ION' BR  
4 'SULFATE ION' SO4 
5 GLYCEROL      GOL 
6 water         HOH 
# 
loop_
_entity_poly_seq.entity_id 
_entity_poly_seq.num 
_entity_poly_seq.mon_id 
_entity_poly_seq.hetero 
1 1  DGL n 
1 2  F9D n 
1 3  DCY n 
1 4  DGN n 
1 5  DLY n 
1 6  DTR n 
1 7  MED n 
1 8  DTR n 
1 9  DTH n 
1 10 DCY n 
1 11 DAS n 
1 12 DSN n 
1 13 DAL n 
1 14 DAR n 
1 15 DAL n 
1 16 DCY n 
1 17 DCY n 
1 18 DGL n 
1 19 GLY n 
1 20 DLE n 
1 21 DAR n 
1 22 DCY n 
1 23 DLY n 
1 24 DLE n 
1 25 DTR n 
1 26 DCY n 
1 27 DAR n 
1 28 DLY n 
1 29 DGL n 
1 30 DIL n 
1 31 NH2 n 
2 1  GLU n 
2 2  LPH n 
2 3  CYS n 
2 4  GLN n 
2 5  LYS n 
2 6  TRP n 
2 7  MSE n 
2 8  TRP n 
2 9  THR n 
2 10 CYS n 
2 11 ASP n 
2 12 SER n 
2 13 ALA n 
2 14 ARG n 
2 15 ALA n 
2 16 CYS n 
2 17 CYS n 
2 18 GLU n 
2 19 GLY n 
2 20 LEU n 
2 21 ARG n 
2 22 CYS n 
2 23 LYS n 
2 24 LEU n 
2 25 TRP n 
2 26 CYS n 
2 27 ARG n 
2 28 LYS n 
2 29 GLU n 
2 30 ILE n 
2 31 NH2 n 
# 
loop_
_pdbx_entity_src_syn.entity_id 
_pdbx_entity_src_syn.pdbx_src_id 
_pdbx_entity_src_syn.pdbx_alt_source_flag 
_pdbx_entity_src_syn.pdbx_beg_seq_num 
_pdbx_entity_src_syn.pdbx_end_seq_num 
_pdbx_entity_src_syn.organism_scientific 
_pdbx_entity_src_syn.organism_common_name 
_pdbx_entity_src_syn.ncbi_taxonomy_id 
_pdbx_entity_src_syn.details 
1 1 sample 1 31 'Chilobrachys guangxiensis' 'Chinese earth tiger tarantula' 278060 ? 
2 1 sample 1 31 'Chilobrachys guangxiensis' 'Chinese earth tiger tarantula' 278060 ? 
# 
loop_
_chem_comp.id 
_chem_comp.type 
_chem_comp.mon_nstd_flag 
_chem_comp.name 
_chem_comp.pdbx_synonyms 
_chem_comp.formula 
_chem_comp.formula_weight 
ALA 'L-peptide linking' y ALANINE                         ?                               'C3 H7 N O2'     89.093  
ARG 'L-peptide linking' y ARGININE                        ?                               'C6 H15 N4 O2 1' 175.209 
ASP 'L-peptide linking' y 'ASPARTIC ACID'                 ?                               'C4 H7 N O4'     133.103 
BR  non-polymer         . 'BROMIDE ION'                   ?                               'Br -1'          79.904  
CYS 'L-peptide linking' y CYSTEINE                        ?                               'C3 H7 N O2 S'   121.158 
DAL 'D-peptide linking' . D-ALANINE                       ?                               'C3 H7 N O2'     89.093  
DAR 'D-peptide linking' . D-ARGININE                      ?                               'C6 H15 N4 O2 1' 175.209 
DAS 'D-peptide linking' . 'D-ASPARTIC ACID'               ?                               'C4 H7 N O4'     133.103 
DCY 'D-peptide linking' . D-CYSTEINE                      ?                               'C3 H7 N O2 S'   121.158 
DGL 'D-peptide linking' . 'D-GLUTAMIC ACID'               ?                               'C5 H9 N O4'     147.129 
DGN 'D-peptide linking' . D-GLUTAMINE                     ?                               'C5 H10 N2 O3'   146.144 
DIL 'D-peptide linking' . D-ISOLEUCINE                    ?                               'C6 H13 N O2'    131.173 
DLE 'D-peptide linking' . D-LEUCINE                       ?                               'C6 H13 N O2'    131.173 
DLY 'D-peptide linking' . D-LYSINE                        ?                               'C6 H14 N2 O2'   146.188 
DSN 'D-peptide linking' . D-SERINE                        ?                               'C3 H7 N O3'     105.093 
DTH 'D-peptide linking' . D-THREONINE                     ?                               'C4 H9 N O3'     119.119 
DTR 'D-peptide linking' . D-TRYPTOPHAN                    ?                               'C11 H12 N2 O2'  204.225 
F9D 'D-peptide linking' . '(2R)-2-aminopent-4-ynoic acid' ?                               'C5 H7 N O2'     113.115 
GLN 'L-peptide linking' y GLUTAMINE                       ?                               'C5 H10 N2 O3'   146.144 
GLU 'L-peptide linking' y 'GLUTAMIC ACID'                 ?                               'C5 H9 N O4'     147.129 
GLY 'peptide linking'   y GLYCINE                         ?                               'C2 H5 N O2'     75.067  
GOL non-polymer         . GLYCEROL                        'GLYCERIN; PROPANE-1,2,3-TRIOL' 'C3 H8 O3'       92.094  
HOH non-polymer         . WATER                           ?                               'H2 O'           18.015  
ILE 'L-peptide linking' y ISOLEUCINE                      ?                               'C6 H13 N O2'    131.173 
LEU 'L-peptide linking' y LEUCINE                         ?                               'C6 H13 N O2'    131.173 
LPH 'L-peptide linking' . L-Propargylglycine              '(2S)-2-aminopent-4-ynoic acid' 'C5 H7 N O2'     113.115 
LYS 'L-peptide linking' y LYSINE                          ?                               'C6 H15 N2 O2 1' 147.195 
MED 'D-peptide linking' . D-METHIONINE                    ?                               'C5 H11 N O2 S'  149.211 
MSE 'L-peptide linking' n SELENOMETHIONINE                ?                               'C5 H11 N O2 Se' 196.106 
NH2 non-polymer         . 'AMINO GROUP'                   ?                               'H2 N'           16.023  
SER 'L-peptide linking' y SERINE                          ?                               'C3 H7 N O3'     105.093 
SO4 non-polymer         . 'SULFATE ION'                   ?                               'O4 S -2'        96.063  
THR 'L-peptide linking' y THREONINE                       ?                               'C4 H9 N O3'     119.119 
TRP 'L-peptide linking' y TRYPTOPHAN                      ?                               'C11 H12 N2 O2'  204.225 
TYR 'L-peptide linking' y TYROSINE                        ?                               'C9 H11 N O3'    181.189 
# 
loop_
_pdbx_poly_seq_scheme.asym_id 
_pdbx_poly_seq_scheme.entity_id 
_pdbx_poly_seq_scheme.seq_id 
_pdbx_poly_seq_scheme.mon_id 
_pdbx_poly_seq_scheme.ndb_seq_num 
_pdbx_poly_seq_scheme.pdb_seq_num 
_pdbx_poly_seq_scheme.auth_seq_num 
_pdbx_poly_seq_scheme.pdb_mon_id 
_pdbx_poly_seq_scheme.auth_mon_id 
_pdbx_poly_seq_scheme.pdb_strand_id 
_pdbx_poly_seq_scheme.pdb_ins_code 
_pdbx_poly_seq_scheme.hetero 
A 1 1  DGL 1  1  1  DGL DGL A . n 
A 1 2  F9D 2  2  2  F9D UNL A . n 
A 1 3  DCY 3  3  3  DCY DCY A . n 
A 1 4  DGN 4  4  4  DGN DGN A . n 
A 1 5  DLY 5  5  5  DLY DLY A . n 
A 1 6  DTR 6  6  6  DTR DTR A . n 
A 1 7  MED 7  7  7  MED MED A . n 
A 1 8  DTR 8  8  8  DTR DTR A . n 
A 1 9  DTH 9  9  9  DTH DTH A . n 
A 1 10 DCY 10 10 10 DCY DCY A . n 
A 1 11 DAS 11 11 11 DAS DAS A . n 
A 1 12 DSN 12 12 12 DSN DSN A . n 
A 1 13 DAL 13 13 13 DAL DAL A . n 
A 1 14 DAR 14 14 14 DAR DAR A . n 
A 1 15 DAL 15 15 15 DAL DAL A . n 
A 1 16 DCY 16 16 16 DCY DCY A . n 
A 1 17 DCY 17 17 17 DCY DCY A . n 
A 1 18 DGL 18 18 18 DGL DGL A . n 
A 1 19 GLY 19 19 19 GLY GLY A . n 
A 1 20 DLE 20 20 20 DLE DLE A . n 
A 1 21 DAR 21 21 21 DAR DAR A . n 
A 1 22 DCY 22 22 22 DCY DCY A . n 
A 1 23 DLY 23 23 23 DLY DLY A . n 
A 1 24 DLE 24 24 24 DLE DLE A . n 
A 1 25 DTR 25 25 25 DTR DTR A . n 
A 1 26 DCY 26 26 26 DCY DCY A . n 
A 1 27 DAR 27 27 27 DAR DAR A . n 
A 1 28 DLY 28 28 28 DLY DLY A . n 
A 1 29 DGL 29 29 29 DGL DGL A . n 
A 1 30 DIL 30 30 30 DIL DIL A . n 
A 1 31 NH2 31 31 1  NH2 NH2 A . n 
B 2 1  GLU 1  1  1  GLU GLU B . n 
B 2 2  LPH 2  2  2  LPH LPH B . n 
B 2 3  CYS 3  3  3  CYS CYS B . n 
B 2 4  GLN 4  4  4  GLN GLN B . n 
B 2 5  LYS 5  5  5  LYS LYS B . n 
B 2 6  TRP 6  6  6  TRP TRP B . n 
B 2 7  MSE 7  7  7  MSE MSE B . n 
B 2 8  TRP 8  8  8  TRP TRP B . n 
B 2 9  THR 9  9  9  THR THR B . n 
B 2 10 CYS 10 10 10 CYS CYS B . n 
B 2 11 ASP 11 11 11 ASP ASP B . n 
B 2 12 SER 12 12 12 SER SER B . n 
B 2 13 ALA 13 13 13 ALA ALA B . n 
B 2 14 ARG 14 14 14 ARG ARG B . n 
B 2 15 ALA 15 15 15 ALA ALA B . n 
B 2 16 CYS 16 16 16 CYS CYS B . n 
B 2 17 CYS 17 17 17 CYS CYS B . n 
B 2 18 GLU 18 18 18 GLU GLU B . n 
B 2 19 GLY 19 19 19 GLY GLY B . n 
B 2 20 LEU 20 20 20 LEU LEU B . n 
B 2 21 ARG 21 21 21 ARG ARG B . n 
B 2 22 CYS 22 22 22 CYS CYS B . n 
B 2 23 LYS 23 23 23 LYS LYS B . n 
B 2 24 LEU 24 24 24 LEU LEU B . n 
B 2 25 TRP 25 25 25 TRP TRP B . n 
B 2 26 CYS 26 26 26 CYS CYS B . n 
B 2 27 ARG 27 27 27 ARG ARG B . n 
B 2 28 LYS 28 28 28 LYS LYS B . n 
B 2 29 GLU 29 29 29 GLU GLU B . n 
B 2 30 ILE 30 30 30 ILE ILE B . n 
B 2 31 NH2 31 31 2  NH2 NH2 B . n 
# 
loop_
_pdbx_nonpoly_scheme.asym_id 
_pdbx_nonpoly_scheme.entity_id 
_pdbx_nonpoly_scheme.mon_id 
_pdbx_nonpoly_scheme.ndb_seq_num 
_pdbx_nonpoly_scheme.pdb_seq_num 
_pdbx_nonpoly_scheme.auth_seq_num 
_pdbx_nonpoly_scheme.pdb_mon_id 
_pdbx_nonpoly_scheme.auth_mon_id 
_pdbx_nonpoly_scheme.pdb_strand_id 
_pdbx_nonpoly_scheme.pdb_ins_code 
C 3 BR  1  101 1  BR  BR  A . 
D 4 SO4 1  102 2  SO4 SO4 A . 
E 5 GOL 1  103 2  GOL GOL A . 
F 3 BR  1  101 2  BR  BR  B . 
G 4 SO4 1  102 3  SO4 SO4 B . 
H 5 GOL 1  103 1  GOL GOL B . 
I 6 HOH 1  201 59 HOH HOH A . 
I 6 HOH 2  202 24 HOH HOH A . 
I 6 HOH 3  203 2  HOH HOH A . 
I 6 HOH 4  204 23 HOH HOH A . 
I 6 HOH 5  205 21 HOH HOH A . 
I 6 HOH 6  206 3  HOH HOH A . 
I 6 HOH 7  207 56 HOH HOH A . 
I 6 HOH 8  208 8  HOH HOH A . 
I 6 HOH 9  209 5  HOH HOH A . 
I 6 HOH 10 210 11 HOH HOH A . 
I 6 HOH 11 211 20 HOH HOH A . 
I 6 HOH 12 212 10 HOH HOH A . 
I 6 HOH 13 213 28 HOH HOH A . 
I 6 HOH 14 214 33 HOH HOH A . 
I 6 HOH 15 215 44 HOH HOH A . 
I 6 HOH 16 216 60 HOH HOH A . 
I 6 HOH 17 217 30 HOH HOH A . 
I 6 HOH 18 218 18 HOH HOH A . 
I 6 HOH 19 219 35 HOH HOH A . 
I 6 HOH 20 220 34 HOH HOH A . 
I 6 HOH 21 221 54 HOH HOH A . 
I 6 HOH 22 222 36 HOH HOH A . 
I 6 HOH 23 223 57 HOH HOH A . 
J 6 HOH 1  201 53 HOH HOH B . 
J 6 HOH 2  202 29 HOH HOH B . 
J 6 HOH 3  203 1  HOH HOH B . 
J 6 HOH 4  204 16 HOH HOH B . 
J 6 HOH 5  205 37 HOH HOH B . 
J 6 HOH 6  206 7  HOH HOH B . 
J 6 HOH 7  207 6  HOH HOH B . 
J 6 HOH 8  208 19 HOH HOH B . 
J 6 HOH 9  209 58 HOH HOH B . 
J 6 HOH 10 210 15 HOH HOH B . 
J 6 HOH 11 211 31 HOH HOH B . 
J 6 HOH 12 212 12 HOH HOH B . 
J 6 HOH 13 213 9  HOH HOH B . 
J 6 HOH 14 214 13 HOH HOH B . 
J 6 HOH 15 215 32 HOH HOH B . 
J 6 HOH 16 216 25 HOH HOH B . 
J 6 HOH 17 217 17 HOH HOH B . 
J 6 HOH 18 218 4  HOH HOH B . 
J 6 HOH 19 219 61 HOH HOH B . 
J 6 HOH 20 220 43 HOH HOH B . 
J 6 HOH 21 221 45 HOH HOH B . 
J 6 HOH 22 222 39 HOH HOH B . 
J 6 HOH 23 223 14 HOH HOH B . 
J 6 HOH 24 224 49 HOH HOH B . 
J 6 HOH 25 225 50 HOH HOH B . 
J 6 HOH 26 226 52 HOH HOH B . 
J 6 HOH 27 227 27 HOH HOH B . 
J 6 HOH 28 228 40 HOH HOH B . 
J 6 HOH 29 229 22 HOH HOH B . 
J 6 HOH 30 230 51 HOH HOH B . 
J 6 HOH 31 231 26 HOH HOH B . 
J 6 HOH 32 232 48 HOH HOH B . 
# 
loop_
_software.citation_id 
_software.classification 
_software.compiler_name 
_software.compiler_version 
_software.contact_author 
_software.contact_author_email 
_software.date 
_software.description 
_software.dependencies 
_software.hardware 
_software.language 
_software.location 
_software.mods 
_software.name 
_software.os 
_software.os_version 
_software.type 
_software.version 
_software.pdbx_ordinal 
? refinement        ? ? ? ? ? ? ? ? ? ? ? REFMAC      ? ? ? 5.8.0189 1 
? 'data reduction'  ? ? ? ? ? ? ? ? ? ? ? XDS         ? ? ? .        2 
? 'data scaling'    ? ? ? ? ? ? ? ? ? ? ? Aimless     ? ? ? 0.3.6    3 
? 'data extraction' ? ? ? ? ? ? ? ? ? ? ? PDB_EXTRACT ? ? ? 3.24     4 
? phasing           ? ? ? ? ? ? ? ? ? ? ? ACORN       ? ? ? .        5 
# 
_cell.angle_alpha                  90.000 
_cell.angle_alpha_esd              ? 
_cell.angle_beta                   90.000 
_cell.angle_beta_esd               ? 
_cell.angle_gamma                  120.000 
_cell.angle_gamma_esd              ? 
_cell.entry_id                     6CNU 
_cell.details                      ? 
_cell.formula_units_Z              ? 
_cell.length_a                     37.160 
_cell.length_a_esd                 ? 
_cell.length_b                     37.160 
_cell.length_b_esd                 ? 
_cell.length_c                     64.605 
_cell.length_c_esd                 ? 
_cell.volume                       ? 
_cell.volume_esd                   ? 
_cell.Z_PDB                        6 
_cell.reciprocal_angle_alpha       ? 
_cell.reciprocal_angle_beta        ? 
_cell.reciprocal_angle_gamma       ? 
_cell.reciprocal_angle_alpha_esd   ? 
_cell.reciprocal_angle_beta_esd    ? 
_cell.reciprocal_angle_gamma_esd   ? 
_cell.reciprocal_length_a          ? 
_cell.reciprocal_length_b          ? 
_cell.reciprocal_length_c          ? 
_cell.reciprocal_length_a_esd      ? 
_cell.reciprocal_length_b_esd      ? 
_cell.reciprocal_length_c_esd      ? 
_cell.pdbx_unique_axis             ? 
# 
_symmetry.entry_id                         6CNU 
_symmetry.cell_setting                     ? 
_symmetry.Int_Tables_number                149 
_symmetry.space_group_name_Hall            ? 
_symmetry.space_group_name_H-M             'P 3 1 2' 
_symmetry.pdbx_full_space_group_name_H-M   ? 
# 
_exptl.absorpt_coefficient_mu     ? 
_exptl.absorpt_correction_T_max   ? 
_exptl.absorpt_correction_T_min   ? 
_exptl.absorpt_correction_type    ? 
_exptl.absorpt_process_details    ? 
_exptl.entry_id                   6CNU 
_exptl.crystals_number            1 
_exptl.details                    ? 
_exptl.method                     'X-RAY DIFFRACTION' 
_exptl.method_details             ? 
# 
_exptl_crystal.colour                      ? 
_exptl_crystal.density_diffrn              ? 
_exptl_crystal.density_Matthews            1.82 
_exptl_crystal.density_method              ? 
_exptl_crystal.density_percent_sol         32.23 
_exptl_crystal.description                 ? 
_exptl_crystal.F_000                       ? 
_exptl_crystal.id                          1 
_exptl_crystal.preparation                 ? 
_exptl_crystal.size_max                    ? 
_exptl_crystal.size_mid                    ? 
_exptl_crystal.size_min                    ? 
_exptl_crystal.size_rad                    ? 
_exptl_crystal.colour_lustre               ? 
_exptl_crystal.colour_modifier             ? 
_exptl_crystal.colour_primary              ? 
_exptl_crystal.density_meas                ? 
_exptl_crystal.density_meas_esd            ? 
_exptl_crystal.density_meas_gt             ? 
_exptl_crystal.density_meas_lt             ? 
_exptl_crystal.density_meas_temp           ? 
_exptl_crystal.density_meas_temp_esd       ? 
_exptl_crystal.density_meas_temp_gt        ? 
_exptl_crystal.density_meas_temp_lt        ? 
_exptl_crystal.pdbx_crystal_image_url      ? 
_exptl_crystal.pdbx_crystal_image_format   ? 
_exptl_crystal.pdbx_mosaicity              ? 
_exptl_crystal.pdbx_mosaicity_esd          ? 
# 
_exptl_crystal_grow.apparatus       ? 
_exptl_crystal_grow.atmosphere      ? 
_exptl_crystal_grow.crystal_id      1 
_exptl_crystal_grow.details         ? 
_exptl_crystal_grow.method          'VAPOR DIFFUSION, SITTING DROP' 
_exptl_crystal_grow.method_ref      ? 
_exptl_crystal_grow.pH              ? 
_exptl_crystal_grow.pressure        ? 
_exptl_crystal_grow.pressure_esd    ? 
_exptl_crystal_grow.seeding         ? 
_exptl_crystal_grow.seeding_ref     ? 
_exptl_crystal_grow.temp            293 
_exptl_crystal_grow.temp_details    ? 
_exptl_crystal_grow.temp_esd        ? 
_exptl_crystal_grow.time            ? 
_exptl_crystal_grow.pdbx_details    '0.1 M sodium acetate, 1.5-2.0 M Ammonium Acetate' 
_exptl_crystal_grow.pdbx_pH_range   3.6-5.6 
# 
_diffrn.ambient_environment              ? 
_diffrn.ambient_temp                     100 
_diffrn.ambient_temp_details             LN2 
_diffrn.ambient_temp_esd                 ? 
_diffrn.crystal_id                       1 
_diffrn.crystal_support                  ? 
_diffrn.crystal_treatment                ? 
_diffrn.details                          ? 
_diffrn.id                               1 
_diffrn.ambient_pressure                 ? 
_diffrn.ambient_pressure_esd             ? 
_diffrn.ambient_pressure_gt              ? 
_diffrn.ambient_pressure_lt              ? 
_diffrn.ambient_temp_gt                  ? 
_diffrn.ambient_temp_lt                  ? 
_diffrn.pdbx_serial_crystal_experiment   N 
# 
_diffrn_detector.details                      ? 
_diffrn_detector.detector                     CCD 
_diffrn_detector.diffrn_id                    1 
_diffrn_detector.type                         'RAYONIX MX300-HS' 
_diffrn_detector.area_resol_mean              ? 
_diffrn_detector.dtime                        ? 
_diffrn_detector.pdbx_frames_total            ? 
_diffrn_detector.pdbx_collection_time_total   ? 
_diffrn_detector.pdbx_collection_date         2015-06-07 
_diffrn_detector.pdbx_frequency               ? 
# 
_diffrn_radiation.collimation                      ? 
_diffrn_radiation.diffrn_id                        1 
_diffrn_radiation.filter_edge                      ? 
_diffrn_radiation.inhomogeneity                    ? 
_diffrn_radiation.monochromator                    ? 
_diffrn_radiation.polarisn_norm                    ? 
_diffrn_radiation.polarisn_ratio                   ? 
_diffrn_radiation.probe                            ? 
_diffrn_radiation.type                             ? 
_diffrn_radiation.xray_symbol                      ? 
_diffrn_radiation.wavelength_id                    1 
_diffrn_radiation.pdbx_monochromatic_or_laue_m_l   M 
_diffrn_radiation.pdbx_wavelength_list             ? 
_diffrn_radiation.pdbx_wavelength                  ? 
_diffrn_radiation.pdbx_diffrn_protocol             'SINGLE WAVELENGTH' 
_diffrn_radiation.pdbx_analyzer                    ? 
_diffrn_radiation.pdbx_scattering_type             x-ray 
# 
_diffrn_radiation_wavelength.id           1 
_diffrn_radiation_wavelength.wavelength   0.9976 
_diffrn_radiation_wavelength.wt           1.0 
# 
_diffrn_source.current                     ? 
_diffrn_source.details                     ? 
_diffrn_source.diffrn_id                   1 
_diffrn_source.power                       ? 
_diffrn_source.size                        ? 
_diffrn_source.source                      SYNCHROTRON 
_diffrn_source.target                      ? 
_diffrn_source.type                        'APS BEAMLINE 22-ID' 
_diffrn_source.voltage                     ? 
_diffrn_source.take-off_angle              ? 
_diffrn_source.pdbx_wavelength_list        0.9976 
_diffrn_source.pdbx_wavelength             ? 
_diffrn_source.pdbx_synchrotron_beamline   22-ID 
_diffrn_source.pdbx_synchrotron_site       APS 
# 
_reflns.B_iso_Wilson_estimate            ? 
_reflns.entry_id                         6CNU 
_reflns.data_reduction_details           ? 
_reflns.data_reduction_method            ? 
_reflns.d_resolution_high                1.050 
_reflns.d_resolution_low                 32.310 
_reflns.details                          ? 
_reflns.limit_h_max                      ? 
_reflns.limit_h_min                      ? 
_reflns.limit_k_max                      ? 
_reflns.limit_k_min                      ? 
_reflns.limit_l_max                      ? 
_reflns.limit_l_min                      ? 
_reflns.number_all                       ? 
_reflns.number_obs                       24183 
_reflns.observed_criterion               ? 
_reflns.observed_criterion_F_max         ? 
_reflns.observed_criterion_F_min         ? 
_reflns.observed_criterion_I_max         ? 
_reflns.observed_criterion_I_min         ? 
_reflns.observed_criterion_sigma_F       ? 
_reflns.observed_criterion_sigma_I       ? 
_reflns.percent_possible_obs             100.000 
_reflns.R_free_details                   ? 
_reflns.Rmerge_F_all                     ? 
_reflns.Rmerge_F_obs                     ? 
_reflns.Friedel_coverage                 ? 
_reflns.number_gt                        ? 
_reflns.threshold_expression             ? 
_reflns.pdbx_redundancy                  7.600 
_reflns.pdbx_Rmerge_I_obs                0.060 
_reflns.pdbx_Rmerge_I_all                ? 
_reflns.pdbx_Rsym_value                  ? 
_reflns.pdbx_netI_over_av_sigmaI         ? 
_reflns.pdbx_netI_over_sigmaI            15.400 
_reflns.pdbx_res_netI_over_av_sigmaI_2   ? 
_reflns.pdbx_res_netI_over_sigmaI_2      ? 
_reflns.pdbx_chi_squared                 ? 
_reflns.pdbx_scaling_rejects             ? 
_reflns.pdbx_d_res_high_opt              ? 
_reflns.pdbx_d_res_low_opt               ? 
_reflns.pdbx_d_res_opt_method            ? 
_reflns.phase_calculation_details        ? 
_reflns.pdbx_Rrim_I_all                  0.064 
_reflns.pdbx_Rpim_I_all                  0.024 
_reflns.pdbx_d_opt                       ? 
_reflns.pdbx_number_measured_all         184278 
_reflns.pdbx_diffrn_id                   1 
_reflns.pdbx_ordinal                     1 
_reflns.pdbx_CC_half                     0.999 
_reflns.pdbx_CC_star                     ? 
_reflns.pdbx_R_split                     ? 
# 
loop_
_reflns_shell.d_res_high 
_reflns_shell.d_res_low 
_reflns_shell.meanI_over_sigI_all 
_reflns_shell.meanI_over_sigI_obs 
_reflns_shell.number_measured_all 
_reflns_shell.number_measured_obs 
_reflns_shell.number_possible 
_reflns_shell.number_unique_all 
_reflns_shell.number_unique_obs 
_reflns_shell.percent_possible_all 
_reflns_shell.percent_possible_obs 
_reflns_shell.Rmerge_F_all 
_reflns_shell.Rmerge_F_obs 
_reflns_shell.Rmerge_I_all 
_reflns_shell.Rmerge_I_obs 
_reflns_shell.meanI_over_sigI_gt 
_reflns_shell.meanI_over_uI_all 
_reflns_shell.meanI_over_uI_gt 
_reflns_shell.number_measured_gt 
_reflns_shell.number_unique_gt 
_reflns_shell.percent_possible_gt 
_reflns_shell.Rmerge_F_gt 
_reflns_shell.Rmerge_I_gt 
_reflns_shell.pdbx_redundancy 
_reflns_shell.pdbx_Rsym_value 
_reflns_shell.pdbx_chi_squared 
_reflns_shell.pdbx_netI_over_sigmaI_all 
_reflns_shell.pdbx_netI_over_sigmaI_obs 
_reflns_shell.pdbx_Rrim_I_all 
_reflns_shell.pdbx_Rpim_I_all 
_reflns_shell.pdbx_rejects 
_reflns_shell.pdbx_ordinal 
_reflns_shell.pdbx_diffrn_id 
_reflns_shell.pdbx_CC_half 
_reflns_shell.pdbx_CC_star 
_reflns_shell.pdbx_R_split 
1.050 1.070  ? ? 8556 ? ? ? 1182 100.000 ? ? ? ? 1.671 ? ? ? ? ? ? ? ? 7.200 ? ? ? 1.200  1.800 0.661 ? 1 1 0.617 ? ? 
5.750 32.310 ? ? 1048 ? ? ? 173  97.800  ? ? ? ? 0.042 ? ? ? ? ? ? ? ? 6.100 ? ? ? 46.200 0.047 0.020 ? 2 1 0.998 ? ? 
# 
_refine.aniso_B[1][1]                            -0.1000 
_refine.aniso_B[1][2]                            -0.0500 
_refine.aniso_B[1][3]                            0.0000 
_refine.aniso_B[2][2]                            -0.1000 
_refine.aniso_B[2][3]                            -0.0000 
_refine.aniso_B[3][3]                            0.3400 
_refine.B_iso_max                                185.390 
_refine.B_iso_mean                               14.6950 
_refine.B_iso_min                                7.460 
_refine.correlation_coeff_Fo_to_Fc               0.9690 
_refine.correlation_coeff_Fo_to_Fc_free          0.9660 
_refine.details                                  
'HYDROGENS HAVE BEEN ADDED IN THE RIDING POSITIONS U VALUES      : REFINED INDIVIDUALLY' 
_refine.diff_density_max                         ? 
_refine.diff_density_max_esd                     ? 
_refine.diff_density_min                         ? 
_refine.diff_density_min_esd                     ? 
_refine.diff_density_rms                         ? 
_refine.diff_density_rms_esd                     ? 
_refine.entry_id                                 6CNU 
_refine.pdbx_refine_id                           'X-RAY DIFFRACTION' 
_refine.ls_abs_structure_details                 ? 
_refine.ls_abs_structure_Flack                   ? 
_refine.ls_abs_structure_Flack_esd               ? 
_refine.ls_abs_structure_Rogers                  ? 
_refine.ls_abs_structure_Rogers_esd              ? 
_refine.ls_d_res_high                            1.0500 
_refine.ls_d_res_low                             20.0000 
_refine.ls_extinction_coef                       ? 
_refine.ls_extinction_coef_esd                   ? 
_refine.ls_extinction_expression                 ? 
_refine.ls_extinction_method                     ? 
_refine.ls_goodness_of_fit_all                   ? 
_refine.ls_goodness_of_fit_all_esd               ? 
_refine.ls_goodness_of_fit_obs                   ? 
_refine.ls_goodness_of_fit_obs_esd               ? 
_refine.ls_hydrogen_treatment                    ? 
_refine.ls_matrix_type                           ? 
_refine.ls_number_constraints                    ? 
_refine.ls_number_parameters                     ? 
_refine.ls_number_reflns_all                     ? 
_refine.ls_number_reflns_obs                     22986 
_refine.ls_number_reflns_R_free                  1191 
_refine.ls_number_reflns_R_work                  ? 
_refine.ls_number_restraints                     ? 
_refine.ls_percent_reflns_obs                    99.9200 
_refine.ls_percent_reflns_R_free                 4.9000 
_refine.ls_R_factor_all                          ? 
_refine.ls_R_factor_obs                          0.1908 
_refine.ls_R_factor_R_free                       0.2092 
_refine.ls_R_factor_R_free_error                 ? 
_refine.ls_R_factor_R_free_error_details         ? 
_refine.ls_R_factor_R_work                       0.1899 
_refine.ls_R_Fsqd_factor_obs                     ? 
_refine.ls_R_I_factor_obs                        ? 
_refine.ls_redundancy_reflns_all                 ? 
_refine.ls_redundancy_reflns_obs                 ? 
_refine.ls_restrained_S_all                      ? 
_refine.ls_restrained_S_obs                      ? 
_refine.ls_shift_over_esd_max                    ? 
_refine.ls_shift_over_esd_mean                   ? 
_refine.ls_structure_factor_coef                 ? 
_refine.ls_weighting_details                     ? 
_refine.ls_weighting_scheme                      ? 
_refine.ls_wR_factor_all                         ? 
_refine.ls_wR_factor_obs                         ? 
_refine.ls_wR_factor_R_free                      0.2092 
_refine.ls_wR_factor_R_work                      0.1899 
_refine.occupancy_max                            ? 
_refine.occupancy_min                            ? 
_refine.solvent_model_details                    MASK 
_refine.solvent_model_param_bsol                 ? 
_refine.solvent_model_param_ksol                 ? 
_refine.pdbx_R_complete                          ? 
_refine.ls_R_factor_gt                           ? 
_refine.ls_goodness_of_fit_gt                    ? 
_refine.ls_goodness_of_fit_ref                   ? 
_refine.ls_shift_over_su_max                     ? 
_refine.ls_shift_over_su_max_lt                  ? 
_refine.ls_shift_over_su_mean                    ? 
_refine.ls_shift_over_su_mean_lt                 ? 
_refine.pdbx_ls_sigma_I                          ? 
_refine.pdbx_ls_sigma_F                          0.000 
_refine.pdbx_ls_sigma_Fsqd                       ? 
_refine.pdbx_data_cutoff_high_absF               ? 
_refine.pdbx_data_cutoff_high_rms_absF           ? 
_refine.pdbx_data_cutoff_low_absF                ? 
_refine.pdbx_isotropic_thermal_model             ? 
_refine.pdbx_ls_cross_valid_method               THROUGHOUT 
_refine.pdbx_method_to_determine_struct          'AB INITIO PHASING' 
_refine.pdbx_starting_model                      ? 
_refine.pdbx_stereochemistry_target_values       'MAXIMUM LIKELIHOOD' 
_refine.pdbx_R_Free_selection_details            RANDOM 
_refine.pdbx_stereochem_target_val_spec_case     ? 
_refine.pdbx_overall_ESU_R                       0.0380 
_refine.pdbx_overall_ESU_R_Free                  0.0360 
_refine.pdbx_solvent_vdw_probe_radii             1.2000 
_refine.pdbx_solvent_ion_probe_radii             0.8000 
_refine.pdbx_solvent_shrinkage_radii             0.8000 
_refine.pdbx_real_space_R                        ? 
_refine.pdbx_density_correlation                 ? 
_refine.pdbx_pd_number_of_powder_patterns        ? 
_refine.pdbx_pd_number_of_points                 ? 
_refine.pdbx_pd_meas_number_of_points            ? 
_refine.pdbx_pd_proc_ls_prof_R_factor            ? 
_refine.pdbx_pd_proc_ls_prof_wR_factor           ? 
_refine.pdbx_pd_Marquardt_correlation_coeff      ? 
_refine.pdbx_pd_Fsqrd_R_factor                   ? 
_refine.pdbx_pd_ls_matrix_band_width             ? 
_refine.pdbx_overall_phase_error                 ? 
_refine.pdbx_overall_SU_R_free_Cruickshank_DPI   ? 
_refine.pdbx_overall_SU_R_free_Blow_DPI          ? 
_refine.pdbx_overall_SU_R_Blow_DPI               ? 
_refine.pdbx_TLS_residual_ADP_flag               ? 
_refine.pdbx_diffrn_id                           1 
_refine.overall_SU_B                             1.0450 
_refine.overall_SU_ML                            0.0240 
_refine.overall_SU_R_Cruickshank_DPI             0.0379 
_refine.overall_SU_R_free                        0.0364 
_refine.overall_FOM_free_R_set                   ? 
_refine.overall_FOM_work_R_set                   0.8138 
_refine.pdbx_average_fsc_overall                 ? 
_refine.pdbx_average_fsc_work                    ? 
_refine.pdbx_average_fsc_free                    ? 
# 
_refine_hist.pdbx_refine_id                   'X-RAY DIFFRACTION' 
_refine_hist.cycle_id                         final 
_refine_hist.details                          ? 
_refine_hist.d_res_high                       1.0500 
_refine_hist.d_res_low                        20.0000 
_refine_hist.number_atoms_solvent             55 
_refine_hist.number_atoms_total               577 
_refine_hist.number_reflns_all                ? 
_refine_hist.number_reflns_obs                ? 
_refine_hist.number_reflns_R_free             ? 
_refine_hist.number_reflns_R_work             ? 
_refine_hist.R_factor_all                     ? 
_refine_hist.R_factor_obs                     ? 
_refine_hist.R_factor_R_free                  ? 
_refine_hist.R_factor_R_work                  ? 
_refine_hist.pdbx_number_residues_total       60 
_refine_hist.pdbx_B_iso_mean_ligand           26.62 
_refine_hist.pdbx_B_iso_mean_solvent          26.72 
_refine_hist.pdbx_number_atoms_protein        496 
_refine_hist.pdbx_number_atoms_nucleic_acid   0 
_refine_hist.pdbx_number_atoms_ligand         26 
_refine_hist.pdbx_number_atoms_lipid          ? 
_refine_hist.pdbx_number_atoms_carb           ? 
_refine_hist.pdbx_pseudo_atom_details         ? 
# 
loop_
_refine_ls_restr.pdbx_refine_id 
_refine_ls_restr.criterion 
_refine_ls_restr.dev_ideal 
_refine_ls_restr.dev_ideal_target 
_refine_ls_restr.number 
_refine_ls_restr.rejects 
_refine_ls_restr.type 
_refine_ls_restr.weight 
_refine_ls_restr.pdbx_restraint_function 
'X-RAY DIFFRACTION' ? 0.034  0.020  573  ? r_bond_refined_d       ? ? 
'X-RAY DIFFRACTION' ? 0.026  0.020  507  ? r_bond_other_d         ? ? 
'X-RAY DIFFRACTION' ? 2.254  2.284  750  ? r_angle_refined_deg    ? ? 
'X-RAY DIFFRACTION' ? 3.188  3.000  1169 ? r_angle_other_deg      ? ? 
'X-RAY DIFFRACTION' ? 6.291  5.000  62   ? r_dihedral_angle_1_deg ? ? 
'X-RAY DIFFRACTION' ? 44.980 21.818 11   ? r_dihedral_angle_2_deg ? ? 
'X-RAY DIFFRACTION' ? 10.919 15.000 48   ? r_dihedral_angle_3_deg ? ? 
'X-RAY DIFFRACTION' ? 26.840 15.000 3    ? r_dihedral_angle_4_deg ? ? 
'X-RAY DIFFRACTION' ? 0.129  0.200  76   ? r_chiral_restr         ? ? 
'X-RAY DIFFRACTION' ? 0.014  0.020  572  ? r_gen_planes_refined   ? ? 
'X-RAY DIFFRACTION' ? 0.066  0.020  131  ? r_gen_planes_other     ? ? 
'X-RAY DIFFRACTION' ? 3.122  3.000  1074 ? r_rigid_bond_restr     ? ? 
'X-RAY DIFFRACTION' ? 24.456 5.000  25   ? r_sphericity_free      ? ? 
'X-RAY DIFFRACTION' ? 11.493 5.000  1089 ? r_sphericity_bonded    ? ? 
# 
_refine_ls_shell.pdbx_refine_id                   'X-RAY DIFFRACTION' 
_refine_ls_shell.d_res_high                       1.0500 
_refine_ls_shell.d_res_low                        1.0770 
_refine_ls_shell.number_reflns_all                1763 
_refine_ls_shell.number_reflns_obs                ? 
_refine_ls_shell.number_reflns_R_free             68 
_refine_ls_shell.number_reflns_R_work             1695 
_refine_ls_shell.percent_reflns_obs               100.0000 
_refine_ls_shell.percent_reflns_R_free            ? 
_refine_ls_shell.R_factor_all                     ? 
_refine_ls_shell.R_factor_obs                     ? 
_refine_ls_shell.R_factor_R_free                  0.3900 
_refine_ls_shell.R_factor_R_free_error            0.0000 
_refine_ls_shell.R_factor_R_work                  0.3200 
_refine_ls_shell.redundancy_reflns_all            ? 
_refine_ls_shell.redundancy_reflns_obs            ? 
_refine_ls_shell.wR_factor_all                    ? 
_refine_ls_shell.wR_factor_obs                    ? 
_refine_ls_shell.wR_factor_R_free                 ? 
_refine_ls_shell.wR_factor_R_work                 ? 
_refine_ls_shell.pdbx_R_complete                  ? 
_refine_ls_shell.pdbx_total_number_of_bins_used   20 
_refine_ls_shell.pdbx_phase_error                 ? 
_refine_ls_shell.pdbx_fsc_work                    ? 
_refine_ls_shell.pdbx_fsc_free                    ? 
# 
_struct.entry_id                     6CNU 
_struct.title                        'Crystal Structure of JzTX-V' 
_struct.pdbx_model_details           ? 
_struct.pdbx_formula_weight          ? 
_struct.pdbx_formula_weight_method   ? 
_struct.pdbx_model_type_details      ? 
_struct.pdbx_CASP_flag               N 
# 
_struct_keywords.entry_id        6CNU 
_struct_keywords.text            'inhibitor cysteine knot, TOXIN' 
_struct_keywords.pdbx_keywords   TOXIN 
# 
loop_
_struct_asym.id 
_struct_asym.pdbx_blank_PDB_chainid_flag 
_struct_asym.pdbx_modified 
_struct_asym.entity_id 
_struct_asym.details 
A N N 1 ? 
B N N 2 ? 
C N N 3 ? 
D N N 4 ? 
E N N 5 ? 
F N N 3 ? 
G N N 4 ? 
H N N 5 ? 
I N N 6 ? 
J N N 6 ? 
# 
loop_
_struct_ref.id 
_struct_ref.db_name 
_struct_ref.db_code 
_struct_ref.pdbx_db_accession 
_struct_ref.pdbx_db_isoform 
_struct_ref.entity_id 
_struct_ref.pdbx_seq_one_letter_code 
_struct_ref.pdbx_align_begin 
1 PDB 6CNU        6CNU   ? 1 ?                              1  
2 UNP JZTX5_CHIGU Q2PAY4 ? 2 RYCQKWMWTCDSKRACCEGLRCKLWCRKII 53 
# 
loop_
_struct_ref_seq.align_id 
_struct_ref_seq.ref_id 
_struct_ref_seq.pdbx_PDB_id_code 
_struct_ref_seq.pdbx_strand_id 
_struct_ref_seq.seq_align_beg 
_struct_ref_seq.pdbx_seq_align_beg_ins_code 
_struct_ref_seq.seq_align_end 
_struct_ref_seq.pdbx_seq_align_end_ins_code 
_struct_ref_seq.pdbx_db_accession 
_struct_ref_seq.db_align_beg 
_struct_ref_seq.pdbx_db_align_beg_ins_code 
_struct_ref_seq.db_align_end 
_struct_ref_seq.pdbx_db_align_end_ins_code 
_struct_ref_seq.pdbx_auth_seq_align_beg 
_struct_ref_seq.pdbx_auth_seq_align_end 
1 1 6CNU A 1 ? 31 ? 6CNU   1  ? 31 ? 1 31 
2 2 6CNU B 1 ? 30 ? Q2PAY4 53 ? 82 ? 1 30 
# 
loop_
_struct_ref_seq_dif.align_id 
_struct_ref_seq_dif.pdbx_pdb_id_code 
_struct_ref_seq_dif.mon_id 
_struct_ref_seq_dif.pdbx_pdb_strand_id 
_struct_ref_seq_dif.seq_num 
_struct_ref_seq_dif.pdbx_pdb_ins_code 
_struct_ref_seq_dif.pdbx_seq_db_name 
_struct_ref_seq_dif.pdbx_seq_db_accession_code 
_struct_ref_seq_dif.db_mon_id 
_struct_ref_seq_dif.pdbx_seq_db_seq_num 
_struct_ref_seq_dif.details 
_struct_ref_seq_dif.pdbx_auth_seq_num 
_struct_ref_seq_dif.pdbx_ordinal 
2 6CNU GLU B 1  ? UNP Q2PAY4 ARG 53 conflict  1  1 
2 6CNU LPH B 2  ? UNP Q2PAY4 TYR 54 conflict  2  2 
2 6CNU ALA B 13 ? UNP Q2PAY4 LYS 65 conflict  13 3 
2 6CNU GLU B 29 ? UNP Q2PAY4 ILE 81 conflict  29 4 
2 6CNU NH2 B 31 ? UNP Q2PAY4 ?   ?  amidation 31 5 
# 
loop_
_pdbx_struct_assembly.id 
_pdbx_struct_assembly.details 
_pdbx_struct_assembly.method_details 
_pdbx_struct_assembly.oligomeric_details 
_pdbx_struct_assembly.oligomeric_count 
1 author_defined_assembly ? monomeric 1 
2 author_defined_assembly ? monomeric 1 
# 
loop_
_pdbx_struct_assembly_gen.assembly_id 
_pdbx_struct_assembly_gen.oper_expression 
_pdbx_struct_assembly_gen.asym_id_list 
1 1 A,C,D,E,I 
2 1 B,F,G,H,J 
# 
_pdbx_struct_assembly_auth_evidence.id                     1 
_pdbx_struct_assembly_auth_evidence.assembly_id            1 
_pdbx_struct_assembly_auth_evidence.experimental_support   none 
_pdbx_struct_assembly_auth_evidence.details                ? 
# 
_pdbx_struct_oper_list.id                   1 
_pdbx_struct_oper_list.type                 'identity operation' 
_pdbx_struct_oper_list.name                 1_555 
_pdbx_struct_oper_list.symmetry_operation   x,y,z 
_pdbx_struct_oper_list.matrix[1][1]         1.0000000000 
_pdbx_struct_oper_list.matrix[1][2]         0.0000000000 
_pdbx_struct_oper_list.matrix[1][3]         0.0000000000 
_pdbx_struct_oper_list.vector[1]            0.0000000000 
_pdbx_struct_oper_list.matrix[2][1]         0.0000000000 
_pdbx_struct_oper_list.matrix[2][2]         1.0000000000 
_pdbx_struct_oper_list.matrix[2][3]         0.0000000000 
_pdbx_struct_oper_list.vector[2]            0.0000000000 
_pdbx_struct_oper_list.matrix[3][1]         0.0000000000 
_pdbx_struct_oper_list.matrix[3][2]         0.0000000000 
_pdbx_struct_oper_list.matrix[3][3]         1.0000000000 
_pdbx_struct_oper_list.vector[3]            0.0000000000 
# 
loop_
_struct_conn.id 
_struct_conn.conn_type_id 
_struct_conn.pdbx_leaving_atom_flag 
_struct_conn.pdbx_PDB_id 
_struct_conn.ptnr1_label_asym_id 
_struct_conn.ptnr1_label_comp_id 
_struct_conn.ptnr1_label_seq_id 
_struct_conn.ptnr1_label_atom_id 
_struct_conn.pdbx_ptnr1_label_alt_id 
_struct_conn.pdbx_ptnr1_PDB_ins_code 
_struct_conn.pdbx_ptnr1_standard_comp_id 
_struct_conn.ptnr1_symmetry 
_struct_conn.ptnr2_label_asym_id 
_struct_conn.ptnr2_label_comp_id 
_struct_conn.ptnr2_label_seq_id 
_struct_conn.ptnr2_label_atom_id 
_struct_conn.pdbx_ptnr2_label_alt_id 
_struct_conn.pdbx_ptnr2_PDB_ins_code 
_struct_conn.ptnr1_auth_asym_id 
_struct_conn.ptnr1_auth_comp_id 
_struct_conn.ptnr1_auth_seq_id 
_struct_conn.ptnr2_auth_asym_id 
_struct_conn.ptnr2_auth_comp_id 
_struct_conn.ptnr2_auth_seq_id 
_struct_conn.ptnr2_symmetry 
_struct_conn.pdbx_ptnr3_label_atom_id 
_struct_conn.pdbx_ptnr3_label_seq_id 
_struct_conn.pdbx_ptnr3_label_comp_id 
_struct_conn.pdbx_ptnr3_label_asym_id 
_struct_conn.pdbx_ptnr3_label_alt_id 
_struct_conn.pdbx_ptnr3_PDB_ins_code 
_struct_conn.details 
_struct_conn.pdbx_dist_value 
_struct_conn.pdbx_value_order 
_struct_conn.pdbx_role 
disulf1  disulf ?    ? A DCY 3  SG  ? ? ? 1_555 A DCY 17 SG ? ? A DCY 3  A DCY 17  1_555 ? ? ? ? ? ? ? 2.015 ? ? 
disulf2  disulf ?    ? A DCY 10 SG  ? ? ? 1_555 A DCY 22 SG ? ? A DCY 10 A DCY 22  1_555 ? ? ? ? ? ? ? 2.049 ? ? 
disulf3  disulf ?    ? A DCY 16 SG  ? ? ? 1_555 A DCY 26 SG ? ? A DCY 16 A DCY 26  1_555 ? ? ? ? ? ? ? 2.037 ? ? 
disulf4  disulf ?    ? B CYS 3  SG  ? ? ? 1_555 B CYS 17 SG ? ? B CYS 3  B CYS 17  1_555 ? ? ? ? ? ? ? 1.992 ? ? 
disulf5  disulf ?    ? B CYS 10 SG  ? ? ? 1_555 B CYS 22 SG ? ? B CYS 10 B CYS 22  1_555 ? ? ? ? ? ? ? 2.050 ? ? 
disulf6  disulf ?    ? B CYS 16 SG  ? ? ? 1_555 B CYS 26 SG ? ? B CYS 16 B CYS 26  1_555 ? ? ? ? ? ? ? 2.053 ? ? 
covale1  covale both ? A DGL 1  C   ? ? ? 1_555 A F9D 2  N  A ? A DGL 1  A F9D 2   1_555 ? ? ? ? ? ? ? 1.269 ? ? 
covale2  covale both ? A DGL 1  C   ? ? ? 1_555 A F9D 2  N  B ? A DGL 1  A F9D 2   1_555 ? ? ? ? ? ? ? 1.280 ? ? 
covale3  covale both ? A F9D 2  C   A ? ? 1_555 A DCY 3  N  ? ? A F9D 2  A DCY 3   1_555 ? ? ? ? ? ? ? 1.268 ? ? 
covale4  covale both ? A F9D 2  C   B ? ? 1_555 A DCY 3  N  ? ? A F9D 2  A DCY 3   1_555 ? ? ? ? ? ? ? 1.217 ? ? 
covale5  covale both ? A DCY 3  C   ? ? ? 1_555 A DGN 4  N  ? ? A DCY 3  A DGN 4   1_555 ? ? ? ? ? ? ? 1.325 ? ? 
covale6  covale both ? A DGN 4  C   ? ? ? 1_555 A DLY 5  N  ? ? A DGN 4  A DLY 5   1_555 ? ? ? ? ? ? ? 1.338 ? ? 
covale7  covale both ? A DLY 5  C   ? ? ? 1_555 A DTR 6  N  ? ? A DLY 5  A DTR 6   1_555 ? ? ? ? ? ? ? 1.326 ? ? 
covale8  covale both ? A DTR 6  C   ? ? ? 1_555 A MED 7  N  ? ? A DTR 6  A MED 7   1_555 ? ? ? ? ? ? ? 1.334 ? ? 
covale9  covale both ? A MED 7  C   ? ? ? 1_555 A DTR 8  N  ? ? A MED 7  A DTR 8   1_555 ? ? ? ? ? ? ? 1.334 ? ? 
covale10 covale both ? A DTR 8  C   ? ? ? 1_555 A DTH 9  N  A ? A DTR 8  A DTH 9   1_555 ? ? ? ? ? ? ? 1.330 ? ? 
covale11 covale both ? A DTR 8  C   ? ? ? 1_555 A DTH 9  N  B ? A DTR 8  A DTH 9   1_555 ? ? ? ? ? ? ? 1.333 ? ? 
covale12 covale both ? A DTH 9  C   A ? ? 1_555 A DCY 10 N  ? ? A DTH 9  A DCY 10  1_555 ? ? ? ? ? ? ? 1.322 ? ? 
covale13 covale both ? A DTH 9  C   B ? ? 1_555 A DCY 10 N  ? ? A DTH 9  A DCY 10  1_555 ? ? ? ? ? ? ? 1.332 ? ? 
covale14 covale both ? A DCY 10 C   ? ? ? 1_555 A DAS 11 N  ? ? A DCY 10 A DAS 11  1_555 ? ? ? ? ? ? ? 1.325 ? ? 
covale15 covale both ? A DAS 11 C   ? ? ? 1_555 A DSN 12 N  A ? A DAS 11 A DSN 12  1_555 ? ? ? ? ? ? ? 1.339 ? ? 
covale16 covale both ? A DAS 11 C   ? ? ? 1_555 A DSN 12 N  B ? A DAS 11 A DSN 12  1_555 ? ? ? ? ? ? ? 1.336 ? ? 
covale17 covale both ? A DSN 12 C   A ? ? 1_555 A DAL 13 N  ? ? A DSN 12 A DAL 13  1_555 ? ? ? ? ? ? ? 1.330 ? ? 
covale18 covale both ? A DSN 12 C   B ? ? 1_555 A DAL 13 N  ? ? A DSN 12 A DAL 13  1_555 ? ? ? ? ? ? ? 1.330 ? ? 
covale19 covale both ? A DAL 13 C   ? ? ? 1_555 A DAR 14 N  ? ? A DAL 13 A DAR 14  1_555 ? ? ? ? ? ? ? 1.328 ? ? 
covale20 covale both ? A DAR 14 C   ? ? ? 1_555 A DAL 15 N  ? ? A DAR 14 A DAL 15  1_555 ? ? ? ? ? ? ? 1.329 ? ? 
covale21 covale both ? A DAL 15 C   ? ? ? 1_555 A DCY 16 N  ? ? A DAL 15 A DCY 16  1_555 ? ? ? ? ? ? ? 1.324 ? ? 
covale22 covale both ? A DCY 16 C   ? ? ? 1_555 A DCY 17 N  ? ? A DCY 16 A DCY 17  1_555 ? ? ? ? ? ? ? 1.323 ? ? 
covale23 covale both ? A DCY 17 C   ? ? ? 1_555 A DGL 18 N  ? ? A DCY 17 A DGL 18  1_555 ? ? ? ? ? ? ? 1.327 ? ? 
covale24 covale both ? A DGL 18 C   ? ? ? 1_555 A GLY 19 N  ? ? A DGL 18 A GLY 19  1_555 ? ? ? ? ? ? ? 1.332 ? ? 
covale25 covale both ? A GLY 19 C   ? ? ? 1_555 A DLE 20 N  ? ? A GLY 19 A DLE 20  1_555 ? ? ? ? ? ? ? 1.337 ? ? 
covale26 covale both ? A DLE 20 C   ? ? ? 1_555 A DAR 21 N  ? ? A DLE 20 A DAR 21  1_555 ? ? ? ? ? ? ? 1.333 ? ? 
covale27 covale both ? A DAR 21 C   ? ? ? 1_555 A DCY 22 N  ? ? A DAR 21 A DCY 22  1_555 ? ? ? ? ? ? ? 1.331 ? ? 
covale28 covale both ? A DCY 22 C   ? ? ? 1_555 A DLY 23 N  ? ? A DCY 22 A DLY 23  1_555 ? ? ? ? ? ? ? 1.317 ? ? 
covale29 covale both ? A DLY 23 C   ? ? ? 1_555 A DLE 24 N  ? ? A DLY 23 A DLE 24  1_555 ? ? ? ? ? ? ? 1.340 ? ? 
covale30 covale both ? A DLE 24 C   ? ? ? 1_555 A DTR 25 N  ? ? A DLE 24 A DTR 25  1_555 ? ? ? ? ? ? ? 1.331 ? ? 
covale31 covale both ? A DTR 25 C   ? ? ? 1_555 A DCY 26 N  ? ? A DTR 25 A DCY 26  1_555 ? ? ? ? ? ? ? 1.321 ? ? 
covale32 covale one  ? A DTR 25 CZ3 ? ? ? 1_555 C BR  .  BR ? ? A DTR 25 A BR  101 1_555 ? ? ? ? ? ? ? 1.872 ? ? 
covale33 covale both ? A DCY 26 C   ? ? ? 1_555 A DAR 27 N  ? ? A DCY 26 A DAR 27  1_555 ? ? ? ? ? ? ? 1.322 ? ? 
covale34 covale both ? A DAR 27 C   ? ? ? 1_555 A DLY 28 N  ? ? A DAR 27 A DLY 28  1_555 ? ? ? ? ? ? ? 1.328 ? ? 
covale35 covale both ? A DLY 28 C   ? ? ? 1_555 A DGL 29 N  ? ? A DLY 28 A DGL 29  1_555 ? ? ? ? ? ? ? 1.325 ? ? 
covale36 covale both ? A DGL 29 C   ? ? ? 1_555 A DIL 30 N  ? ? A DGL 29 A DIL 30  1_555 ? ? ? ? ? ? ? 1.327 ? ? 
covale37 covale both ? A DIL 30 C   ? ? ? 1_555 A NH2 31 N  ? ? A DIL 30 A NH2 31  1_555 ? ? ? ? ? ? ? 1.313 ? ? 
covale38 covale both ? B GLU 1  C   ? ? ? 1_555 B LPH 2  N  ? ? B GLU 1  B LPH 2   1_555 ? ? ? ? ? ? ? 1.373 ? ? 
covale39 covale both ? B LPH 2  C   ? ? ? 1_555 B CYS 3  N  ? ? B LPH 2  B CYS 3   1_555 ? ? ? ? ? ? ? 1.333 ? ? 
covale40 covale both ? B TRP 6  C   ? ? ? 1_555 B MSE 7  N  A ? B TRP 6  B MSE 7   1_555 ? ? ? ? ? ? ? 1.329 ? ? 
covale41 covale both ? B TRP 6  C   ? ? ? 1_555 B MSE 7  N  B ? B TRP 6  B MSE 7   1_555 ? ? ? ? ? ? ? 1.333 ? ? 
covale42 covale both ? B MSE 7  C   A ? ? 1_555 B TRP 8  N  ? ? B MSE 7  B TRP 8   1_555 ? ? ? ? ? ? ? 1.341 ? ? 
covale43 covale both ? B MSE 7  C   B ? ? 1_555 B TRP 8  N  ? ? B MSE 7  B TRP 8   1_555 ? ? ? ? ? ? ? 1.328 ? ? 
covale44 covale both ? B ILE 30 C   ? ? ? 1_555 B NH2 31 N  ? ? B ILE 30 B NH2 31  1_555 ? ? ? ? ? ? ? 1.313 ? ? 
# 
loop_
_struct_conn_type.id 
_struct_conn_type.criteria 
_struct_conn_type.reference 
disulf ? ? 
covale ? ? 
# 
loop_
_struct_sheet.id 
_struct_sheet.type 
_struct_sheet.number_strands 
_struct_sheet.details 
AA1 ? 2 ? 
AA2 ? 2 ? 
# 
loop_
_struct_sheet_order.sheet_id 
_struct_sheet_order.range_id_1 
_struct_sheet_order.range_id_2 
_struct_sheet_order.offset 
_struct_sheet_order.sense 
AA1 1 2 ? anti-parallel 
AA2 1 2 ? anti-parallel 
# 
loop_
_struct_sheet_range.sheet_id 
_struct_sheet_range.id 
_struct_sheet_range.beg_label_comp_id 
_struct_sheet_range.beg_label_asym_id 
_struct_sheet_range.beg_label_seq_id 
_struct_sheet_range.pdbx_beg_PDB_ins_code 
_struct_sheet_range.end_label_comp_id 
_struct_sheet_range.end_label_asym_id 
_struct_sheet_range.end_label_seq_id 
_struct_sheet_range.pdbx_end_PDB_ins_code 
_struct_sheet_range.beg_auth_comp_id 
_struct_sheet_range.beg_auth_asym_id 
_struct_sheet_range.beg_auth_seq_id 
_struct_sheet_range.end_auth_comp_id 
_struct_sheet_range.end_auth_asym_id 
_struct_sheet_range.end_auth_seq_id 
AA1 1 DLE A 20 ? DCY A 22 ? DLE A 20 DCY A 22 
AA1 2 DCY A 26 ? DLY A 28 ? DCY A 26 DLY A 28 
AA2 1 LEU B 20 ? CYS B 22 ? LEU B 20 CYS B 22 
AA2 2 CYS B 26 ? LYS B 28 ? CYS B 26 LYS B 28 
# 
loop_
_pdbx_struct_sheet_hbond.sheet_id 
_pdbx_struct_sheet_hbond.range_id_1 
_pdbx_struct_sheet_hbond.range_id_2 
_pdbx_struct_sheet_hbond.range_1_label_atom_id 
_pdbx_struct_sheet_hbond.range_1_label_comp_id 
_pdbx_struct_sheet_hbond.range_1_label_asym_id 
_pdbx_struct_sheet_hbond.range_1_label_seq_id 
_pdbx_struct_sheet_hbond.range_1_PDB_ins_code 
_pdbx_struct_sheet_hbond.range_1_auth_atom_id 
_pdbx_struct_sheet_hbond.range_1_auth_comp_id 
_pdbx_struct_sheet_hbond.range_1_auth_asym_id 
_pdbx_struct_sheet_hbond.range_1_auth_seq_id 
_pdbx_struct_sheet_hbond.range_2_label_atom_id 
_pdbx_struct_sheet_hbond.range_2_label_comp_id 
_pdbx_struct_sheet_hbond.range_2_label_asym_id 
_pdbx_struct_sheet_hbond.range_2_label_seq_id 
_pdbx_struct_sheet_hbond.range_2_PDB_ins_code 
_pdbx_struct_sheet_hbond.range_2_auth_atom_id 
_pdbx_struct_sheet_hbond.range_2_auth_comp_id 
_pdbx_struct_sheet_hbond.range_2_auth_asym_id 
_pdbx_struct_sheet_hbond.range_2_auth_seq_id 
AA1 1 2 N DAR A 21 ? N DAR A 21 O DAR A 27 ? O DAR A 27 
AA2 1 2 N ARG B 21 ? N ARG B 21 O ARG B 27 ? O ARG B 27 
# 
loop_
_struct_site.id 
_struct_site.pdbx_evidence_code 
_struct_site.pdbx_auth_asym_id 
_struct_site.pdbx_auth_comp_id 
_struct_site.pdbx_auth_seq_id 
_struct_site.pdbx_auth_ins_code 
_struct_site.pdbx_num_residues 
_struct_site.details 
AC1 Software A BR  101 ? 1  'binding site for residue BR A 101'               
AC2 Software A SO4 102 ? 6  'binding site for residue SO4 A 102'              
AC3 Software A GOL 103 ? 6  'binding site for residue GOL A 103'              
AC4 Software B BR  101 ? 2  'binding site for residue BR B 101'               
AC5 Software B SO4 102 ? 6  'binding site for residue SO4 B 102'              
AC6 Software B GOL 103 ? 14 'binding site for residue GOL B 103'              
AC7 Software A DIL 30  ? 6  'binding site for residues DIL A 30 and NH2 A 31' 
# 
loop_
_struct_site_gen.id 
_struct_site_gen.site_id 
_struct_site_gen.pdbx_num_res 
_struct_site_gen.label_comp_id 
_struct_site_gen.label_asym_id 
_struct_site_gen.label_seq_id 
_struct_site_gen.pdbx_auth_ins_code 
_struct_site_gen.auth_comp_id 
_struct_site_gen.auth_asym_id 
_struct_site_gen.auth_seq_id 
_struct_site_gen.label_atom_id 
_struct_site_gen.label_alt_id 
_struct_site_gen.symmetry 
_struct_site_gen.details 
1  AC1 1  DTR A 25 ? DTR A 25  . ? 1_555 ? 
2  AC2 6  DLY A 23 ? DLY A 23  . ? 3_555 ? 
3  AC2 6  DLY A 23 ? DLY A 23  . ? 1_555 ? 
4  AC2 6  DLY A 23 ? DLY A 23  . ? 2_555 ? 
5  AC2 6  GOL E .  ? GOL A 103 . ? 2_555 ? 
6  AC2 6  GOL E .  ? GOL A 103 . ? 1_555 ? 
7  AC2 6  GOL E .  ? GOL A 103 . ? 3_555 ? 
8  AC3 6  DLY A 23 ? DLY A 23  . ? 3_555 ? 
9  AC3 6  DLY A 23 ? DLY A 23  . ? 2_555 ? 
10 AC3 6  DAR A 27 ? DAR A 27  . ? 2_555 ? 
11 AC3 6  SO4 D .  ? SO4 A 102 . ? 1_555 ? 
12 AC3 6  SO4 D .  ? SO4 A 102 . ? 3_555 ? 
13 AC3 6  SO4 D .  ? SO4 A 102 . ? 2_555 ? 
14 AC4 2  LEU B 24 ? LEU B 24  . ? 4_667 ? 
15 AC4 2  TRP B 25 ? TRP B 25  . ? 1_555 ? 
16 AC5 6  ARG B 21 ? ARG B 21  . ? 1_555 ? 
17 AC5 6  ARG B 21 ? ARG B 21  . ? 3_665 ? 
18 AC5 6  ARG B 21 ? ARG B 21  . ? 2_655 ? 
19 AC5 6  LYS B 23 ? LYS B 23  . ? 3_665 ? 
20 AC5 6  LYS B 23 ? LYS B 23  . ? 2_655 ? 
21 AC5 6  LYS B 23 ? LYS B 23  . ? 1_555 ? 
22 AC6 14 LYS B 23 ? LYS B 23  . ? 2_655 ? 
23 AC6 14 LYS B 23 ? LYS B 23  . ? 6_557 ? 
24 AC6 14 LYS B 23 ? LYS B 23  . ? 3_665 ? 
25 AC6 14 LYS B 23 ? LYS B 23  . ? 5_657 ? 
26 AC6 14 ARG B 27 ? ARG B 27  . ? 2_655 ? 
27 AC6 14 ARG B 27 ? ARG B 27  . ? 5_657 ? 
28 AC6 14 HOH J .  ? HOH B 201 . ? 3_665 ? 
29 AC6 14 HOH J .  ? HOH B 201 . ? 2_655 ? 
30 AC6 14 HOH J .  ? HOH B 201 . ? 4_667 ? 
31 AC6 14 HOH J .  ? HOH B 201 . ? 5_657 ? 
32 AC6 14 HOH J .  ? HOH B 201 . ? 6_557 ? 
33 AC6 14 HOH J .  ? HOH B 201 . ? 1_555 ? 
34 AC6 14 HOH J .  ? HOH B 211 . ? 5_657 ? 
35 AC6 14 HOH J .  ? HOH B 211 . ? 2_655 ? 
36 AC7 6  DCY A 22 ? DCY A 22  . ? 2_555 ? 
37 AC7 6  DLY A 23 ? DLY A 23  . ? 2_555 ? 
38 AC7 6  DLE A 24 ? DLE A 24  . ? 2_555 ? 
39 AC7 6  DLY A 28 ? DLY A 28  . ? 1_555 ? 
40 AC7 6  DGL A 29 ? DGL A 29  . ? 1_555 ? 
41 AC7 6  HOH I .  ? HOH A 203 . ? 1_555 ? 
# 
_pdbx_entry_details.entry_id                   6CNU 
_pdbx_entry_details.has_ligand_of_interest     N 
_pdbx_entry_details.compound_details           ? 
_pdbx_entry_details.source_details             ? 
_pdbx_entry_details.nonpolymer_details         ? 
_pdbx_entry_details.sequence_details           ? 
_pdbx_entry_details.has_protein_modification   Y 
# 
_pdbx_validate_close_contact.id               1 
_pdbx_validate_close_contact.PDB_model_num    1 
_pdbx_validate_close_contact.auth_atom_id_1   O 
_pdbx_validate_close_contact.auth_asym_id_1   A 
_pdbx_validate_close_contact.auth_comp_id_1   HOH 
_pdbx_validate_close_contact.auth_seq_id_1    201 
_pdbx_validate_close_contact.PDB_ins_code_1   ? 
_pdbx_validate_close_contact.label_alt_id_1   ? 
_pdbx_validate_close_contact.auth_atom_id_2   O 
_pdbx_validate_close_contact.auth_asym_id_2   A 
_pdbx_validate_close_contact.auth_comp_id_2   HOH 
_pdbx_validate_close_contact.auth_seq_id_2    208 
_pdbx_validate_close_contact.PDB_ins_code_2   ? 
_pdbx_validate_close_contact.label_alt_id_2   ? 
_pdbx_validate_close_contact.dist             2.00 
# 
loop_
_pdbx_validate_symm_contact.id 
_pdbx_validate_symm_contact.PDB_model_num 
_pdbx_validate_symm_contact.auth_atom_id_1 
_pdbx_validate_symm_contact.auth_asym_id_1 
_pdbx_validate_symm_contact.auth_comp_id_1 
_pdbx_validate_symm_contact.auth_seq_id_1 
_pdbx_validate_symm_contact.PDB_ins_code_1 
_pdbx_validate_symm_contact.label_alt_id_1 
_pdbx_validate_symm_contact.site_symmetry_1 
_pdbx_validate_symm_contact.auth_atom_id_2 
_pdbx_validate_symm_contact.auth_asym_id_2 
_pdbx_validate_symm_contact.auth_comp_id_2 
_pdbx_validate_symm_contact.auth_seq_id_2 
_pdbx_validate_symm_contact.PDB_ins_code_2 
_pdbx_validate_symm_contact.label_alt_id_2 
_pdbx_validate_symm_contact.site_symmetry_2 
_pdbx_validate_symm_contact.dist 
1 1 O3 B GOL 103 ? ? 1_555 O B HOH 211 ? ? 5_657 1.90 
2 1 O  A HOH 202 ? ? 1_555 O A HOH 213 ? ? 3_665 2.06 
# 
loop_
_pdbx_validate_rmsd_angle.id 
_pdbx_validate_rmsd_angle.PDB_model_num 
_pdbx_validate_rmsd_angle.auth_atom_id_1 
_pdbx_validate_rmsd_angle.auth_asym_id_1 
_pdbx_validate_rmsd_angle.auth_comp_id_1 
_pdbx_validate_rmsd_angle.auth_seq_id_1 
_pdbx_validate_rmsd_angle.PDB_ins_code_1 
_pdbx_validate_rmsd_angle.label_alt_id_1 
_pdbx_validate_rmsd_angle.auth_atom_id_2 
_pdbx_validate_rmsd_angle.auth_asym_id_2 
_pdbx_validate_rmsd_angle.auth_comp_id_2 
_pdbx_validate_rmsd_angle.auth_seq_id_2 
_pdbx_validate_rmsd_angle.PDB_ins_code_2 
_pdbx_validate_rmsd_angle.label_alt_id_2 
_pdbx_validate_rmsd_angle.auth_atom_id_3 
_pdbx_validate_rmsd_angle.auth_asym_id_3 
_pdbx_validate_rmsd_angle.auth_comp_id_3 
_pdbx_validate_rmsd_angle.auth_seq_id_3 
_pdbx_validate_rmsd_angle.PDB_ins_code_3 
_pdbx_validate_rmsd_angle.label_alt_id_3 
_pdbx_validate_rmsd_angle.angle_value 
_pdbx_validate_rmsd_angle.angle_target_value 
_pdbx_validate_rmsd_angle.angle_deviation 
_pdbx_validate_rmsd_angle.angle_standard_deviation 
_pdbx_validate_rmsd_angle.linker_flag 
1 1 O  A F9D 2  ? B C  A F9D 2  ? B N   A DCY 3  ? ? 100.44 122.70 -22.26 1.60 Y 
2 1 NE A DAR 14 ? ? CZ A DAR 14 ? ? NH1 A DAR 14 ? ? 115.26 120.30 -5.04  0.50 N 
3 1 NE A DAR 14 ? ? CZ A DAR 14 ? ? NH2 A DAR 14 ? ? 124.48 120.30 4.18   0.50 N 
4 1 NE A DAR 21 ? ? CZ A DAR 21 ? ? NH1 A DAR 21 ? ? 124.27 120.30 3.97   0.50 N 
# 
loop_
_pdbx_validate_torsion.id 
_pdbx_validate_torsion.PDB_model_num 
_pdbx_validate_torsion.auth_comp_id 
_pdbx_validate_torsion.auth_asym_id 
_pdbx_validate_torsion.auth_seq_id 
_pdbx_validate_torsion.PDB_ins_code 
_pdbx_validate_torsion.label_alt_id 
_pdbx_validate_torsion.phi 
_pdbx_validate_torsion.psi 
1 1 F9D A 2  ? B 96.54  -39.71 
2 1 DLE A 24 ? ? -75.46 49.80  
3 1 MSE B 7  ? A 78.95  -6.18  
4 1 LEU B 24 ? ? 68.55  -47.08 
# 
_pdbx_validate_main_chain_plane.id                       1 
_pdbx_validate_main_chain_plane.PDB_model_num            1 
_pdbx_validate_main_chain_plane.auth_comp_id             F9D 
_pdbx_validate_main_chain_plane.auth_asym_id             A 
_pdbx_validate_main_chain_plane.auth_seq_id              2 
_pdbx_validate_main_chain_plane.PDB_ins_code             ? 
_pdbx_validate_main_chain_plane.label_alt_id             B 
_pdbx_validate_main_chain_plane.improper_torsion_angle   -20.15 
# 
_pdbx_struct_mod_residue.id               1 
_pdbx_struct_mod_residue.label_asym_id    B 
_pdbx_struct_mod_residue.label_comp_id    MSE 
_pdbx_struct_mod_residue.label_seq_id     7 
_pdbx_struct_mod_residue.auth_asym_id     B 
_pdbx_struct_mod_residue.auth_comp_id     MSE 
_pdbx_struct_mod_residue.auth_seq_id      7 
_pdbx_struct_mod_residue.PDB_ins_code     ? 
_pdbx_struct_mod_residue.parent_comp_id   MET 
_pdbx_struct_mod_residue.details          'modified residue' 
# 
loop_
_pdbx_struct_special_symmetry.id 
_pdbx_struct_special_symmetry.PDB_model_num 
_pdbx_struct_special_symmetry.auth_asym_id 
_pdbx_struct_special_symmetry.auth_comp_id 
_pdbx_struct_special_symmetry.auth_seq_id 
_pdbx_struct_special_symmetry.PDB_ins_code 
_pdbx_struct_special_symmetry.label_asym_id 
_pdbx_struct_special_symmetry.label_comp_id 
_pdbx_struct_special_symmetry.label_seq_id 
1 1 A SO4 102 ? D SO4 . 
2 1 B SO4 102 ? G SO4 . 
3 1 A HOH 220 ? I HOH . 
4 1 A HOH 222 ? I HOH . 
5 1 B HOH 230 ? J HOH . 
# 
loop_
_pdbx_distant_solvent_atoms.id 
_pdbx_distant_solvent_atoms.PDB_model_num 
_pdbx_distant_solvent_atoms.auth_atom_id 
_pdbx_distant_solvent_atoms.label_alt_id 
_pdbx_distant_solvent_atoms.auth_asym_id 
_pdbx_distant_solvent_atoms.auth_comp_id 
_pdbx_distant_solvent_atoms.auth_seq_id 
_pdbx_distant_solvent_atoms.PDB_ins_code 
_pdbx_distant_solvent_atoms.neighbor_macromolecule_distance 
_pdbx_distant_solvent_atoms.neighbor_ligand_distance 
1 1 O ? A HOH 223 ? 5.99 . 
2 1 O ? B HOH 232 ? 6.20 . 
# 
loop_
_chem_comp_atom.comp_id 
_chem_comp_atom.atom_id 
_chem_comp_atom.type_symbol 
_chem_comp_atom.pdbx_aromatic_flag 
_chem_comp_atom.pdbx_stereo_config 
_chem_comp_atom.pdbx_ordinal 
ALA N    N  N N 1   
ALA CA   C  N S 2   
ALA C    C  N N 3   
ALA O    O  N N 4   
ALA CB   C  N N 5   
ALA OXT  O  N N 6   
ALA H    H  N N 7   
ALA H2   H  N N 8   
ALA HA   H  N N 9   
ALA HB1  H  N N 10  
ALA HB2  H  N N 11  
ALA HB3  H  N N 12  
ALA HXT  H  N N 13  
ARG N    N  N N 14  
ARG CA   C  N S 15  
ARG C    C  N N 16  
ARG O    O  N N 17  
ARG CB   C  N N 18  
ARG CG   C  N N 19  
ARG CD   C  N N 20  
ARG NE   N  N N 21  
ARG CZ   C  N N 22  
ARG NH1  N  N N 23  
ARG NH2  N  N N 24  
ARG OXT  O  N N 25  
ARG H    H  N N 26  
ARG H2   H  N N 27  
ARG HA   H  N N 28  
ARG HB2  H  N N 29  
ARG HB3  H  N N 30  
ARG HG2  H  N N 31  
ARG HG3  H  N N 32  
ARG HD2  H  N N 33  
ARG HD3  H  N N 34  
ARG HE   H  N N 35  
ARG HH11 H  N N 36  
ARG HH12 H  N N 37  
ARG HH21 H  N N 38  
ARG HH22 H  N N 39  
ARG HXT  H  N N 40  
ASP N    N  N N 41  
ASP CA   C  N S 42  
ASP C    C  N N 43  
ASP O    O  N N 44  
ASP CB   C  N N 45  
ASP CG   C  N N 46  
ASP OD1  O  N N 47  
ASP OD2  O  N N 48  
ASP OXT  O  N N 49  
ASP H    H  N N 50  
ASP H2   H  N N 51  
ASP HA   H  N N 52  
ASP HB2  H  N N 53  
ASP HB3  H  N N 54  
ASP HD2  H  N N 55  
ASP HXT  H  N N 56  
BR  BR   BR N N 57  
CYS N    N  N N 58  
CYS CA   C  N R 59  
CYS C    C  N N 60  
CYS O    O  N N 61  
CYS CB   C  N N 62  
CYS SG   S  N N 63  
CYS OXT  O  N N 64  
CYS H    H  N N 65  
CYS H2   H  N N 66  
CYS HA   H  N N 67  
CYS HB2  H  N N 68  
CYS HB3  H  N N 69  
CYS HG   H  N N 70  
CYS HXT  H  N N 71  
DAL N    N  N N 72  
DAL CA   C  N R 73  
DAL CB   C  N N 74  
DAL C    C  N N 75  
DAL O    O  N N 76  
DAL OXT  O  N N 77  
DAL H    H  N N 78  
DAL H2   H  N N 79  
DAL HA   H  N N 80  
DAL HB1  H  N N 81  
DAL HB2  H  N N 82  
DAL HB3  H  N N 83  
DAL HXT  H  N N 84  
DAR N    N  N N 85  
DAR CA   C  N R 86  
DAR CB   C  N N 87  
DAR CG   C  N N 88  
DAR CD   C  N N 89  
DAR NE   N  N N 90  
DAR CZ   C  N N 91  
DAR NH1  N  N N 92  
DAR NH2  N  N N 93  
DAR C    C  N N 94  
DAR O    O  N N 95  
DAR OXT  O  N N 96  
DAR H    H  N N 97  
DAR H2   H  N N 98  
DAR HA   H  N N 99  
DAR HB2  H  N N 100 
DAR HB3  H  N N 101 
DAR HG2  H  N N 102 
DAR HG3  H  N N 103 
DAR HD2  H  N N 104 
DAR HD3  H  N N 105 
DAR HE   H  N N 106 
DAR HH11 H  N N 107 
DAR HH12 H  N N 108 
DAR HH21 H  N N 109 
DAR HH22 H  N N 110 
DAR HXT  H  N N 111 
DAS N    N  N N 112 
DAS CA   C  N R 113 
DAS C    C  N N 114 
DAS O    O  N N 115 
DAS CB   C  N N 116 
DAS CG   C  N N 117 
DAS OD1  O  N N 118 
DAS OD2  O  N N 119 
DAS OXT  O  N N 120 
DAS H    H  N N 121 
DAS H2   H  N N 122 
DAS HA   H  N N 123 
DAS HB2  H  N N 124 
DAS HB3  H  N N 125 
DAS HD2  H  N N 126 
DAS HXT  H  N N 127 
DCY N    N  N N 128 
DCY CA   C  N S 129 
DCY C    C  N N 130 
DCY O    O  N N 131 
DCY CB   C  N N 132 
DCY SG   S  N N 133 
DCY OXT  O  N N 134 
DCY H    H  N N 135 
DCY H2   H  N N 136 
DCY HA   H  N N 137 
DCY HB2  H  N N 138 
DCY HB3  H  N N 139 
DCY HG   H  N N 140 
DCY HXT  H  N N 141 
DGL N    N  N N 142 
DGL CA   C  N R 143 
DGL C    C  N N 144 
DGL O    O  N N 145 
DGL CB   C  N N 146 
DGL CG   C  N N 147 
DGL CD   C  N N 148 
DGL OE1  O  N N 149 
DGL OE2  O  N N 150 
DGL OXT  O  N N 151 
DGL H    H  N N 152 
DGL H2   H  N N 153 
DGL HA   H  N N 154 
DGL HB2  H  N N 155 
DGL HB3  H  N N 156 
DGL HG2  H  N N 157 
DGL HG3  H  N N 158 
DGL HE2  H  N N 159 
DGL HXT  H  N N 160 
DGN N    N  N N 161 
DGN CA   C  N R 162 
DGN C    C  N N 163 
DGN O    O  N N 164 
DGN OXT  O  N N 165 
DGN CB   C  N N 166 
DGN CG   C  N N 167 
DGN CD   C  N N 168 
DGN OE1  O  N N 169 
DGN NE2  N  N N 170 
DGN H    H  N N 171 
DGN H2   H  N N 172 
DGN HA   H  N N 173 
DGN HXT  H  N N 174 
DGN HB2  H  N N 175 
DGN HB3  H  N N 176 
DGN HG2  H  N N 177 
DGN HG3  H  N N 178 
DGN HE21 H  N N 179 
DGN HE22 H  N N 180 
DIL N    N  N N 181 
DIL CA   C  N R 182 
DIL C    C  N N 183 
DIL O    O  N N 184 
DIL CB   C  N R 185 
DIL CG1  C  N N 186 
DIL CG2  C  N N 187 
DIL CD1  C  N N 188 
DIL OXT  O  N N 189 
DIL H    H  N N 190 
DIL H2   H  N N 191 
DIL HA   H  N N 192 
DIL HB   H  N N 193 
DIL HG12 H  N N 194 
DIL HG13 H  N N 195 
DIL HG21 H  N N 196 
DIL HG22 H  N N 197 
DIL HG23 H  N N 198 
DIL HD11 H  N N 199 
DIL HD12 H  N N 200 
DIL HD13 H  N N 201 
DIL HXT  H  N N 202 
DLE N    N  N N 203 
DLE CA   C  N R 204 
DLE CB   C  N N 205 
DLE CG   C  N N 206 
DLE CD1  C  N N 207 
DLE CD2  C  N N 208 
DLE C    C  N N 209 
DLE O    O  N N 210 
DLE OXT  O  N N 211 
DLE H    H  N N 212 
DLE H2   H  N N 213 
DLE HA   H  N N 214 
DLE HB2  H  N N 215 
DLE HB3  H  N N 216 
DLE HG   H  N N 217 
DLE HD11 H  N N 218 
DLE HD12 H  N N 219 
DLE HD13 H  N N 220 
DLE HD21 H  N N 221 
DLE HD22 H  N N 222 
DLE HD23 H  N N 223 
DLE HXT  H  N N 224 
DLY N    N  N N 225 
DLY CA   C  N R 226 
DLY C    C  N N 227 
DLY O    O  N N 228 
DLY CB   C  N N 229 
DLY CG   C  N N 230 
DLY CD   C  N N 231 
DLY CE   C  N N 232 
DLY NZ   N  N N 233 
DLY OXT  O  N N 234 
DLY H    H  N N 235 
DLY H2   H  N N 236 
DLY HA   H  N N 237 
DLY HB2  H  N N 238 
DLY HB3  H  N N 239 
DLY HG2  H  N N 240 
DLY HG3  H  N N 241 
DLY HD2  H  N N 242 
DLY HD3  H  N N 243 
DLY HE2  H  N N 244 
DLY HE3  H  N N 245 
DLY HZ1  H  N N 246 
DLY HZ2  H  N N 247 
DLY HXT  H  N N 248 
DSN N    N  N N 249 
DSN CA   C  N R 250 
DSN C    C  N N 251 
DSN O    O  N N 252 
DSN OXT  O  N N 253 
DSN CB   C  N N 254 
DSN OG   O  N N 255 
DSN H    H  N N 256 
DSN H2   H  N N 257 
DSN HA   H  N N 258 
DSN HXT  H  N N 259 
DSN HB2  H  N N 260 
DSN HB3  H  N N 261 
DSN HG   H  N N 262 
DTH N    N  N N 263 
DTH CA   C  N R 264 
DTH CB   C  N S 265 
DTH CG2  C  N N 266 
DTH OG1  O  N N 267 
DTH C    C  N N 268 
DTH O    O  N N 269 
DTH OXT  O  N N 270 
DTH H    H  N N 271 
DTH H2   H  N N 272 
DTH HA   H  N N 273 
DTH HB   H  N N 274 
DTH HG21 H  N N 275 
DTH HG22 H  N N 276 
DTH HG23 H  N N 277 
DTH HG1  H  N N 278 
DTH HXT  H  N N 279 
DTR N    N  N N 280 
DTR CA   C  N R 281 
DTR CB   C  N N 282 
DTR CG   C  Y N 283 
DTR CD1  C  Y N 284 
DTR NE1  N  Y N 285 
DTR CE2  C  Y N 286 
DTR CZ2  C  Y N 287 
DTR CH2  C  Y N 288 
DTR CZ3  C  Y N 289 
DTR CE3  C  Y N 290 
DTR CD2  C  Y N 291 
DTR C    C  N N 292 
DTR O    O  N N 293 
DTR OXT  O  N N 294 
DTR H    H  N N 295 
DTR H2   H  N N 296 
DTR HA   H  N N 297 
DTR HB2  H  N N 298 
DTR HB3  H  N N 299 
DTR HD1  H  N N 300 
DTR HE1  H  N N 301 
DTR HZ2  H  N N 302 
DTR HH2  H  N N 303 
DTR HZ3  H  N N 304 
DTR HE3  H  N N 305 
DTR HXT  H  N N 306 
F9D C    C  N N 307 
F9D O    O  N N 308 
F9D CA   C  N R 309 
F9D N    N  N N 310 
F9D CB   C  N N 311 
F9D CG   C  N N 312 
F9D CD   C  N N 313 
F9D HA   H  N N 314 
F9D H    H  N N 315 
F9D H2   H  N N 316 
F9D HB2  H  N N 317 
F9D HB3  H  N N 318 
F9D HG   H  N N 319 
F9D OXT  O  N N 320 
F9D HXT  H  N N 321 
GLN N    N  N N 322 
GLN CA   C  N S 323 
GLN C    C  N N 324 
GLN O    O  N N 325 
GLN CB   C  N N 326 
GLN CG   C  N N 327 
GLN CD   C  N N 328 
GLN OE1  O  N N 329 
GLN NE2  N  N N 330 
GLN OXT  O  N N 331 
GLN H    H  N N 332 
GLN H2   H  N N 333 
GLN HA   H  N N 334 
GLN HB2  H  N N 335 
GLN HB3  H  N N 336 
GLN HG2  H  N N 337 
GLN HG3  H  N N 338 
GLN HE21 H  N N 339 
GLN HE22 H  N N 340 
GLN HXT  H  N N 341 
GLU N    N  N N 342 
GLU CA   C  N S 343 
GLU C    C  N N 344 
GLU O    O  N N 345 
GLU CB   C  N N 346 
GLU CG   C  N N 347 
GLU CD   C  N N 348 
GLU OE1  O  N N 349 
GLU OE2  O  N N 350 
GLU OXT  O  N N 351 
GLU H    H  N N 352 
GLU H2   H  N N 353 
GLU HA   H  N N 354 
GLU HB2  H  N N 355 
GLU HB3  H  N N 356 
GLU HG2  H  N N 357 
GLU HG3  H  N N 358 
GLU HE2  H  N N 359 
GLU HXT  H  N N 360 
GLY N    N  N N 361 
GLY CA   C  N N 362 
GLY C    C  N N 363 
GLY O    O  N N 364 
GLY OXT  O  N N 365 
GLY H    H  N N 366 
GLY H2   H  N N 367 
GLY HA2  H  N N 368 
GLY HA3  H  N N 369 
GLY HXT  H  N N 370 
GOL C1   C  N N 371 
GOL O1   O  N N 372 
GOL C2   C  N N 373 
GOL O2   O  N N 374 
GOL C3   C  N N 375 
GOL O3   O  N N 376 
GOL H11  H  N N 377 
GOL H12  H  N N 378 
GOL HO1  H  N N 379 
GOL H2   H  N N 380 
GOL HO2  H  N N 381 
GOL H31  H  N N 382 
GOL H32  H  N N 383 
GOL HO3  H  N N 384 
HOH O    O  N N 385 
HOH H1   H  N N 386 
HOH H2   H  N N 387 
ILE N    N  N N 388 
ILE CA   C  N S 389 
ILE C    C  N N 390 
ILE O    O  N N 391 
ILE CB   C  N S 392 
ILE CG1  C  N N 393 
ILE CG2  C  N N 394 
ILE CD1  C  N N 395 
ILE OXT  O  N N 396 
ILE H    H  N N 397 
ILE H2   H  N N 398 
ILE HA   H  N N 399 
ILE HB   H  N N 400 
ILE HG12 H  N N 401 
ILE HG13 H  N N 402 
ILE HG21 H  N N 403 
ILE HG22 H  N N 404 
ILE HG23 H  N N 405 
ILE HD11 H  N N 406 
ILE HD12 H  N N 407 
ILE HD13 H  N N 408 
ILE HXT  H  N N 409 
LEU N    N  N N 410 
LEU CA   C  N S 411 
LEU C    C  N N 412 
LEU O    O  N N 413 
LEU CB   C  N N 414 
LEU CG   C  N N 415 
LEU CD1  C  N N 416 
LEU CD2  C  N N 417 
LEU OXT  O  N N 418 
LEU H    H  N N 419 
LEU H2   H  N N 420 
LEU HA   H  N N 421 
LEU HB2  H  N N 422 
LEU HB3  H  N N 423 
LEU HG   H  N N 424 
LEU HD11 H  N N 425 
LEU HD12 H  N N 426 
LEU HD13 H  N N 427 
LEU HD21 H  N N 428 
LEU HD22 H  N N 429 
LEU HD23 H  N N 430 
LEU HXT  H  N N 431 
LPH CD   C  N N 432 
LPH CG   C  N N 433 
LPH CB   C  N N 434 
LPH CA   C  N S 435 
LPH N    N  N N 436 
LPH C    C  N N 437 
LPH OXT  O  N N 438 
LPH O    O  N N 439 
LPH H1   H  N N 440 
LPH H4   H  N N 441 
LPH H3   H  N N 442 
LPH HA   H  N N 443 
LPH H    H  N N 444 
LPH H2   H  N N 445 
LPH HXT  H  N N 446 
LYS N    N  N N 447 
LYS CA   C  N S 448 
LYS C    C  N N 449 
LYS O    O  N N 450 
LYS CB   C  N N 451 
LYS CG   C  N N 452 
LYS CD   C  N N 453 
LYS CE   C  N N 454 
LYS NZ   N  N N 455 
LYS OXT  O  N N 456 
LYS H    H  N N 457 
LYS H2   H  N N 458 
LYS HA   H  N N 459 
LYS HB2  H  N N 460 
LYS HB3  H  N N 461 
LYS HG2  H  N N 462 
LYS HG3  H  N N 463 
LYS HD2  H  N N 464 
LYS HD3  H  N N 465 
LYS HE2  H  N N 466 
LYS HE3  H  N N 467 
LYS HZ1  H  N N 468 
LYS HZ2  H  N N 469 
LYS HZ3  H  N N 470 
LYS HXT  H  N N 471 
MED N    N  N N 472 
MED CA   C  N R 473 
MED C    C  N N 474 
MED O    O  N N 475 
MED CB   C  N N 476 
MED CG   C  N N 477 
MED SD   S  N N 478 
MED CE   C  N N 479 
MED OXT  O  N N 480 
MED H    H  N N 481 
MED H2   H  N N 482 
MED HA   H  N N 483 
MED HB2  H  N N 484 
MED HB3  H  N N 485 
MED HG2  H  N N 486 
MED HG3  H  N N 487 
MED HE1  H  N N 488 
MED HE2  H  N N 489 
MED HE3  H  N N 490 
MED HXT  H  N N 491 
MSE N    N  N N 492 
MSE CA   C  N S 493 
MSE C    C  N N 494 
MSE O    O  N N 495 
MSE OXT  O  N N 496 
MSE CB   C  N N 497 
MSE CG   C  N N 498 
MSE SE   SE N N 499 
MSE CE   C  N N 500 
MSE H    H  N N 501 
MSE H2   H  N N 502 
MSE HA   H  N N 503 
MSE HXT  H  N N 504 
MSE HB2  H  N N 505 
MSE HB3  H  N N 506 
MSE HG2  H  N N 507 
MSE HG3  H  N N 508 
MSE HE1  H  N N 509 
MSE HE2  H  N N 510 
MSE HE3  H  N N 511 
NH2 N    N  N N 512 
NH2 HN1  H  N N 513 
NH2 HN2  H  N N 514 
SER N    N  N N 515 
SER CA   C  N S 516 
SER C    C  N N 517 
SER O    O  N N 518 
SER CB   C  N N 519 
SER OG   O  N N 520 
SER OXT  O  N N 521 
SER H    H  N N 522 
SER H2   H  N N 523 
SER HA   H  N N 524 
SER HB2  H  N N 525 
SER HB3  H  N N 526 
SER HG   H  N N 527 
SER HXT  H  N N 528 
SO4 S    S  N N 529 
SO4 O1   O  N N 530 
SO4 O2   O  N N 531 
SO4 O3   O  N N 532 
SO4 O4   O  N N 533 
THR N    N  N N 534 
THR CA   C  N S 535 
THR C    C  N N 536 
THR O    O  N N 537 
THR CB   C  N R 538 
THR OG1  O  N N 539 
THR CG2  C  N N 540 
THR OXT  O  N N 541 
THR H    H  N N 542 
THR H2   H  N N 543 
THR HA   H  N N 544 
THR HB   H  N N 545 
THR HG1  H  N N 546 
THR HG21 H  N N 547 
THR HG22 H  N N 548 
THR HG23 H  N N 549 
THR HXT  H  N N 550 
TRP N    N  N N 551 
TRP CA   C  N S 552 
TRP C    C  N N 553 
TRP O    O  N N 554 
TRP CB   C  N N 555 
TRP CG   C  Y N 556 
TRP CD1  C  Y N 557 
TRP CD2  C  Y N 558 
TRP NE1  N  Y N 559 
TRP CE2  C  Y N 560 
TRP CE3  C  Y N 561 
TRP CZ2  C  Y N 562 
TRP CZ3  C  Y N 563 
TRP CH2  C  Y N 564 
TRP OXT  O  N N 565 
TRP H    H  N N 566 
TRP H2   H  N N 567 
TRP HA   H  N N 568 
TRP HB2  H  N N 569 
TRP HB3  H  N N 570 
TRP HD1  H  N N 571 
TRP HE1  H  N N 572 
TRP HE3  H  N N 573 
TRP HZ2  H  N N 574 
TRP HZ3  H  N N 575 
TRP HH2  H  N N 576 
TRP HXT  H  N N 577 
TYR N    N  N N 578 
TYR CA   C  N S 579 
TYR C    C  N N 580 
TYR O    O  N N 581 
TYR CB   C  N N 582 
TYR CG   C  Y N 583 
TYR CD1  C  Y N 584 
TYR CD2  C  Y N 585 
TYR CE1  C  Y N 586 
TYR CE2  C  Y N 587 
TYR CZ   C  Y N 588 
TYR OH   O  N N 589 
TYR OXT  O  N N 590 
TYR H    H  N N 591 
TYR H2   H  N N 592 
TYR HA   H  N N 593 
TYR HB2  H  N N 594 
TYR HB3  H  N N 595 
TYR HD1  H  N N 596 
TYR HD2  H  N N 597 
TYR HE1  H  N N 598 
TYR HE2  H  N N 599 
TYR HH   H  N N 600 
TYR HXT  H  N N 601 
# 
loop_
_chem_comp_bond.comp_id 
_chem_comp_bond.atom_id_1 
_chem_comp_bond.atom_id_2 
_chem_comp_bond.value_order 
_chem_comp_bond.pdbx_aromatic_flag 
_chem_comp_bond.pdbx_stereo_config 
_chem_comp_bond.pdbx_ordinal 
ALA N   CA   sing N N 1   
ALA N   H    sing N N 2   
ALA N   H2   sing N N 3   
ALA CA  C    sing N N 4   
ALA CA  CB   sing N N 5   
ALA CA  HA   sing N N 6   
ALA C   O    doub N N 7   
ALA C   OXT  sing N N 8   
ALA CB  HB1  sing N N 9   
ALA CB  HB2  sing N N 10  
ALA CB  HB3  sing N N 11  
ALA OXT HXT  sing N N 12  
ARG N   CA   sing N N 13  
ARG N   H    sing N N 14  
ARG N   H2   sing N N 15  
ARG CA  C    sing N N 16  
ARG CA  CB   sing N N 17  
ARG CA  HA   sing N N 18  
ARG C   O    doub N N 19  
ARG C   OXT  sing N N 20  
ARG CB  CG   sing N N 21  
ARG CB  HB2  sing N N 22  
ARG CB  HB3  sing N N 23  
ARG CG  CD   sing N N 24  
ARG CG  HG2  sing N N 25  
ARG CG  HG3  sing N N 26  
ARG CD  NE   sing N N 27  
ARG CD  HD2  sing N N 28  
ARG CD  HD3  sing N N 29  
ARG NE  CZ   sing N N 30  
ARG NE  HE   sing N N 31  
ARG CZ  NH1  sing N N 32  
ARG CZ  NH2  doub N N 33  
ARG NH1 HH11 sing N N 34  
ARG NH1 HH12 sing N N 35  
ARG NH2 HH21 sing N N 36  
ARG NH2 HH22 sing N N 37  
ARG OXT HXT  sing N N 38  
ASP N   CA   sing N N 39  
ASP N   H    sing N N 40  
ASP N   H2   sing N N 41  
ASP CA  C    sing N N 42  
ASP CA  CB   sing N N 43  
ASP CA  HA   sing N N 44  
ASP C   O    doub N N 45  
ASP C   OXT  sing N N 46  
ASP CB  CG   sing N N 47  
ASP CB  HB2  sing N N 48  
ASP CB  HB3  sing N N 49  
ASP CG  OD1  doub N N 50  
ASP CG  OD2  sing N N 51  
ASP OD2 HD2  sing N N 52  
ASP OXT HXT  sing N N 53  
CYS N   CA   sing N N 54  
CYS N   H    sing N N 55  
CYS N   H2   sing N N 56  
CYS CA  C    sing N N 57  
CYS CA  CB   sing N N 58  
CYS CA  HA   sing N N 59  
CYS C   O    doub N N 60  
CYS C   OXT  sing N N 61  
CYS CB  SG   sing N N 62  
CYS CB  HB2  sing N N 63  
CYS CB  HB3  sing N N 64  
CYS SG  HG   sing N N 65  
CYS OXT HXT  sing N N 66  
DAL N   CA   sing N N 67  
DAL N   H    sing N N 68  
DAL N   H2   sing N N 69  
DAL CA  CB   sing N N 70  
DAL CA  C    sing N N 71  
DAL CA  HA   sing N N 72  
DAL CB  HB1  sing N N 73  
DAL CB  HB2  sing N N 74  
DAL CB  HB3  sing N N 75  
DAL C   O    doub N N 76  
DAL C   OXT  sing N N 77  
DAL OXT HXT  sing N N 78  
DAR N   CA   sing N N 79  
DAR N   H    sing N N 80  
DAR N   H2   sing N N 81  
DAR CA  CB   sing N N 82  
DAR CA  C    sing N N 83  
DAR CA  HA   sing N N 84  
DAR CB  CG   sing N N 85  
DAR CB  HB2  sing N N 86  
DAR CB  HB3  sing N N 87  
DAR CG  CD   sing N N 88  
DAR CG  HG2  sing N N 89  
DAR CG  HG3  sing N N 90  
DAR CD  NE   sing N N 91  
DAR CD  HD2  sing N N 92  
DAR CD  HD3  sing N N 93  
DAR NE  CZ   sing N N 94  
DAR NE  HE   sing N N 95  
DAR CZ  NH1  sing N N 96  
DAR CZ  NH2  doub N N 97  
DAR NH1 HH11 sing N N 98  
DAR NH1 HH12 sing N N 99  
DAR NH2 HH21 sing N N 100 
DAR NH2 HH22 sing N N 101 
DAR C   O    doub N N 102 
DAR C   OXT  sing N N 103 
DAR OXT HXT  sing N N 104 
DAS N   CA   sing N N 105 
DAS N   H    sing N N 106 
DAS N   H2   sing N N 107 
DAS CA  C    sing N N 108 
DAS CA  CB   sing N N 109 
DAS CA  HA   sing N N 110 
DAS C   O    doub N N 111 
DAS C   OXT  sing N N 112 
DAS CB  CG   sing N N 113 
DAS CB  HB2  sing N N 114 
DAS CB  HB3  sing N N 115 
DAS CG  OD1  doub N N 116 
DAS CG  OD2  sing N N 117 
DAS OD2 HD2  sing N N 118 
DAS OXT HXT  sing N N 119 
DCY N   CA   sing N N 120 
DCY N   H    sing N N 121 
DCY N   H2   sing N N 122 
DCY CA  C    sing N N 123 
DCY CA  CB   sing N N 124 
DCY CA  HA   sing N N 125 
DCY C   O    doub N N 126 
DCY C   OXT  sing N N 127 
DCY CB  SG   sing N N 128 
DCY CB  HB2  sing N N 129 
DCY CB  HB3  sing N N 130 
DCY SG  HG   sing N N 131 
DCY OXT HXT  sing N N 132 
DGL N   CA   sing N N 133 
DGL N   H    sing N N 134 
DGL N   H2   sing N N 135 
DGL CA  C    sing N N 136 
DGL CA  CB   sing N N 137 
DGL CA  HA   sing N N 138 
DGL C   O    doub N N 139 
DGL C   OXT  sing N N 140 
DGL CB  CG   sing N N 141 
DGL CB  HB2  sing N N 142 
DGL CB  HB3  sing N N 143 
DGL CG  CD   sing N N 144 
DGL CG  HG2  sing N N 145 
DGL CG  HG3  sing N N 146 
DGL CD  OE1  doub N N 147 
DGL CD  OE2  sing N N 148 
DGL OE2 HE2  sing N N 149 
DGL OXT HXT  sing N N 150 
DGN N   CA   sing N N 151 
DGN N   H    sing N N 152 
DGN N   H2   sing N N 153 
DGN CA  C    sing N N 154 
DGN CA  CB   sing N N 155 
DGN CA  HA   sing N N 156 
DGN C   O    doub N N 157 
DGN C   OXT  sing N N 158 
DGN OXT HXT  sing N N 159 
DGN CB  CG   sing N N 160 
DGN CB  HB2  sing N N 161 
DGN CB  HB3  sing N N 162 
DGN CG  CD   sing N N 163 
DGN CG  HG2  sing N N 164 
DGN CG  HG3  sing N N 165 
DGN CD  OE1  doub N N 166 
DGN CD  NE2  sing N N 167 
DGN NE2 HE21 sing N N 168 
DGN NE2 HE22 sing N N 169 
DIL N   CA   sing N N 170 
DIL N   H    sing N N 171 
DIL N   H2   sing N N 172 
DIL CA  C    sing N N 173 
DIL CA  CB   sing N N 174 
DIL CA  HA   sing N N 175 
DIL C   O    doub N N 176 
DIL C   OXT  sing N N 177 
DIL CB  CG1  sing N N 178 
DIL CB  CG2  sing N N 179 
DIL CB  HB   sing N N 180 
DIL CG1 CD1  sing N N 181 
DIL CG1 HG12 sing N N 182 
DIL CG1 HG13 sing N N 183 
DIL CG2 HG21 sing N N 184 
DIL CG2 HG22 sing N N 185 
DIL CG2 HG23 sing N N 186 
DIL CD1 HD11 sing N N 187 
DIL CD1 HD12 sing N N 188 
DIL CD1 HD13 sing N N 189 
DIL OXT HXT  sing N N 190 
DLE N   CA   sing N N 191 
DLE N   H    sing N N 192 
DLE N   H2   sing N N 193 
DLE CA  CB   sing N N 194 
DLE CA  C    sing N N 195 
DLE CA  HA   sing N N 196 
DLE CB  CG   sing N N 197 
DLE CB  HB2  sing N N 198 
DLE CB  HB3  sing N N 199 
DLE CG  CD1  sing N N 200 
DLE CG  CD2  sing N N 201 
DLE CG  HG   sing N N 202 
DLE CD1 HD11 sing N N 203 
DLE CD1 HD12 sing N N 204 
DLE CD1 HD13 sing N N 205 
DLE CD2 HD21 sing N N 206 
DLE CD2 HD22 sing N N 207 
DLE CD2 HD23 sing N N 208 
DLE C   O    doub N N 209 
DLE C   OXT  sing N N 210 
DLE OXT HXT  sing N N 211 
DLY N   CA   sing N N 212 
DLY N   H    sing N N 213 
DLY N   H2   sing N N 214 
DLY CA  C    sing N N 215 
DLY CA  CB   sing N N 216 
DLY CA  HA   sing N N 217 
DLY C   O    doub N N 218 
DLY C   OXT  sing N N 219 
DLY CB  CG   sing N N 220 
DLY CB  HB2  sing N N 221 
DLY CB  HB3  sing N N 222 
DLY CG  CD   sing N N 223 
DLY CG  HG2  sing N N 224 
DLY CG  HG3  sing N N 225 
DLY CD  CE   sing N N 226 
DLY CD  HD2  sing N N 227 
DLY CD  HD3  sing N N 228 
DLY CE  NZ   sing N N 229 
DLY CE  HE2  sing N N 230 
DLY CE  HE3  sing N N 231 
DLY NZ  HZ1  sing N N 232 
DLY NZ  HZ2  sing N N 233 
DLY OXT HXT  sing N N 234 
DSN N   CA   sing N N 235 
DSN N   H    sing N N 236 
DSN N   H2   sing N N 237 
DSN CA  C    sing N N 238 
DSN CA  CB   sing N N 239 
DSN CA  HA   sing N N 240 
DSN C   O    doub N N 241 
DSN C   OXT  sing N N 242 
DSN OXT HXT  sing N N 243 
DSN CB  OG   sing N N 244 
DSN CB  HB2  sing N N 245 
DSN CB  HB3  sing N N 246 
DSN OG  HG   sing N N 247 
DTH N   CA   sing N N 248 
DTH N   H    sing N N 249 
DTH N   H2   sing N N 250 
DTH CA  CB   sing N N 251 
DTH CA  C    sing N N 252 
DTH CA  HA   sing N N 253 
DTH CB  CG2  sing N N 254 
DTH CB  OG1  sing N N 255 
DTH CB  HB   sing N N 256 
DTH CG2 HG21 sing N N 257 
DTH CG2 HG22 sing N N 258 
DTH CG2 HG23 sing N N 259 
DTH OG1 HG1  sing N N 260 
DTH C   O    doub N N 261 
DTH C   OXT  sing N N 262 
DTH OXT HXT  sing N N 263 
DTR N   CA   sing N N 264 
DTR N   H    sing N N 265 
DTR N   H2   sing N N 266 
DTR CA  CB   sing N N 267 
DTR CA  C    sing N N 268 
DTR CA  HA   sing N N 269 
DTR CB  CG   sing N N 270 
DTR CB  HB2  sing N N 271 
DTR CB  HB3  sing N N 272 
DTR CG  CD1  doub Y N 273 
DTR CG  CD2  sing Y N 274 
DTR CD1 NE1  sing Y N 275 
DTR CD1 HD1  sing N N 276 
DTR NE1 CE2  sing Y N 277 
DTR NE1 HE1  sing N N 278 
DTR CE2 CZ2  doub Y N 279 
DTR CE2 CD2  sing Y N 280 
DTR CZ2 CH2  sing Y N 281 
DTR CZ2 HZ2  sing N N 282 
DTR CH2 CZ3  doub Y N 283 
DTR CH2 HH2  sing N N 284 
DTR CZ3 CE3  sing Y N 285 
DTR CZ3 HZ3  sing N N 286 
DTR CE3 CD2  doub Y N 287 
DTR CE3 HE3  sing N N 288 
DTR C   O    doub N N 289 
DTR C   OXT  sing N N 290 
DTR OXT HXT  sing N N 291 
F9D CD  CG   trip N N 292 
F9D CG  CB   sing N N 293 
F9D CB  CA   sing N N 294 
F9D N   CA   sing N N 295 
F9D CA  C    sing N N 296 
F9D C   O    doub N N 297 
F9D CA  HA   sing N N 298 
F9D N   H    sing N N 299 
F9D N   H2   sing N N 300 
F9D CB  HB2  sing N N 301 
F9D CB  HB3  sing N N 302 
F9D CD  HG   sing N N 303 
F9D C   OXT  sing N N 304 
F9D OXT HXT  sing N N 305 
GLN N   CA   sing N N 306 
GLN N   H    sing N N 307 
GLN N   H2   sing N N 308 
GLN CA  C    sing N N 309 
GLN CA  CB   sing N N 310 
GLN CA  HA   sing N N 311 
GLN C   O    doub N N 312 
GLN C   OXT  sing N N 313 
GLN CB  CG   sing N N 314 
GLN CB  HB2  sing N N 315 
GLN CB  HB3  sing N N 316 
GLN CG  CD   sing N N 317 
GLN CG  HG2  sing N N 318 
GLN CG  HG3  sing N N 319 
GLN CD  OE1  doub N N 320 
GLN CD  NE2  sing N N 321 
GLN NE2 HE21 sing N N 322 
GLN NE2 HE22 sing N N 323 
GLN OXT HXT  sing N N 324 
GLU N   CA   sing N N 325 
GLU N   H    sing N N 326 
GLU N   H2   sing N N 327 
GLU CA  C    sing N N 328 
GLU CA  CB   sing N N 329 
GLU CA  HA   sing N N 330 
GLU C   O    doub N N 331 
GLU C   OXT  sing N N 332 
GLU CB  CG   sing N N 333 
GLU CB  HB2  sing N N 334 
GLU CB  HB3  sing N N 335 
GLU CG  CD   sing N N 336 
GLU CG  HG2  sing N N 337 
GLU CG  HG3  sing N N 338 
GLU CD  OE1  doub N N 339 
GLU CD  OE2  sing N N 340 
GLU OE2 HE2  sing N N 341 
GLU OXT HXT  sing N N 342 
GLY N   CA   sing N N 343 
GLY N   H    sing N N 344 
GLY N   H2   sing N N 345 
GLY CA  C    sing N N 346 
GLY CA  HA2  sing N N 347 
GLY CA  HA3  sing N N 348 
GLY C   O    doub N N 349 
GLY C   OXT  sing N N 350 
GLY OXT HXT  sing N N 351 
GOL C1  O1   sing N N 352 
GOL C1  C2   sing N N 353 
GOL C1  H11  sing N N 354 
GOL C1  H12  sing N N 355 
GOL O1  HO1  sing N N 356 
GOL C2  O2   sing N N 357 
GOL C2  C3   sing N N 358 
GOL C2  H2   sing N N 359 
GOL O2  HO2  sing N N 360 
GOL C3  O3   sing N N 361 
GOL C3  H31  sing N N 362 
GOL C3  H32  sing N N 363 
GOL O3  HO3  sing N N 364 
HOH O   H1   sing N N 365 
HOH O   H2   sing N N 366 
ILE N   CA   sing N N 367 
ILE N   H    sing N N 368 
ILE N   H2   sing N N 369 
ILE CA  C    sing N N 370 
ILE CA  CB   sing N N 371 
ILE CA  HA   sing N N 372 
ILE C   O    doub N N 373 
ILE C   OXT  sing N N 374 
ILE CB  CG1  sing N N 375 
ILE CB  CG2  sing N N 376 
ILE CB  HB   sing N N 377 
ILE CG1 CD1  sing N N 378 
ILE CG1 HG12 sing N N 379 
ILE CG1 HG13 sing N N 380 
ILE CG2 HG21 sing N N 381 
ILE CG2 HG22 sing N N 382 
ILE CG2 HG23 sing N N 383 
ILE CD1 HD11 sing N N 384 
ILE CD1 HD12 sing N N 385 
ILE CD1 HD13 sing N N 386 
ILE OXT HXT  sing N N 387 
LEU N   CA   sing N N 388 
LEU N   H    sing N N 389 
LEU N   H2   sing N N 390 
LEU CA  C    sing N N 391 
LEU CA  CB   sing N N 392 
LEU CA  HA   sing N N 393 
LEU C   O    doub N N 394 
LEU C   OXT  sing N N 395 
LEU CB  CG   sing N N 396 
LEU CB  HB2  sing N N 397 
LEU CB  HB3  sing N N 398 
LEU CG  CD1  sing N N 399 
LEU CG  CD2  sing N N 400 
LEU CG  HG   sing N N 401 
LEU CD1 HD11 sing N N 402 
LEU CD1 HD12 sing N N 403 
LEU CD1 HD13 sing N N 404 
LEU CD2 HD21 sing N N 405 
LEU CD2 HD22 sing N N 406 
LEU CD2 HD23 sing N N 407 
LEU OXT HXT  sing N N 408 
LPH N   CA   sing N N 409 
LPH O   C    doub N N 410 
LPH CA  C    sing N N 411 
LPH CA  CB   sing N N 412 
LPH C   OXT  sing N N 413 
LPH CD  CG   trip N N 414 
LPH CG  CB   sing N N 415 
LPH CD  H1   sing N N 416 
LPH CB  H4   sing N N 417 
LPH CB  H3   sing N N 418 
LPH CA  HA   sing N N 419 
LPH N   H    sing N N 420 
LPH N   H2   sing N N 421 
LPH OXT HXT  sing N N 422 
LYS N   CA   sing N N 423 
LYS N   H    sing N N 424 
LYS N   H2   sing N N 425 
LYS CA  C    sing N N 426 
LYS CA  CB   sing N N 427 
LYS CA  HA   sing N N 428 
LYS C   O    doub N N 429 
LYS C   OXT  sing N N 430 
LYS CB  CG   sing N N 431 
LYS CB  HB2  sing N N 432 
LYS CB  HB3  sing N N 433 
LYS CG  CD   sing N N 434 
LYS CG  HG2  sing N N 435 
LYS CG  HG3  sing N N 436 
LYS CD  CE   sing N N 437 
LYS CD  HD2  sing N N 438 
LYS CD  HD3  sing N N 439 
LYS CE  NZ   sing N N 440 
LYS CE  HE2  sing N N 441 
LYS CE  HE3  sing N N 442 
LYS NZ  HZ1  sing N N 443 
LYS NZ  HZ2  sing N N 444 
LYS NZ  HZ3  sing N N 445 
LYS OXT HXT  sing N N 446 
MED N   CA   sing N N 447 
MED N   H    sing N N 448 
MED N   H2   sing N N 449 
MED CA  C    sing N N 450 
MED CA  CB   sing N N 451 
MED CA  HA   sing N N 452 
MED C   O    doub N N 453 
MED C   OXT  sing N N 454 
MED CB  CG   sing N N 455 
MED CB  HB2  sing N N 456 
MED CB  HB3  sing N N 457 
MED CG  SD   sing N N 458 
MED CG  HG2  sing N N 459 
MED CG  HG3  sing N N 460 
MED SD  CE   sing N N 461 
MED CE  HE1  sing N N 462 
MED CE  HE2  sing N N 463 
MED CE  HE3  sing N N 464 
MED OXT HXT  sing N N 465 
MSE N   CA   sing N N 466 
MSE N   H    sing N N 467 
MSE N   H2   sing N N 468 
MSE CA  C    sing N N 469 
MSE CA  CB   sing N N 470 
MSE CA  HA   sing N N 471 
MSE C   O    doub N N 472 
MSE C   OXT  sing N N 473 
MSE OXT HXT  sing N N 474 
MSE CB  CG   sing N N 475 
MSE CB  HB2  sing N N 476 
MSE CB  HB3  sing N N 477 
MSE CG  SE   sing N N 478 
MSE CG  HG2  sing N N 479 
MSE CG  HG3  sing N N 480 
MSE SE  CE   sing N N 481 
MSE CE  HE1  sing N N 482 
MSE CE  HE2  sing N N 483 
MSE CE  HE3  sing N N 484 
NH2 N   HN1  sing N N 485 
NH2 N   HN2  sing N N 486 
SER N   CA   sing N N 487 
SER N   H    sing N N 488 
SER N   H2   sing N N 489 
SER CA  C    sing N N 490 
SER CA  CB   sing N N 491 
SER CA  HA   sing N N 492 
SER C   O    doub N N 493 
SER C   OXT  sing N N 494 
SER CB  OG   sing N N 495 
SER CB  HB2  sing N N 496 
SER CB  HB3  sing N N 497 
SER OG  HG   sing N N 498 
SER OXT HXT  sing N N 499 
SO4 S   O1   doub N N 500 
SO4 S   O2   doub N N 501 
SO4 S   O3   sing N N 502 
SO4 S   O4   sing N N 503 
THR N   CA   sing N N 504 
THR N   H    sing N N 505 
THR N   H2   sing N N 506 
THR CA  C    sing N N 507 
THR CA  CB   sing N N 508 
THR CA  HA   sing N N 509 
THR C   O    doub N N 510 
THR C   OXT  sing N N 511 
THR CB  OG1  sing N N 512 
THR CB  CG2  sing N N 513 
THR CB  HB   sing N N 514 
THR OG1 HG1  sing N N 515 
THR CG2 HG21 sing N N 516 
THR CG2 HG22 sing N N 517 
THR CG2 HG23 sing N N 518 
THR OXT HXT  sing N N 519 
TRP N   CA   sing N N 520 
TRP N   H    sing N N 521 
TRP N   H2   sing N N 522 
TRP CA  C    sing N N 523 
TRP CA  CB   sing N N 524 
TRP CA  HA   sing N N 525 
TRP C   O    doub N N 526 
TRP C   OXT  sing N N 527 
TRP CB  CG   sing N N 528 
TRP CB  HB2  sing N N 529 
TRP CB  HB3  sing N N 530 
TRP CG  CD1  doub Y N 531 
TRP CG  CD2  sing Y N 532 
TRP CD1 NE1  sing Y N 533 
TRP CD1 HD1  sing N N 534 
TRP CD2 CE2  doub Y N 535 
TRP CD2 CE3  sing Y N 536 
TRP NE1 CE2  sing Y N 537 
TRP NE1 HE1  sing N N 538 
TRP CE2 CZ2  sing Y N 539 
TRP CE3 CZ3  doub Y N 540 
TRP CE3 HE3  sing N N 541 
TRP CZ2 CH2  doub Y N 542 
TRP CZ2 HZ2  sing N N 543 
TRP CZ3 CH2  sing Y N 544 
TRP CZ3 HZ3  sing N N 545 
TRP CH2 HH2  sing N N 546 
TRP OXT HXT  sing N N 547 
TYR N   CA   sing N N 548 
TYR N   H    sing N N 549 
TYR N   H2   sing N N 550 
TYR CA  C    sing N N 551 
TYR CA  CB   sing N N 552 
TYR CA  HA   sing N N 553 
TYR C   O    doub N N 554 
TYR C   OXT  sing N N 555 
TYR CB  CG   sing N N 556 
TYR CB  HB2  sing N N 557 
TYR CB  HB3  sing N N 558 
TYR CG  CD1  doub Y N 559 
TYR CG  CD2  sing Y N 560 
TYR CD1 CE1  sing Y N 561 
TYR CD1 HD1  sing N N 562 
TYR CD2 CE2  doub Y N 563 
TYR CD2 HD2  sing N N 564 
TYR CE1 CZ   doub Y N 565 
TYR CE1 HE1  sing N N 566 
TYR CE2 CZ   sing Y N 567 
TYR CE2 HE2  sing N N 568 
TYR CZ  OH   sing N N 569 
TYR OH  HH   sing N N 570 
TYR OXT HXT  sing N N 571 
# 
_atom_sites.entry_id                    6CNU 
_atom_sites.Cartn_transf_matrix[1][1]   ? 
_atom_sites.Cartn_transf_matrix[1][2]   ? 
_atom_sites.Cartn_transf_matrix[1][3]   ? 
_atom_sites.Cartn_transf_matrix[2][1]   ? 
_atom_sites.Cartn_transf_matrix[2][2]   ? 
_atom_sites.Cartn_transf_matrix[2][3]   ? 
_atom_sites.Cartn_transf_matrix[3][1]   ? 
_atom_sites.Cartn_transf_matrix[3][2]   ? 
_atom_sites.Cartn_transf_matrix[3][3]   ? 
_atom_sites.Cartn_transf_vector[1]      ? 
_atom_sites.Cartn_transf_vector[2]      ? 
_atom_sites.Cartn_transf_vector[3]      ? 
_atom_sites.fract_transf_matrix[1][1]   -0.02963254 
_atom_sites.fract_transf_matrix[1][2]   -0.00909900 
_atom_sites.fract_transf_matrix[1][3]   0.00217286 
_atom_sites.fract_transf_matrix[2][1]   -0.02229974 
_atom_sites.fract_transf_matrix[2][2]   0.02090164 
_atom_sites.fract_transf_matrix[2][3]   0.00560684 
_atom_sites.fract_transf_matrix[3][1]   -0.00178501 
_atom_sites.fract_transf_matrix[3][2]   0.00217850 
_atom_sites.fract_transf_matrix[3][3]   -0.01522062 
_atom_sites.fract_transf_vector[1]      0.335910 
_atom_sites.fract_transf_vector[2]      0.161979 
_atom_sites.fract_transf_vector[3]      1.249170 
_atom_sites.solution_primary            ? 
_atom_sites.solution_secondary          ? 
_atom_sites.solution_hydrogens          ? 
_atom_sites.special_details             ? 
# 
loop_
_atom_type.symbol 
BR 
C  
N  
O  
S  
SE 
# 
loop_
_atom_site.group_PDB 
_atom_site.id 
_atom_site.type_symbol 
_atom_site.label_atom_id 
_atom_site.label_alt_id 
_atom_site.label_comp_id 
_atom_site.label_asym_id 
_atom_site.label_entity_id 
_atom_site.label_seq_id 
_atom_site.pdbx_PDB_ins_code 
_atom_site.Cartn_x 
_atom_site.Cartn_y 
_atom_site.Cartn_z 
_atom_site.occupancy 
_atom_site.B_iso_or_equiv 
_atom_site.pdbx_formal_charge 
_atom_site.auth_seq_id 
_atom_site.auth_comp_id 
_atom_site.auth_asym_id 
_atom_site.auth_atom_id 
_atom_site.pdbx_PDB_model_num 
HETATM 1   N  N   . DGL A 1 1  ? -8.860  -7.900  2.557   1.00 14.05  ? 1   DGL A N   1 
HETATM 2   C  CA  . DGL A 1 1  ? -7.417  -7.523  2.543   1.00 11.95  ? 1   DGL A CA  1 
HETATM 3   C  C   . DGL A 1 1  ? -6.683  -8.386  1.536   1.00 9.73   ? 1   DGL A C   1 
HETATM 4   O  O   . DGL A 1 1  ? -7.135  -8.486  0.394   1.00 10.91  ? 1   DGL A O   1 
HETATM 5   C  CB  . DGL A 1 1  ? -7.326  -6.049  2.137   1.00 14.58  ? 1   DGL A CB  1 
HETATM 6   C  CG  . DGL A 1 1  ? -7.361  -4.998  3.248   1.00 18.64  ? 1   DGL A CG  1 
HETATM 7   C  CD  . DGL A 1 1  ? -6.759  -3.742  2.632   1.00 24.98  ? 1   DGL A CD  1 
HETATM 8   O  OE1 . DGL A 1 1  ? -5.616  -3.301  2.961   1.00 28.54  ? 1   DGL A OE1 1 
HETATM 9   O  OE2 . DGL A 1 1  ? -7.427  -3.199  1.720   1.00 30.12  ? 1   DGL A OE2 1 
HETATM 10  C  C   A F9D A 1 2  ? -4.075  -9.234  0.044   0.50 8.59   ? 2   F9D A C   1 
HETATM 11  C  C   B F9D A 1 2  ? -3.571  -9.110  0.527   0.50 11.43  ? 2   F9D A C   1 
HETATM 12  O  O   A F9D A 1 2  ? -3.674  -9.914  -0.899  0.50 8.82   ? 2   F9D A O   1 
HETATM 13  O  O   B F9D A 1 2  ? -2.372  -8.999  0.871   0.50 10.81  ? 2   F9D A O   1 
HETATM 14  C  CA  A F9D A 1 2  ? -4.998  -9.907  1.042   0.50 8.69   ? 2   F9D A CA  1 
HETATM 15  C  CA  B F9D A 1 2  ? -4.741  -9.827  1.165   0.50 8.95   ? 2   F9D A CA  1 
HETATM 16  N  N   A F9D A 1 2  ? -5.623  -8.946  1.953   0.50 8.63   ? 2   F9D A N   1 
HETATM 17  N  N   B F9D A 1 2  ? -5.603  -8.933  1.952   0.50 8.79   ? 2   F9D A N   1 
HETATM 18  C  CB  A F9D A 1 2  ? -4.226  -10.962 1.822   0.50 9.15   ? 2   F9D A CB  1 
HETATM 19  C  CB  B F9D A 1 2  ? -4.193  -10.985 1.955   0.50 9.12   ? 2   F9D A CB  1 
HETATM 20  C  CG  A F9D A 1 2  ? -3.241  -10.348 2.703   0.50 9.15   ? 2   F9D A CG  1 
HETATM 21  C  CG  B F9D A 1 2  ? -3.203  -10.471 2.888   0.50 9.32   ? 2   F9D A CG  1 
HETATM 22  C  CD  A F9D A 1 2  ? -2.364  -9.833  3.444   0.50 12.58  ? 2   F9D A CD  1 
HETATM 23  C  CD  B F9D A 1 2  ? -2.343  -10.073 3.716   0.50 12.55  ? 2   F9D A CD  1 
HETATM 24  N  N   . DCY A 1 3  ? -3.771  -8.003  0.064   1.00 11.16  ? 3   DCY A N   1 
HETATM 25  C  CA  . DCY A 1 3  ? -2.901  -7.269  -0.818  1.00 12.37  ? 3   DCY A CA  1 
HETATM 26  C  C   . DCY A 1 3  ? -3.598  -7.092  -2.134  1.00 11.28  ? 3   DCY A C   1 
HETATM 27  O  O   . DCY A 1 3  ? -4.817  -7.239  -2.272  1.00 12.54  ? 3   DCY A O   1 
HETATM 28  C  CB  . DCY A 1 3  ? -2.454  -6.008  -0.071  1.00 13.73  ? 3   DCY A CB  1 
HETATM 29  S  SG  . DCY A 1 3  ? -3.800  -5.047  0.615   1.00 15.57  ? 3   DCY A SG  1 
HETATM 30  N  N   . DGN A 1 4  ? -2.785  -6.807  -3.140  1.00 10.68  ? 4   DGN A N   1 
HETATM 31  C  CA  . DGN A 1 4  ? -3.266  -6.755  -4.519  1.00 10.20  ? 4   DGN A CA  1 
HETATM 32  C  C   . DGN A 1 4  ? -3.904  -5.407  -4.810  1.00 10.16  ? 4   DGN A C   1 
HETATM 33  O  O   . DGN A 1 4  ? -3.440  -4.358  -4.356  1.00 10.91  ? 4   DGN A O   1 
HETATM 34  C  CB  . DGN A 1 4  ? -2.144  -7.022  -5.531  1.00 9.95   ? 4   DGN A CB  1 
HETATM 35  C  CG  . DGN A 1 4  ? -1.464  -8.381  -5.409  1.00 10.60  ? 4   DGN A CG  1 
HETATM 36  C  CD  . DGN A 1 4  ? -2.365  -9.451  -6.023  1.00 12.49  ? 4   DGN A CD  1 
HETATM 37  O  OE1 . DGN A 1 4  ? -2.407  -9.755  -7.208  1.00 17.41  ? 4   DGN A OE1 1 
HETATM 38  N  NE2 . DGN A 1 4  ? -3.118  -10.021 -5.180  1.00 13.04  ? 4   DGN A NE2 1 
HETATM 39  N  N   . DLY A 1 5  ? -4.977  -5.442  -5.608  1.00 11.56  ? 5   DLY A N   1 
HETATM 40  C  CA  . DLY A 1 5  ? -5.818  -4.281  -5.937  1.00 12.30  ? 5   DLY A CA  1 
HETATM 41  C  C   . DLY A 1 5  ? -5.289  -3.517  -7.098  1.00 10.91  ? 5   DLY A C   1 
HETATM 42  O  O   . DLY A 1 5  ? -4.453  -3.990  -7.871  1.00 10.99  ? 5   DLY A O   1 
HETATM 43  C  CB  . DLY A 1 5  ? -7.262  -4.675  -6.366  1.00 15.55  ? 5   DLY A CB  1 
HETATM 44  C  CG  . DLY A 1 5  ? -7.925  -5.749  -5.569  1.00 16.60  ? 5   DLY A CG  1 
HETATM 45  C  CD  . DLY A 1 5  ? -7.765  -5.452  -4.084  1.00 16.98  ? 5   DLY A CD  1 
HETATM 46  C  CE  . DLY A 1 5  ? -8.036  -6.764  -3.369  1.00 18.16  ? 5   DLY A CE  1 
HETATM 47  N  NZ  . DLY A 1 5  ? -7.745  -6.655  -1.930  1.00 13.54  ? 5   DLY A NZ  1 
HETATM 48  N  N   . DTR A 1 6  ? -5.848  -2.327  -7.277  1.00 12.40  ? 6   DTR A N   1 
HETATM 49  C  CA  . DTR A 1 6  ? -5.535  -1.518  -8.442  1.00 12.65  ? 6   DTR A CA  1 
HETATM 50  C  CB  . DTR A 1 6  ? -6.498  -0.369  -8.405  1.00 13.23  ? 6   DTR A CB  1 
HETATM 51  C  CG  . DTR A 1 6  ? -6.228  0.695   -9.403  1.00 13.41  ? 6   DTR A CG  1 
HETATM 52  C  CD1 . DTR A 1 6  ? -5.050  1.187   -9.932  1.00 14.24  ? 6   DTR A CD1 1 
HETATM 53  N  NE1 . DTR A 1 6  ? -5.322  2.180   -10.803 1.00 14.53  ? 6   DTR A NE1 1 
HETATM 54  C  CE2 . DTR A 1 6  ? -6.640  2.389   -10.877 1.00 14.73  ? 6   DTR A CE2 1 
HETATM 55  C  CZ2 . DTR A 1 6  ? -7.430  3.275   -11.582 1.00 16.17  ? 6   DTR A CZ2 1 
HETATM 56  C  CH2 . DTR A 1 6  ? -8.821  3.235   -11.430 1.00 17.89  ? 6   DTR A CH2 1 
HETATM 57  C  CZ3 . DTR A 1 6  ? -9.464  2.330   -10.578 1.00 15.91  ? 6   DTR A CZ3 1 
HETATM 58  C  CE3 . DTR A 1 6  ? -8.708  1.422   -9.844  1.00 13.61  ? 6   DTR A CE3 1 
HETATM 59  C  CD2 . DTR A 1 6  ? -7.320  1.444   -9.997  1.00 13.20  ? 6   DTR A CD2 1 
HETATM 60  C  C   . DTR A 1 6  ? -5.714  -2.331  -9.694  1.00 11.79  ? 6   DTR A C   1 
HETATM 61  O  O   . DTR A 1 6  ? -6.758  -2.954  -9.888  1.00 12.70  ? 6   DTR A O   1 
HETATM 62  N  N   . MED A 1 7  ? -4.698  -2.330  -10.557 1.00 11.95  ? 7   MED A N   1 
HETATM 63  C  CA  . MED A 1 7  ? -4.684  -3.018  -11.845 1.00 12.59  ? 7   MED A CA  1 
HETATM 64  C  C   . MED A 1 7  ? -4.432  -4.515  -11.790 1.00 12.24  ? 7   MED A C   1 
HETATM 65  O  O   . MED A 1 7  ? -4.376  -5.154  -12.840 1.00 16.64  ? 7   MED A O   1 
HETATM 66  C  CB  . MED A 1 7  ? -5.894  -2.667  -12.742 1.00 14.30  ? 7   MED A CB  1 
HETATM 67  C  CG  . MED A 1 7  ? -6.119  -1.155  -12.940 1.00 17.40  ? 7   MED A CG  1 
HETATM 68  S  SD  . MED A 1 7  ? -4.776  -0.265  -13.700 1.00 21.58  ? 7   MED A SD  1 
HETATM 69  C  CE  . MED A 1 7  ? -4.304  -1.284  -15.062 1.00 22.68  ? 7   MED A CE  1 
HETATM 70  N  N   . DTR A 1 8  ? -4.219  -5.078  -10.600 1.00 11.22  ? 8   DTR A N   1 
HETATM 71  C  CA  . DTR A 1 8  ? -3.874  -6.476  -10.472 1.00 11.72  ? 8   DTR A CA  1 
HETATM 72  C  CB  . DTR A 1 8  ? -4.304  -7.013  -9.135  1.00 11.95  ? 8   DTR A CB  1 
HETATM 73  C  CG  . DTR A 1 8  ? -5.782  -7.189  -9.136  1.00 13.70  ? 8   DTR A CG  1 
HETATM 74  C  CD1 . DTR A 1 8  ? -6.753  -6.683  -10.003 1.00 14.17  ? 8   DTR A CD1 1 
HETATM 75  N  NE1 . DTR A 1 8  ? -7.982  -7.111  -9.614  1.00 15.04  ? 8   DTR A NE1 1 
HETATM 76  C  CE2 . DTR A 1 8  ? -7.900  -7.897  -8.528  1.00 14.65  ? 8   DTR A CE2 1 
HETATM 77  C  CZ2 . DTR A 1 8  ? -8.844  -8.579  -7.766  1.00 15.36  ? 8   DTR A CZ2 1 
HETATM 78  C  CH2 . DTR A 1 8  ? -8.428  -9.330  -6.659  1.00 15.82  ? 8   DTR A CH2 1 
HETATM 79  C  CZ3 . DTR A 1 8  ? -7.074  -9.412  -6.308  1.00 15.38  ? 8   DTR A CZ3 1 
HETATM 80  C  CE3 . DTR A 1 8  ? -6.089  -8.753  -7.047  1.00 13.96  ? 8   DTR A CE3 1 
HETATM 81  C  CD2 . DTR A 1 8  ? -6.490  -7.984  -8.137  1.00 13.48  ? 8   DTR A CD2 1 
HETATM 82  C  C   . DTR A 1 8  ? -2.400  -6.665  -10.537 1.00 11.14  ? 8   DTR A C   1 
HETATM 83  O  O   . DTR A 1 8  ? -1.607  -5.776  -10.175 1.00 10.61  ? 8   DTR A O   1 
HETATM 84  N  N   A DTH A 1 9  ? -1.984  -7.844  -10.992 0.50 12.12  ? 9   DTH A N   1 
HETATM 85  N  N   B DTH A 1 9  ? -2.010  -7.862  -10.975 0.50 12.18  ? 9   DTH A N   1 
HETATM 86  C  CA  A DTH A 1 9  ? -0.559  -8.145  -11.067 0.50 11.88  ? 9   DTH A CA  1 
HETATM 87  C  CA  B DTH A 1 9  ? -0.616  -8.283  -11.016 0.50 12.05  ? 9   DTH A CA  1 
HETATM 88  C  CB  A DTH A 1 9  ? -0.250  -9.457  -11.776 0.50 15.43  ? 9   DTH A CB  1 
HETATM 89  C  CB  B DTH A 1 9  ? -0.606  -9.728  -11.525 0.50 15.31  ? 9   DTH A CB  1 
HETATM 90  C  CG2 A DTH A 1 9  ? -0.405  -9.329  -13.286 0.50 17.58  ? 9   DTH A CG2 1 
HETATM 91  C  CG2 B DTH A 1 9  ? 0.794   -10.322 -11.530 0.50 16.90  ? 9   DTH A CG2 1 
HETATM 92  O  OG1 A DTH A 1 9  ? -1.125  -10.445 -11.246 0.50 16.22  ? 9   DTH A OG1 1 
HETATM 93  O  OG1 B DTH A 1 9  ? -1.166  -9.760  -12.844 0.50 18.05  ? 9   DTH A OG1 1 
HETATM 94  C  C   A DTH A 1 9  ? 0.019   -8.170  -9.674  0.50 10.57  ? 9   DTH A C   1 
HETATM 95  C  C   B DTH A 1 9  ? 0.014   -8.193  -9.644  0.50 10.60  ? 9   DTH A C   1 
HETATM 96  O  O   A DTH A 1 9  ? -0.668  -8.458  -8.690  0.50 11.78  ? 9   DTH A O   1 
HETATM 97  O  O   B DTH A 1 9  ? -0.652  -8.424  -8.631  0.50 11.49  ? 9   DTH A O   1 
HETATM 98  N  N   . DCY A 1 10 ? 1.304   -7.870  -9.582  1.00 9.84   ? 10  DCY A N   1 
HETATM 99  C  CA  . DCY A 1 10 ? 1.971   -7.743  -8.277  1.00 8.60   ? 10  DCY A CA  1 
HETATM 100 C  C   . DCY A 1 10 ? 3.436   -8.065  -8.396  1.00 8.67   ? 10  DCY A C   1 
HETATM 101 O  O   . DCY A 1 10 ? 3.997   -8.038  -9.488  1.00 10.13  ? 10  DCY A O   1 
HETATM 102 C  CB  . DCY A 1 10 ? 1.740   -6.342  -7.723  1.00 8.50   ? 10  DCY A CB  1 
HETATM 103 S  SG  . DCY A 1 10 ? 2.275   -5.041  -8.866  1.00 8.32   ? 10  DCY A SG  1 
HETATM 104 N  N   . DAS A 1 11 ? 4.049   -8.386  -7.266  1.00 8.41   ? 11  DAS A N   1 
HETATM 105 C  CA  . DAS A 1 11 ? 5.494   -8.660  -7.146  1.00 9.48   ? 11  DAS A CA  1 
HETATM 106 C  C   . DAS A 1 11 ? 5.854   -8.620  -5.673  1.00 9.38   ? 11  DAS A C   1 
HETATM 107 O  O   . DAS A 1 11 ? 5.027   -8.292  -4.842  1.00 8.79   ? 11  DAS A O   1 
HETATM 108 C  CB  . DAS A 1 11 ? 5.840   -10.000 -7.805  1.00 10.39  ? 11  DAS A CB  1 
HETATM 109 C  CG  . DAS A 1 11 ? 5.085   -11.167 -7.237  1.00 11.86  ? 11  DAS A CG  1 
HETATM 110 O  OD1 . DAS A 1 11 ? 5.188   -11.451 -6.058  1.00 15.10  ? 11  DAS A OD1 1 
HETATM 111 O  OD2 . DAS A 1 11 ? 4.321   -11.800 -7.977  1.00 17.93  ? 11  DAS A OD2 1 
HETATM 112 N  N   A DSN A 1 12 ? 7.103   -8.959  -5.328  0.50 10.42  ? 12  DSN A N   1 
HETATM 113 N  N   B DSN A 1 12 ? 7.097   -8.953  -5.312  0.50 10.46  ? 12  DSN A N   1 
HETATM 114 C  CA  A DSN A 1 12 ? 7.540   -8.849  -3.922  0.50 11.69  ? 12  DSN A CA  1 
HETATM 115 C  CA  B DSN A 1 12 ? 7.492   -8.809  -3.896  0.50 11.78  ? 12  DSN A CA  1 
HETATM 116 C  C   A DSN A 1 12 ? 6.728   -9.724  -2.986  0.50 10.78  ? 12  DSN A C   1 
HETATM 117 C  C   B DSN A 1 12 ? 6.724   -9.729  -2.969  0.50 10.79  ? 12  DSN A C   1 
HETATM 118 O  O   A DSN A 1 12 ? 6.478   -9.342  -1.839  0.50 13.57  ? 12  DSN A O   1 
HETATM 119 O  O   B DSN A 1 12 ? 6.502   -9.384  -1.805  0.50 13.57  ? 12  DSN A O   1 
HETATM 120 C  CB  A DSN A 1 12 ? 9.031   -9.094  -3.730  0.50 13.11  ? 12  DSN A CB  1 
HETATM 121 C  CB  B DSN A 1 12 ? 8.983   -8.911  -3.634  0.50 12.65  ? 12  DSN A CB  1 
HETATM 122 O  OG  A DSN A 1 12 ? 9.407   -8.742  -2.381  0.50 13.74  ? 12  DSN A OG  1 
HETATM 123 O  OG  B DSN A 1 12 ? 9.538   -10.008 -4.342  0.50 15.69  ? 12  DSN A OG  1 
HETATM 124 N  N   . DAL A 1 13 ? 6.251   -10.868 -3.469  1.00 9.19   ? 13  DAL A N   1 
HETATM 125 C  CA  . DAL A 1 13 ? 5.410   -11.741 -2.623  1.00 9.05   ? 13  DAL A CA  1 
HETATM 126 C  CB  . DAL A 1 13 ? 5.548   -13.190 -3.056  1.00 10.35  ? 13  DAL A CB  1 
HETATM 127 C  C   . DAL A 1 13 ? 3.951   -11.363 -2.629  1.00 8.42   ? 13  DAL A C   1 
HETATM 128 O  O   . DAL A 1 13 ? 3.168   -11.883 -1.841  1.00 9.12   ? 13  DAL A O   1 
HETATM 129 N  N   . DAR A 1 14 ? 3.555   -10.512 -3.568  1.00 9.79   ? 14  DAR A N   1 
HETATM 130 C  CA  . DAR A 1 14 ? 2.170   -10.082 -3.747  1.00 10.49  ? 14  DAR A CA  1 
HETATM 131 C  CB  . DAR A 1 14 ? 1.614   -10.697 -5.022  1.00 12.00  ? 14  DAR A CB  1 
HETATM 132 C  CG  . DAR A 1 14 ? 1.392   -12.176 -4.896  1.00 15.42  ? 14  DAR A CG  1 
HETATM 133 C  CD  . DAR A 1 14 ? 1.113   -12.825 -6.230  1.00 19.66  ? 14  DAR A CD  1 
HETATM 134 N  NE  . DAR A 1 14 ? 2.365   -13.265 -6.824  1.00 29.14  ? 14  DAR A NE  1 
HETATM 135 C  CZ  . DAR A 1 14 ? 3.027   -14.432 -6.656  1.00 27.94  ? 14  DAR A CZ  1 
HETATM 136 N  NH1 . DAR A 1 14 ? 4.179   -14.544 -7.348  1.00 24.91  ? 14  DAR A NH1 1 
HETATM 137 N  NH2 . DAR A 1 14 ? 2.599   -15.452 -5.869  1.00 36.54  ? 14  DAR A NH2 1 
HETATM 138 C  C   . DAR A 1 14 ? 2.154   -8.577  -3.830  1.00 9.30   ? 14  DAR A C   1 
HETATM 139 O  O   . DAR A 1 14 ? 1.909   -7.981  -4.892  1.00 9.79   ? 14  DAR A O   1 
HETATM 140 N  N   . DAL A 1 15 ? 2.423   -7.926  -2.703  1.00 10.94  ? 15  DAL A N   1 
HETATM 141 C  CA  . DAL A 1 15 ? 2.451   -6.480  -2.702  1.00 11.12  ? 15  DAL A CA  1 
HETATM 142 C  CB  . DAL A 1 15 ? 3.159   -5.907  -1.469  1.00 13.40  ? 15  DAL A CB  1 
HETATM 143 C  C   . DAL A 1 15 ? 1.063   -5.919  -2.868  1.00 9.44   ? 15  DAL A C   1 
HETATM 144 O  O   . DAL A 1 15 ? 0.035   -6.537  -2.553  1.00 11.77  ? 15  DAL A O   1 
HETATM 145 N  N   . DCY A 1 16 ? 1.052   -4.704  -3.393  1.00 8.52   ? 16  DCY A N   1 
HETATM 146 C  CA  . DCY A 1 16 ? -0.185  -3.936  -3.573  1.00 8.08   ? 16  DCY A CA  1 
HETATM 147 C  C   . DCY A 1 16 ? -0.693  -3.426  -2.239  1.00 8.73   ? 16  DCY A C   1 
HETATM 148 O  O   . DCY A 1 16 ? 0.052   -3.271  -1.264  1.00 11.02  ? 16  DCY A O   1 
HETATM 149 C  CB  . DCY A 1 16 ? 0.053   -2.757  -4.521  1.00 8.18   ? 16  DCY A CB  1 
HETATM 150 S  SG  . DCY A 1 16 ? 0.679   -3.240  -6.150  1.00 8.64   ? 16  DCY A SG  1 
HETATM 151 N  N   . DCY A 1 17 ? -1.973  -3.092  -2.223  1.00 10.02  ? 17  DCY A N   1 
HETATM 152 C  CA  . DCY A 1 17 ? -2.524  -2.427  -1.065  1.00 11.12  ? 17  DCY A CA  1 
HETATM 153 C  C   . DCY A 1 17 ? -2.093  -0.987  -1.010  1.00 10.60  ? 17  DCY A C   1 
HETATM 154 O  O   . DCY A 1 17 ? -1.510  -0.410  -1.935  1.00 11.88  ? 17  DCY A O   1 
HETATM 155 C  CB  . DCY A 1 17 ? -4.047  -2.520  -1.071  1.00 13.59  ? 17  DCY A CB  1 
HETATM 156 S  SG  . DCY A 1 17 ? -4.671  -4.223  -1.004  1.00 15.90  ? 17  DCY A SG  1 
HETATM 157 N  N   . DGL A 1 18 ? -2.390  -0.419  0.152   1.00 11.21  ? 18  DGL A N   1 
HETATM 158 C  CA  . DGL A 1 18 ? -2.245  0.981   0.444   1.00 11.25  ? 18  DGL A CA  1 
HETATM 159 C  C   . DGL A 1 18 ? -2.687  1.902   -0.672  1.00 10.98  ? 18  DGL A C   1 
HETATM 160 O  O   . DGL A 1 18 ? -3.696  1.665   -1.304  1.00 12.18  ? 18  DGL A O   1 
HETATM 161 C  CB  . DGL A 1 18 ? -3.211  1.119   1.643   1.00 11.80  ? 18  DGL A CB  1 
HETATM 162 C  CG  . DGL A 1 18 ? -3.291  2.527   2.104   1.00 10.29  ? 18  DGL A CG  1 
HETATM 163 C  CD  . DGL A 1 18 ? -3.674  2.580   3.554   1.00 9.77   ? 18  DGL A CD  1 
HETATM 164 O  OE1 . DGL A 1 18 ? -4.310  1.653   4.174   1.00 9.41   ? 18  DGL A OE1 1 
HETATM 165 O  OE2 . DGL A 1 18 ? -3.314  3.643   4.055   1.00 10.45  ? 18  DGL A OE2 1 
ATOM   166 N  N   . GLY A 1 19 ? -1.954  2.980   -0.946  1.00 11.45  ? 19  GLY A N   1 
ATOM   167 C  CA  . GLY A 1 19 ? -2.344  3.931   -1.976  1.00 11.01  ? 19  GLY A CA  1 
ATOM   168 C  C   . GLY A 1 19 ? -1.927  3.563   -3.393  1.00 9.65   ? 19  GLY A C   1 
ATOM   169 O  O   . GLY A 1 19 ? -2.217  4.316   -4.333  1.00 9.85   ? 19  GLY A O   1 
HETATM 170 N  N   . DLE A 1 20 ? -1.228  2.431   -3.519  1.00 9.81   ? 20  DLE A N   1 
HETATM 171 C  CA  . DLE A 1 20 ? -0.818  1.859   -4.785  1.00 9.01   ? 20  DLE A CA  1 
HETATM 172 C  CB  . DLE A 1 20 ? -1.525  0.520   -5.003  1.00 9.14   ? 20  DLE A CB  1 
HETATM 173 C  CG  . DLE A 1 20 ? -3.048  0.575   -5.020  1.00 10.59  ? 20  DLE A CG  1 
HETATM 174 C  CD1 . DLE A 1 20 ? -3.565  1.255   -6.247  1.00 11.48  ? 20  DLE A CD1 1 
HETATM 175 C  CD2 . DLE A 1 20 ? -3.608  -0.842  -4.957  1.00 12.09  ? 20  DLE A CD2 1 
HETATM 176 C  C   . DLE A 1 20 ? 0.667   1.608   -4.780  1.00 8.14   ? 20  DLE A C   1 
HETATM 177 O  O   . DLE A 1 20 ? 1.306   1.574   -3.720  1.00 9.43   ? 20  DLE A O   1 
HETATM 178 N  N   . DAR A 1 21 ? 1.232   1.408   -5.971  1.00 8.58   ? 21  DAR A N   1 
HETATM 179 C  CA  . DAR A 1 21 ? 2.622   0.991   -6.110  1.00 9.25   ? 21  DAR A CA  1 
HETATM 180 C  CB  . DAR A 1 21 ? 3.502   2.193   -6.327  1.00 12.44  ? 21  DAR A CB  1 
HETATM 181 C  CG  . DAR A 1 21 ? 3.383   2.824   -7.690  1.00 17.23  ? 21  DAR A CG  1 
HETATM 182 C  CD  . DAR A 1 21 ? 4.577   2.457   -8.565  1.00 24.09  ? 21  DAR A CD  1 
HETATM 183 N  NE  . DAR A 1 21 ? 5.811   2.792   -7.857  1.00 34.21  ? 21  DAR A NE  1 
HETATM 184 C  CZ  . DAR A 1 21 ? 6.934   2.052   -7.770  1.00 40.08  ? 21  DAR A CZ  1 
HETATM 185 N  NH1 . DAR A 1 21 ? 7.104   0.867   -8.367  1.00 44.51  ? 21  DAR A NH1 1 
HETATM 186 N  NH2 . DAR A 1 21 ? 7.949   2.536   -7.046  1.00 47.68  ? 21  DAR A NH2 1 
HETATM 187 C  C   . DAR A 1 21 ? 2.729   -0.030  -7.202  1.00 8.19   ? 21  DAR A C   1 
HETATM 188 O  O   . DAR A 1 21 ? 2.088   0.094   -8.243  1.00 9.48   ? 21  DAR A O   1 
HETATM 189 N  N   . DCY A 1 22 ? 3.555   -1.052  -6.989  1.00 7.75   ? 22  DCY A N   1 
HETATM 190 C  CA  . DCY A 1 22 ? 3.657   -2.128  -7.965  1.00 8.21   ? 22  DCY A CA  1 
HETATM 191 C  C   . DCY A 1 22 ? 4.619   -1.782  -9.063  1.00 8.88   ? 22  DCY A C   1 
HETATM 192 O  O   . DCY A 1 22 ? 5.795   -1.537  -8.818  1.00 9.30   ? 22  DCY A O   1 
HETATM 193 C  CB  . DCY A 1 22 ? 4.160   -3.381  -7.274  1.00 8.50   ? 22  DCY A CB  1 
HETATM 194 S  SG  . DCY A 1 22 ? 4.254   -4.796  -8.391  1.00 8.78   ? 22  DCY A SG  1 
HETATM 195 N  N   . DLY A 1 23 ? 4.152   -1.842  -10.293 1.00 9.19   ? 23  DLY A N   1 
HETATM 196 C  CA  . DLY A 1 23 ? 5.048   -1.816  -11.458 1.00 10.52  ? 23  DLY A CA  1 
HETATM 197 C  C   . DLY A 1 23 ? 4.414   -2.749  -12.480 1.00 10.71  ? 23  DLY A C   1 
HETATM 198 O  O   . DLY A 1 23 ? 3.655   -2.317  -13.372 1.00 11.86  ? 23  DLY A O   1 
HETATM 199 C  CB  . DLY A 1 23 ? 5.250   -0.369  -11.899 1.00 12.70  ? 23  DLY A CB  1 
HETATM 200 C  CG  . DLY A 1 23 ? 6.173   -0.224  -13.096 1.00 13.85  ? 23  DLY A CG  1 
HETATM 201 C  CD  . DLY A 1 23 ? 6.400   1.243   -13.462 1.00 16.15  ? 23  DLY A CD  1 
HETATM 202 C  CE  . DLY A 1 23 ? 7.634   1.376   -14.325 1.00 17.97  ? 23  DLY A CE  1 
HETATM 203 N  NZ  . DLY A 1 23 ? 7.759   2.760   -14.704 1.00 20.24  ? 23  DLY A NZ  1 
HETATM 204 N  N   . DLE A 1 24 ? 4.640   -4.048  -12.244 1.00 10.48  ? 24  DLE A N   1 
HETATM 205 C  CA  . DLE A 1 24 ? 4.025   -5.200  -12.972 1.00 11.02  ? 24  DLE A CA  1 
HETATM 206 C  CB  . DLE A 1 24 ? 4.121   -5.096  -14.487 1.00 13.00  ? 24  DLE A CB  1 
HETATM 207 C  CG  . DLE A 1 24 ? 5.581   -5.080  -14.902 1.00 16.52  ? 24  DLE A CG  1 
HETATM 208 C  CD1 . DLE A 1 24 ? 6.277   -6.405  -14.624 1.00 16.85  ? 24  DLE A CD1 1 
HETATM 209 C  CD2 . DLE A 1 24 ? 5.663   -4.716  -16.366 1.00 17.38  ? 24  DLE A CD2 1 
HETATM 210 C  C   . DLE A 1 24 ? 2.590   -5.421  -12.555 1.00 10.14  ? 24  DLE A C   1 
HETATM 211 O  O   . DLE A 1 24 ? 2.188   -6.556  -12.266 1.00 11.65  ? 24  DLE A O   1 
HETATM 212 N  N   . DTR A 1 25 ? 1.811   -4.342  -12.568 1.00 10.12  ? 25  DTR A N   1 
HETATM 213 C  CA  . DTR A 1 25 ? 0.490   -4.289  -11.950 1.00 9.96   ? 25  DTR A CA  1 
HETATM 214 C  CB  . DTR A 1 25 ? -0.670  -4.202  -12.957 1.00 10.53  ? 25  DTR A CB  1 
HETATM 215 C  CG  . DTR A 1 25 ? -0.649  -2.977  -13.843 1.00 12.36  ? 25  DTR A CG  1 
HETATM 216 C  CD1 . DTR A 1 25 ? -1.312  -1.773  -13.642 1.00 14.28  ? 25  DTR A CD1 1 
HETATM 217 N  NE1 . DTR A 1 25 ? -1.077  -0.911  -14.677 1.00 15.22  ? 25  DTR A NE1 1 
HETATM 218 C  CE2 . DTR A 1 25 ? -0.244  -1.458  -15.562 1.00 14.84  ? 25  DTR A CE2 1 
HETATM 219 C  CZ2 . DTR A 1 25 ? 0.302   -0.997  -16.757 1.00 18.02  ? 25  DTR A CZ2 1 
HETATM 220 C  CH2 . DTR A 1 25 ? 1.132   -1.835  -17.467 1.00 20.02  ? 25  DTR A CH2 1 
HETATM 221 C  CZ3 . DTR A 1 25 ? 1.388   -3.122  -17.007 1.00 19.16  ? 25  DTR A CZ3 1 
HETATM 222 C  CE3 . DTR A 1 25 ? 0.910   -3.634  -15.799 1.00 14.92  ? 25  DTR A CE3 1 
HETATM 223 C  CD2 . DTR A 1 25 ? 0.068   -2.812  -15.104 1.00 13.22  ? 25  DTR A CD2 1 
HETATM 224 C  C   . DTR A 1 25 ? 0.451   -3.123  -11.022 1.00 8.94   ? 25  DTR A C   1 
HETATM 225 O  O   . DTR A 1 25 ? 1.297   -2.216  -11.070 1.00 9.44   ? 25  DTR A O   1 
HETATM 226 N  N   . DCY A 1 26 ? -0.532  -3.141  -10.140 1.00 8.67   ? 26  DCY A N   1 
HETATM 227 C  CA  . DCY A 1 26 ? -0.634  -2.091  -9.145  1.00 8.63   ? 26  DCY A CA  1 
HETATM 228 C  C   . DCY A 1 26 ? -1.177  -0.823  -9.744  1.00 9.26   ? 26  DCY A C   1 
HETATM 229 O  O   . DCY A 1 26 ? -2.261  -0.799  -10.307 1.00 10.76  ? 26  DCY A O   1 
HETATM 230 C  CB  . DCY A 1 26 ? -1.562  -2.515  -8.018  1.00 8.71   ? 26  DCY A CB  1 
HETATM 231 S  SG  . DCY A 1 26 ? -0.982  -3.959  -7.085  1.00 8.87   ? 26  DCY A SG  1 
HETATM 232 N  N   . DAR A 1 27 ? -0.413  0.251   -9.628  1.00 8.96   ? 27  DAR A N   1 
HETATM 233 C  CA  . DAR A 1 27 ? -0.812  1.588   -10.094 1.00 10.30  ? 27  DAR A CA  1 
HETATM 234 C  CB  . DAR A 1 27 ? 0.379   2.178   -10.842 1.00 12.10  ? 27  DAR A CB  1 
HETATM 235 C  CG  . DAR A 1 27 ? 0.919   1.138   -11.822 1.00 14.80  ? 27  DAR A CG  1 
HETATM 236 C  CD  . DAR A 1 27 ? 1.689   1.626   -13.002 1.00 17.46  ? 27  DAR A CD  1 
HETATM 237 N  NE  . DAR A 1 27 ? 2.207   0.449   -13.677 1.00 19.86  ? 27  DAR A NE  1 
HETATM 238 C  CZ  . DAR A 1 27 ? 2.824   0.567   -14.844 1.00 19.96  ? 27  DAR A CZ  1 
HETATM 239 N  NH1 . DAR A 1 27 ? 2.974   1.748   -15.444 1.00 25.21  ? 27  DAR A NH1 1 
HETATM 240 N  NH2 . DAR A 1 27 ? 3.305   -0.517  -15.432 1.00 19.76  ? 27  DAR A NH2 1 
HETATM 241 C  C   . DAR A 1 27 ? -1.146  2.504   -8.959  1.00 9.77   ? 27  DAR A C   1 
HETATM 242 O  O   . DAR A 1 27 ? -0.613  2.362   -7.878  1.00 10.62  ? 27  DAR A O   1 
HETATM 243 N  N   . DLY A 1 28 ? -2.013  3.486   -9.178  1.00 10.99  ? 28  DLY A N   1 
HETATM 244 C  CA  . DLY A 1 28 ? -2.226  4.504   -8.161  1.00 11.51  ? 28  DLY A CA  1 
HETATM 245 C  C   . DLY A 1 28 ? -0.911  5.143   -7.842  1.00 11.95  ? 28  DLY A C   1 
HETATM 246 O  O   . DLY A 1 28 ? -0.118  5.438   -8.753  1.00 13.12  ? 28  DLY A O   1 
HETATM 247 C  CB  . DLY A 1 28 ? -3.108  5.598   -8.722  1.00 14.94  ? 28  DLY A CB  1 
HETATM 248 C  CG  . DLY A 1 28 ? -4.558  5.219   -8.839  1.00 20.10  ? 28  DLY A CG  1 
HETATM 249 C  CD  . DLY A 1 28 ? -5.456  6.467   -8.917  1.00 26.67  ? 28  DLY A CD  1 
HETATM 250 C  CE  . DLY A 1 28 ? -6.407  6.447   -10.114 1.00 34.03  ? 28  DLY A CE  1 
HETATM 251 N  NZ  . DLY A 1 28 ? -7.024  7.755   -10.262 1.00 37.30  ? 28  DLY A NZ  1 
HETATM 252 N  N   . DGL A 1 29 ? -0.672  5.392   -6.563  1.00 13.09  ? 29  DGL A N   1 
HETATM 253 C  CA  . DGL A 1 29 ? 0.543   6.063   -6.162  1.00 15.95  ? 29  DGL A CA  1 
HETATM 254 C  C   . DGL A 1 29 ? 0.259   7.494   -6.533  1.00 17.37  ? 29  DGL A C   1 
HETATM 255 O  O   . DGL A 1 29 ? -0.612  8.165   -5.955  1.00 23.76  ? 29  DGL A O   1 
HETATM 256 C  CB  . DGL A 1 29 ? 0.867   5.799   -4.690  1.00 17.45  ? 29  DGL A CB  1 
HETATM 257 C  CG  . DGL A 1 29 ? 2.090   6.567   -4.202  1.00 21.16  ? 29  DGL A CG  1 
HETATM 258 C  CD  . DGL A 1 29 ? 3.304   5.991   -4.852  1.00 22.15  ? 29  DGL A CD  1 
HETATM 259 O  OE1 . DGL A 1 29 ? 3.835   4.979   -4.338  1.00 26.44  ? 29  DGL A OE1 1 
HETATM 260 O  OE2 . DGL A 1 29 ? 3.714   6.578   -5.870  1.00 25.10  ? 29  DGL A OE2 1 
HETATM 261 N  N   . DIL A 1 30 ? 0.963   7.948   -7.563  1.00 12.28  ? 30  DIL A N   1 
HETATM 262 C  CA  . DIL A 1 30 ? 0.871   9.328   -8.081  1.00 12.37  ? 30  DIL A CA  1 
HETATM 263 C  C   . DIL A 1 30 ? 2.095   10.117  -7.724  1.00 13.05  ? 30  DIL A C   1 
HETATM 264 O  O   . DIL A 1 30 ? 2.106   11.302  -7.954  1.00 14.21  ? 30  DIL A O   1 
HETATM 265 C  CB  . DIL A 1 30 ? 0.617   9.378   -9.610  1.00 13.85  ? 30  DIL A CB  1 
HETATM 266 C  CG1 . DIL A 1 30 ? 1.681   8.610   -10.379 1.00 15.34  ? 30  DIL A CG1 1 
HETATM 267 C  CG2 . DIL A 1 30 ? -0.773  8.872   -9.980  1.00 14.23  ? 30  DIL A CG2 1 
HETATM 268 C  CD1 . DIL A 1 30 ? 1.590   8.793   -11.877 1.00 16.00  ? 30  DIL A CD1 1 
HETATM 269 N  N   . NH2 A 1 31 ? 3.091   9.506   -7.125  1.00 14.41  ? 31  NH2 A N   1 
ATOM   270 N  N   . GLU B 2 1  ? 8.975   8.384   -2.413  1.00 15.25  ? 1   GLU B N   1 
ATOM   271 C  CA  . GLU B 2 1  ? 7.558   7.971   -2.590  1.00 13.39  ? 1   GLU B CA  1 
ATOM   272 C  C   . GLU B 2 1  ? 6.721   8.792   -1.596  1.00 11.54  ? 1   GLU B C   1 
ATOM   273 O  O   . GLU B 2 1  ? 7.175   8.928   -0.431  1.00 13.44  ? 1   GLU B O   1 
ATOM   274 C  CB  . GLU B 2 1  ? 7.387   6.458   -2.329  1.00 15.92  ? 1   GLU B CB  1 
ATOM   275 C  CG  . GLU B 2 1  ? 7.853   5.993   -0.950  1.00 19.59  ? 1   GLU B CG  1 
ATOM   276 C  CD  . GLU B 2 1  ? 7.862   4.484   -0.694  1.00 20.95  ? 1   GLU B CD  1 
ATOM   277 O  OE1 . GLU B 2 1  ? 8.409   4.095   0.358   1.00 25.84  ? 1   GLU B OE1 1 
ATOM   278 O  OE2 . GLU B 2 1  ? 7.303   3.701   -1.489  1.00 22.39  ? 1   GLU B OE2 1 
HETATM 279 C  CD  . LPH B 2 2  ? 2.458   10.494  -3.570  1.00 13.00  ? 2   LPH B CD  1 
HETATM 280 C  CG  . LPH B 2 2  ? 3.287   11.001  -2.803  1.00 11.47  ? 2   LPH B CG  1 
HETATM 281 C  CB  . LPH B 2 2  ? 4.144   11.441  -1.959  1.00 10.10  ? 2   LPH B CB  1 
HETATM 282 C  CA  . LPH B 2 2  ? 4.945   10.453  -1.130  1.00 10.22  ? 2   LPH B CA  1 
HETATM 283 N  N   . LPH B 2 2  ? 5.582   9.432   -2.019  1.00 10.69  ? 2   LPH B N   1 
HETATM 284 C  C   . LPH B 2 2  ? 4.053   9.829   -0.085  1.00 11.00  ? 2   LPH B C   1 
HETATM 285 O  O   . LPH B 2 2  ? 3.572   10.506  0.827   1.00 13.20  ? 2   LPH B O   1 
ATOM   286 N  N   . CYS B 2 3  ? 3.842   8.516   -0.180  1.00 12.57  ? 3   CYS B N   1 
ATOM   287 C  CA  . CYS B 2 3  ? 3.004   7.730   0.764   1.00 12.38  ? 3   CYS B CA  1 
ATOM   288 C  C   . CYS B 2 3  ? 3.637   7.631   2.135   1.00 11.16  ? 3   CYS B C   1 
ATOM   289 O  O   . CYS B 2 3  ? 4.851   7.765   2.296   1.00 12.92  ? 3   CYS B O   1 
ATOM   290 C  CB  . CYS B 2 3  ? 2.837   6.325   0.208   1.00 15.65  ? 3   CYS B CB  1 
ATOM   291 S  SG  . CYS B 2 3  ? 4.348   5.473   -0.271  1.00 21.70  ? 3   CYS B SG  1 
ATOM   292 N  N   . GLN B 2 4  ? 2.802   7.345   3.129   1.00 10.04  ? 4   GLN B N   1 
ATOM   293 C  CA  . GLN B 2 4  ? 3.307   7.259   4.486   1.00 10.46  ? 4   GLN B CA  1 
ATOM   294 C  C   . GLN B 2 4  ? 3.935   5.882   4.765   1.00 11.14  ? 4   GLN B C   1 
ATOM   295 O  O   . GLN B 2 4  ? 3.433   4.836   4.344   1.00 11.49  ? 4   GLN B O   1 
ATOM   296 C  CB  . GLN B 2 4  ? 2.198   7.555   5.481   1.00 9.48   ? 4   GLN B CB  1 
ATOM   297 C  CG  . GLN B 2 4  ? 1.465   8.863   5.202   1.00 9.72   ? 4   GLN B CG  1 
ATOM   298 C  CD  . GLN B 2 4  ? 2.364   10.055  4.790   1.00 10.82  ? 4   GLN B CD  1 
ATOM   299 O  OE1 . GLN B 2 4  ? 2.186   10.681  3.713   1.00 15.64  ? 4   GLN B OE1 1 
ATOM   300 N  NE2 . GLN B 2 4  ? 3.273   10.406  5.637   1.00 11.94  ? 4   GLN B NE2 1 
ATOM   301 N  N   . LYS B 2 5  ? 5.063   5.884   5.455   1.00 12.32  ? 5   LYS B N   1 
ATOM   302 C  CA  . LYS B 2 5  ? 5.806   4.658   5.691   1.00 12.32  ? 5   LYS B CA  1 
ATOM   303 C  C   . LYS B 2 5  ? 5.341   3.972   6.980   1.00 12.23  ? 5   LYS B C   1 
ATOM   304 O  O   . LYS B 2 5  ? 4.545   4.498   7.782   1.00 11.29  ? 5   LYS B O   1 
ATOM   305 C  CB  . LYS B 2 5  ? 7.301   4.950   5.734   1.00 13.20  ? 5   LYS B CB  1 
ATOM   306 C  CG  . LYS B 2 5  ? 7.888   5.891   4.714   1.00 18.74  ? 5   LYS B CG  1 
ATOM   307 C  CD  . LYS B 2 5  ? 7.397   5.687   3.321   1.00 21.86  ? 5   LYS B CD  1 
ATOM   308 C  CE  . LYS B 2 5  ? 8.097   6.619   2.370   1.00 24.61  ? 5   LYS B CE  1 
ATOM   309 N  NZ  . LYS B 2 5  ? 7.463   7.968   2.193   1.00 22.14  ? 5   LYS B NZ  1 
ATOM   310 N  N   . TRP B 2 6  ? 5.879   2.776   7.184   1.00 11.48  ? 6   TRP B N   1 
ATOM   311 C  CA  . TRP B 2 6  ? 5.587   1.982   8.348   1.00 12.18  ? 6   TRP B CA  1 
ATOM   312 C  C   . TRP B 2 6  ? 5.779   2.791   9.633   1.00 11.68  ? 6   TRP B C   1 
ATOM   313 O  O   . TRP B 2 6  ? 6.821   3.440   9.844   1.00 12.34  ? 6   TRP B O   1 
ATOM   314 C  CB  . TRP B 2 6  ? 6.493   0.745   8.336   1.00 12.76  ? 6   TRP B CB  1 
ATOM   315 C  CG  . TRP B 2 6  ? 6.273   -0.231  9.406   1.00 13.10  ? 6   TRP B CG  1 
ATOM   316 C  CD1 . TRP B 2 6  ? 5.086   -0.631  9.957   1.00 13.77  ? 6   TRP B CD1 1 
ATOM   317 C  CD2 . TRP B 2 6  ? 7.285   -1.021  10.021  1.00 14.65  ? 6   TRP B CD2 1 
ATOM   318 N  NE1 . TRP B 2 6  ? 5.300   -1.592  10.911  1.00 15.12  ? 6   TRP B NE1 1 
ATOM   319 C  CE2 . TRP B 2 6  ? 6.642   -1.860  10.950  1.00 16.20  ? 6   TRP B CE2 1 
ATOM   320 C  CE3 . TRP B 2 6  ? 8.686   -1.101  9.888   1.00 16.11  ? 6   TRP B CE3 1 
ATOM   321 C  CZ2 . TRP B 2 6  ? 7.340   -2.748  11.757  1.00 19.89  ? 6   TRP B CZ2 1 
ATOM   322 C  CZ3 . TRP B 2 6  ? 9.378   -2.013  10.676  1.00 21.16  ? 6   TRP B CZ3 1 
ATOM   323 C  CH2 . TRP B 2 6  ? 8.702   -2.820  11.600  1.00 23.86  ? 6   TRP B CH2 1 
HETATM 324 N  N   A MSE B 2 7  ? 4.757   2.750   10.482  0.50 11.73  ? 7   MSE B N   1 
HETATM 325 N  N   B MSE B 2 7  ? 4.752   2.766   10.483  0.50 12.05  ? 7   MSE B N   1 
HETATM 326 C  CA  A MSE B 2 7  ? 4.718   3.441   11.768  0.50 12.38  ? 7   MSE B CA  1 
HETATM 327 C  CA  B MSE B 2 7  ? 4.704   3.490   11.760  0.50 13.31  ? 7   MSE B CA  1 
HETATM 328 C  C   A MSE B 2 7  ? 4.400   4.928   11.686  0.50 11.40  ? 7   MSE B C   1 
HETATM 329 C  C   B MSE B 2 7  ? 4.598   4.990   11.669  0.50 12.77  ? 7   MSE B C   1 
HETATM 330 O  O   A MSE B 2 7  ? 4.177   5.531   12.733  0.50 12.21  ? 7   MSE B O   1 
HETATM 331 O  O   B MSE B 2 7  ? 4.804   5.678   12.674  0.50 15.17  ? 7   MSE B O   1 
HETATM 332 C  CB  A MSE B 2 7  ? 5.954   3.196   12.654  0.50 13.70  ? 7   MSE B CB  1 
HETATM 333 C  CB  B MSE B 2 7  ? 5.878   3.167   12.675  0.50 15.70  ? 7   MSE B CB  1 
HETATM 334 C  CG  A MSE B 2 7  ? 6.253   1.704   12.866  0.50 18.09  ? 7   MSE B CG  1 
HETATM 335 C  CG  B MSE B 2 7  ? 5.940   1.665   12.870  0.50 19.59  ? 7   MSE B CG  1 
HETATM 336 SE SE  A MSE B 2 7  ? 4.742   0.722   13.698  0.50 23.12  ? 7   MSE B SE  1 
HETATM 337 SE SE  B MSE B 2 7  ? 7.605   1.251   13.807  0.50 32.65  ? 7   MSE B SE  1 
HETATM 338 C  CE  A MSE B 2 7  ? 4.299   1.999   15.136  0.50 19.85  ? 7   MSE B CE  1 
HETATM 339 C  CE  B MSE B 2 7  ? 7.174   -0.593  14.348  0.50 34.16  ? 7   MSE B CE  1 
ATOM   340 N  N   . TRP B 2 8  ? 4.307   5.517   10.485  1.00 11.31  ? 8   TRP B N   1 
ATOM   341 C  CA  . TRP B 2 8  ? 3.995   6.937   10.332  1.00 11.39  ? 8   TRP B CA  1 
ATOM   342 C  C   . TRP B 2 8  ? 2.475   7.116   10.490  1.00 10.86  ? 8   TRP B C   1 
ATOM   343 O  O   . TRP B 2 8  ? 1.686   6.226   10.158  1.00 11.40  ? 8   TRP B O   1 
ATOM   344 C  CB  . TRP B 2 8  ? 4.438   7.470   8.957   1.00 11.30  ? 8   TRP B CB  1 
ATOM   345 C  CG  . TRP B 2 8  ? 5.923   7.463   8.635   1.00 13.86  ? 8   TRP B CG  1 
ATOM   346 C  CD1 . TRP B 2 8  ? 6.907   6.640   9.145   1.00 15.38  ? 8   TRP B CD1 1 
ATOM   347 C  CD2 . TRP B 2 8  ? 6.574   8.308   7.688   1.00 14.40  ? 8   TRP B CD2 1 
ATOM   348 N  NE1 . TRP B 2 8  ? 8.131   6.949   8.584   1.00 17.16  ? 8   TRP B NE1 1 
ATOM   349 C  CE2 . TRP B 2 8  ? 7.953   7.960   7.681   1.00 15.78  ? 8   TRP B CE2 1 
ATOM   350 C  CE3 . TRP B 2 8  ? 6.132   9.313   6.837   1.00 16.25  ? 8   TRP B CE3 1 
ATOM   351 C  CZ2 . TRP B 2 8  ? 8.885   8.601   6.871   1.00 18.64  ? 8   TRP B CZ2 1 
ATOM   352 C  CZ3 . TRP B 2 8  ? 7.062   9.958   6.038   1.00 17.95  ? 8   TRP B CZ3 1 
ATOM   353 C  CH2 . TRP B 2 8  ? 8.424   9.593   6.056   1.00 19.71  ? 8   TRP B CH2 1 
ATOM   354 N  N   . THR B 2 9  ? 2.029   8.267   10.965  1.00 11.32  ? 9   THR B N   1 
ATOM   355 C  CA  . THR B 2 9  ? 0.597   8.557   11.020  1.00 11.14  ? 9   THR B CA  1 
ATOM   356 C  C   . THR B 2 9  ? -0.002  8.651   9.617   1.00 10.32  ? 9   THR B C   1 
ATOM   357 O  O   . THR B 2 9  ? 0.697   8.988   8.658   1.00 11.41  ? 9   THR B O   1 
ATOM   358 C  CB  . THR B 2 9  ? 0.329   9.813   11.842  1.00 14.30  ? 9   THR B CB  1 
ATOM   359 O  OG1 . THR B 2 9  ? 0.969   10.924  11.216  1.00 18.13  ? 9   THR B OG1 1 
ATOM   360 C  CG2 . THR B 2 9  ? 0.820   9.615   13.290  1.00 15.85  ? 9   THR B CG2 1 
ATOM   361 N  N   . CYS B 2 10 ? -1.304  8.373   9.513   1.00 9.32   ? 10  CYS B N   1 
ATOM   362 C  CA  . CYS B 2 10 ? -1.941  8.235   8.227   1.00 9.01   ? 10  CYS B CA  1 
ATOM   363 C  C   . CYS B 2 10 ? -3.436  8.559   8.366   1.00 8.76   ? 10  CYS B C   1 
ATOM   364 O  O   . CYS B 2 10 ? -3.996  8.507   9.475   1.00 9.52   ? 10  CYS B O   1 
ATOM   365 C  CB  . CYS B 2 10 ? -1.726  6.825   7.692   1.00 8.32   ? 10  CYS B CB  1 
ATOM   366 S  SG  . CYS B 2 10 ? -2.251  5.514   8.807   1.00 8.75   ? 10  CYS B SG  1 
ATOM   367 N  N   . ASP B 2 11 ? -4.049  8.876   7.232   1.00 9.27   ? 11  ASP B N   1 
ATOM   368 C  CA  . ASP B 2 11 ? -5.486  9.130   7.130   1.00 9.49   ? 11  ASP B CA  1 
ATOM   369 C  C   . ASP B 2 11 ? -5.854  9.093   5.641   1.00 9.19   ? 11  ASP B C   1 
ATOM   370 O  O   . ASP B 2 11 ? -5.012  8.763   4.817   1.00 8.85   ? 11  ASP B O   1 
ATOM   371 C  CB  . ASP B 2 11 ? -5.896  10.413  7.896   1.00 11.17  ? 11  ASP B CB  1 
ATOM   372 C  CG  . ASP B 2 11 ? -5.293  11.706  7.370   1.00 12.62  ? 11  ASP B CG  1 
ATOM   373 O  OD1 . ASP B 2 11 ? -4.727  11.755  6.286   1.00 12.96  ? 11  ASP B OD1 1 
ATOM   374 O  OD2 . ASP B 2 11 ? -5.513  12.738  8.070   1.00 16.36  ? 11  ASP B OD2 1 
ATOM   375 N  N   A SER B 2 12 ? -7.086  9.461   5.311   0.50 10.05  ? 12  SER B N   1 
ATOM   376 N  N   B SER B 2 12 ? -7.102  9.405   5.254   0.50 9.31   ? 12  SER B N   1 
ATOM   377 C  CA  A SER B 2 12 ? -7.544  9.338   3.947   0.50 10.60  ? 12  SER B CA  1 
ATOM   378 C  CA  B SER B 2 12 ? -7.470  9.258   3.827   0.50 9.17   ? 12  SER B CA  1 
ATOM   379 C  C   A SER B 2 12 ? -6.892  10.320  2.976   0.50 10.29  ? 12  SER B C   1 
ATOM   380 C  C   B SER B 2 12 ? -6.613  10.177  2.957   0.50 8.34   ? 12  SER B C   1 
ATOM   381 O  O   A SER B 2 12 ? -7.124  10.202  1.787   0.50 11.27  ? 12  SER B O   1 
ATOM   382 O  O   B SER B 2 12 ? -6.309  9.815   1.819   0.50 8.42   ? 12  SER B O   1 
ATOM   383 C  CB  A SER B 2 12 ? -9.048  9.541   3.904   0.50 12.39  ? 12  SER B CB  1 
ATOM   384 C  CB  B SER B 2 12 ? -8.964  9.503   3.548   0.50 10.02  ? 12  SER B CB  1 
ATOM   385 O  OG  A SER B 2 12 ? -9.382  10.848  4.316   0.50 15.98  ? 12  SER B OG  1 
ATOM   386 O  OG  B SER B 2 12 ? -9.327  9.211   2.192   0.50 9.60   ? 12  SER B OG  1 
ATOM   387 N  N   . ALA B 2 13 ? -6.195  11.337  3.488   1.00 8.80   ? 13  ALA B N   1 
ATOM   388 C  CA  . ALA B 2 13 ? -5.366  12.263  2.699   1.00 8.78   ? 13  ALA B CA  1 
ATOM   389 C  C   . ALA B 2 13 ? -3.902  11.853  2.681   1.00 8.47   ? 13  ALA B C   1 
ATOM   390 O  O   . ALA B 2 13 ? -3.165  12.294  1.815   1.00 10.16  ? 13  ALA B O   1 
ATOM   391 C  CB  . ALA B 2 13 ? -5.471  13.678  3.252   1.00 9.75   ? 13  ALA B CB  1 
ATOM   392 N  N   . ARG B 2 14 ? -3.506  11.047  3.641   1.00 9.66   ? 14  ARG B N   1 
ATOM   393 C  CA  . ARG B 2 14 ? -2.130  10.595  3.820   1.00 8.68   ? 14  ARG B CA  1 
ATOM   394 C  C   . ARG B 2 14 ? -2.106  9.072   3.880   1.00 8.53   ? 14  ARG B C   1 
ATOM   395 O  O   . ARG B 2 14 ? -1.906  8.478   4.938   1.00 9.58   ? 14  ARG B O   1 
ATOM   396 C  CB  . ARG B 2 14 ? -1.569  11.208  5.081   1.00 9.34   ? 14  ARG B CB  1 
ATOM   397 C  CG  . ARG B 2 14 ? -1.422  12.696  5.021   1.00 12.17  ? 14  ARG B CG  1 
ATOM   398 C  CD  . ARG B 2 14 ? -0.871  13.210  6.327   1.00 15.06  ? 14  ARG B CD  1 
ATOM   399 N  NE  . ARG B 2 14 ? -1.685  12.804  7.473   1.00 17.09  ? 14  ARG B NE  1 
ATOM   400 C  CZ  . ARG B 2 14 ? -1.245  12.322  8.645   1.00 21.19  ? 14  ARG B CZ  1 
ATOM   401 N  NH1 . ARG B 2 14 ? -2.137  11.988  9.575   1.00 24.12  ? 14  ARG B NH1 1 
ATOM   402 N  NH2 . ARG B 2 14 ? 0.053   12.145  8.905   1.00 26.04  ? 14  ARG B NH2 1 
ATOM   403 N  N   . ALA B 2 15 ? -2.330  8.441   2.726   1.00 10.23  ? 15  ALA B N   1 
ATOM   404 C  CA  . ALA B 2 15 ? -2.440  6.988   2.671   1.00 10.40  ? 15  ALA B CA  1 
ATOM   405 C  C   . ALA B 2 15 ? -1.056  6.382   2.856   1.00 9.21   ? 15  ALA B C   1 
ATOM   406 O  O   . ALA B 2 15 ? -0.016  6.987   2.505   1.00 10.22  ? 15  ALA B O   1 
ATOM   407 C  CB  . ALA B 2 15 ? -3.036  6.547   1.340   1.00 14.08  ? 15  ALA B CB  1 
ATOM   408 N  N   . CYS B 2 16 ? -1.046  5.160   3.369   1.00 8.84   ? 16  CYS B N   1 
ATOM   409 C  CA  . CYS B 2 16 ? 0.191   4.415   3.516   1.00 9.01   ? 16  CYS B CA  1 
ATOM   410 C  C   . CYS B 2 16 ? 0.712   3.884   2.186   1.00 10.49  ? 16  CYS B C   1 
ATOM   411 O  O   . CYS B 2 16 ? -0.004  3.742   1.216   1.00 11.52  ? 16  CYS B O   1 
ATOM   412 C  CB  . CYS B 2 16 ? -0.017  3.247   4.473   1.00 9.07   ? 16  CYS B CB  1 
ATOM   413 S  SG  . CYS B 2 16 ? -0.658  3.718   6.104   1.00 8.88   ? 16  CYS B SG  1 
ATOM   414 N  N   . CYS B 2 17 ? 1.999   3.588   2.180   1.00 9.61   ? 17  CYS B N   1 
ATOM   415 C  CA  . CYS B 2 17 ? 2.655   2.917   1.062   1.00 11.12  ? 17  CYS B CA  1 
ATOM   416 C  C   . CYS B 2 17 ? 2.143   1.466   0.899   1.00 10.52  ? 17  CYS B C   1 
ATOM   417 O  O   . CYS B 2 17 ? 1.443   0.923   1.752   1.00 10.51  ? 17  CYS B O   1 
ATOM   418 C  CB  . CYS B 2 17 ? 4.181   2.949   1.249   1.00 12.91  ? 17  CYS B CB  1 
ATOM   419 S  SG  . CYS B 2 17 ? 4.933   4.591   1.417   1.00 18.45  ? 17  CYS B SG  1 
ATOM   420 N  N   . GLU B 2 18 ? 2.504   0.821   -0.210  1.00 11.19  ? 18  GLU B N   1 
ATOM   421 C  CA  . GLU B 2 18 ? 2.031   -0.559  -0.416  1.00 10.93  ? 18  GLU B CA  1 
ATOM   422 C  C   . GLU B 2 18 ? 2.663   -1.472  0.643   1.00 10.46  ? 18  GLU B C   1 
ATOM   423 O  O   . GLU B 2 18 ? 3.734   -1.211  1.222   1.00 11.59  ? 18  GLU B O   1 
ATOM   424 C  CB  . GLU B 2 18 ? 2.212   -1.129  -1.830  1.00 10.04  ? 18  GLU B CB  1 
ATOM   425 C  CG  . GLU B 2 18 ? 3.624   -1.490  -2.168  1.00 11.25  ? 18  GLU B CG  1 
ATOM   426 C  CD  . GLU B 2 18 ? 3.774   -1.968  -3.611  1.00 10.35  ? 18  GLU B CD  1 
ATOM   427 O  OE1 . GLU B 2 18 ? 4.400   -1.233  -4.365  1.00 10.12  ? 18  GLU B OE1 1 
ATOM   428 O  OE2 . GLU B 2 18 ? 3.336   -3.088  -3.967  1.00 11.40  ? 18  GLU B OE2 1 
ATOM   429 N  N   . GLY B 2 19 ? 1.936   -2.537  0.917   1.00 9.38   ? 19  GLY B N   1 
ATOM   430 C  CA  . GLY B 2 19 ? 2.316   -3.489  1.911   1.00 10.03  ? 19  GLY B CA  1 
ATOM   431 C  C   . GLY B 2 19 ? 1.941   -3.107  3.327   1.00 8.87   ? 19  GLY B C   1 
ATOM   432 O  O   . GLY B 2 19 ? 2.258   -3.845  4.250   1.00 9.32   ? 19  GLY B O   1 
ATOM   433 N  N   . LEU B 2 20 ? 1.253   -1.974  3.476   1.00 9.04   ? 20  LEU B N   1 
ATOM   434 C  CA  . LEU B 2 20 ? 0.860   -1.403  4.759   1.00 8.50   ? 20  LEU B CA  1 
ATOM   435 C  C   . LEU B 2 20 ? -0.639  -1.179  4.748   1.00 8.68   ? 20  LEU B C   1 
ATOM   436 O  O   . LEU B 2 20 ? -1.258  -1.121  3.677   1.00 10.03  ? 20  LEU B O   1 
ATOM   437 C  CB  . LEU B 2 20 ? 1.534   -0.044  4.972   1.00 9.19   ? 20  LEU B CB  1 
ATOM   438 C  CG  . LEU B 2 20 ? 3.059   -0.085  5.003   1.00 10.61  ? 20  LEU B CG  1 
ATOM   439 C  CD1 . LEU B 2 20 ? 3.617   1.304   4.746   1.00 11.23  ? 20  LEU B CD1 1 
ATOM   440 C  CD2 . LEU B 2 20 ? 3.515   -0.615  6.333   1.00 12.16  ? 20  LEU B CD2 1 
ATOM   441 N  N   . ARG B 2 21 ? -1.205  -0.963  5.926   1.00 9.08   ? 21  ARG B N   1 
ATOM   442 C  CA  . ARG B 2 21 ? -2.599  -0.551  6.066   1.00 9.32   ? 21  ARG B CA  1 
ATOM   443 C  C   . ARG B 2 21 ? -2.698  0.530   7.131   1.00 8.69   ? 21  ARG B C   1 
ATOM   444 O  O   . ARG B 2 21 ? -2.036  0.454   8.179   1.00 9.20   ? 21  ARG B O   1 
ATOM   445 C  CB  . ARG B 2 21 ? -3.471  -1.739  6.446   1.00 12.79  ? 21  ARG B CB  1 
ATOM   446 C  CG  . ARG B 2 21 ? -3.078  -2.437  7.738   1.00 17.12  ? 21  ARG B CG  1 
ATOM   447 C  CD  . ARG B 2 21 ? -3.993  -3.605  8.070   1.00 21.76  ? 21  ARG B CD  1 
ATOM   448 N  NE  . ARG B 2 21 ? -5.352  -3.138  8.326   1.00 28.66  ? 21  ARG B NE  1 
ATOM   449 C  CZ  . ARG B 2 21 ? -5.936  -2.994  9.522   1.00 34.50  ? 21  ARG B CZ  1 
ATOM   450 N  NH1 . ARG B 2 21 ? -5.319  -3.292  10.667  1.00 36.24  ? 21  ARG B NH1 1 
ATOM   451 N  NH2 . ARG B 2 21 ? -7.173  -2.530  9.561   1.00 33.95  ? 21  ARG B NH2 1 
ATOM   452 N  N   . CYS B 2 22 ? -3.542  1.526   6.890   1.00 8.29   ? 22  CYS B N   1 
ATOM   453 C  CA  . CYS B 2 22 ? -3.678  2.602   7.846   1.00 7.46   ? 22  CYS B CA  1 
ATOM   454 C  C   . CYS B 2 22 ? -4.629  2.233   8.975   1.00 8.04   ? 22  CYS B C   1 
ATOM   455 O  O   . CYS B 2 22 ? -5.813  1.979   8.748   1.00 9.46   ? 22  CYS B O   1 
ATOM   456 C  CB  . CYS B 2 22 ? -4.171  3.887   7.186   1.00 8.15   ? 22  CYS B CB  1 
ATOM   457 S  SG  . CYS B 2 22 ? -4.231  5.290   8.327   1.00 9.26   ? 22  CYS B SG  1 
ATOM   458 N  N   . LYS B 2 23 ? -4.121  2.232   10.201  1.00 8.45   ? 23  LYS B N   1 
ATOM   459 C  CA  . LYS B 2 23 ? -4.982  2.262   11.396  1.00 10.01  ? 23  LYS B CA  1 
ATOM   460 C  C   . LYS B 2 23 ? -4.367  3.252   12.414  1.00 10.43  ? 23  LYS B C   1 
ATOM   461 O  O   . LYS B 2 23 ? -3.587  2.859   13.289  1.00 11.81  ? 23  LYS B O   1 
ATOM   462 C  CB  . LYS B 2 23 ? -5.167  0.857   11.996  1.00 11.25  ? 23  LYS B CB  1 
ATOM   463 C  CG  . LYS B 2 23 ? -6.377  0.681   12.902  1.00 13.13  ? 23  LYS B CG  1 
ATOM   464 C  CD  . LYS B 2 23 ? -6.462  -0.744  13.467  1.00 15.13  ? 23  LYS B CD  1 
ATOM   465 C  CE  . LYS B 2 23 ? -7.533  -0.867  14.511  1.00 15.95  ? 23  LYS B CE  1 
ATOM   466 N  NZ  . LYS B 2 23 ? -7.712  -2.293  14.857  1.00 16.93  ? 23  LYS B NZ  1 
ATOM   467 N  N   . LEU B 2 24 ? -4.646  4.542   12.200  1.00 11.00  ? 24  LEU B N   1 
ATOM   468 C  CA  . LEU B 2 24 ? -4.016  5.720   12.865  1.00 10.99  ? 24  LEU B CA  1 
ATOM   469 C  C   . LEU B 2 24 ? -2.562  5.915   12.472  1.00 10.29  ? 24  LEU B C   1 
ATOM   470 O  O   . LEU B 2 24 ? -2.155  7.052   12.183  1.00 10.88  ? 24  LEU B O   1 
ATOM   471 C  CB  . LEU B 2 24 ? -4.170  5.720   14.378  1.00 13.52  ? 24  LEU B CB  1 
ATOM   472 C  CG  . LEU B 2 24 ? -5.616  5.747   14.877  1.00 19.32  ? 24  LEU B CG  1 
ATOM   473 C  CD1 . LEU B 2 24 ? -6.134  4.334   15.131  1.00 23.55  ? 24  LEU B CD1 1 
ATOM   474 C  CD2 . LEU B 2 24 ? -5.596  6.583   16.158  1.00 21.73  ? 24  LEU B CD2 1 
ATOM   475 N  N   . TRP B 2 25 ? -1.795  4.829   12.503  1.00 9.29   ? 25  TRP B N   1 
ATOM   476 C  CA  . TRP B 2 25 ? -0.488  4.787   11.888  1.00 8.75   ? 25  TRP B CA  1 
ATOM   477 C  C   . TRP B 2 25 ? -0.430  3.599   10.945  1.00 8.26   ? 25  TRP B C   1 
ATOM   478 O  O   . TRP B 2 25 ? -1.259  2.694   11.010  1.00 9.21   ? 25  TRP B O   1 
ATOM   479 C  CB  . TRP B 2 25 ? 0.605   4.758   12.974  1.00 10.87  ? 25  TRP B CB  1 
ATOM   480 C  CG  . TRP B 2 25 ? 0.631   3.531   13.838  1.00 11.00  ? 25  TRP B CG  1 
ATOM   481 C  CD1 . TRP B 2 25 ? 1.332   2.394   13.565  1.00 12.77  ? 25  TRP B CD1 1 
ATOM   482 C  CD2 . TRP B 2 25 ? 0.010   3.327   15.113  1.00 13.81  ? 25  TRP B CD2 1 
ATOM   483 N  NE1 . TRP B 2 25 ? 1.181   1.489   14.552  1.00 15.28  ? 25  TRP B NE1 1 
ATOM   484 C  CE2 . TRP B 2 25 ? 0.387   2.027   15.528  1.00 15.22  ? 25  TRP B CE2 1 
ATOM   485 C  CE3 . TRP B 2 25 ? -0.820  4.089   15.958  1.00 16.63  ? 25  TRP B CE3 1 
ATOM   486 C  CZ2 . TRP B 2 25 ? -0.037  1.467   16.725  1.00 18.66  ? 25  TRP B CZ2 1 
ATOM   487 C  CZ3 . TRP B 2 25 ? -1.188  3.500   17.167  1.00 29.10  ? 25  TRP B CZ3 1 
ATOM   488 C  CH2 . TRP B 2 25 ? -0.833  2.215   17.511  1.00 21.76  ? 25  TRP B CH2 1 
ATOM   489 N  N   . CYS B 2 26 ? 0.572   3.581   10.077  1.00 8.56   ? 26  CYS B N   1 
ATOM   490 C  CA  . CYS B 2 26 ? 0.676   2.545   9.060   1.00 8.36   ? 26  CYS B CA  1 
ATOM   491 C  C   . CYS B 2 26 ? 1.210   1.269   9.686   1.00 8.89   ? 26  CYS B C   1 
ATOM   492 O  O   . CYS B 2 26 ? 2.293   1.255   10.298  1.00 11.50  ? 26  CYS B O   1 
ATOM   493 C  CB  . CYS B 2 26 ? 1.598   2.973   7.944   1.00 8.59   ? 26  CYS B CB  1 
ATOM   494 S  SG  . CYS B 2 26 ? 1.017   4.441   7.045   1.00 8.78   ? 26  CYS B SG  1 
ATOM   495 N  N   . ARG B 2 27 ? 0.432   0.203   9.498   1.00 8.99   ? 27  ARG B N   1 
ATOM   496 C  CA  . ARG B 2 27 ? 0.708   -1.121  10.034  1.00 9.55   ? 27  ARG B CA  1 
ATOM   497 C  C   . ARG B 2 27 ? 1.163   -2.006  8.895   1.00 9.35   ? 27  ARG B C   1 
ATOM   498 O  O   . ARG B 2 27 ? 0.693   -1.843  7.771   1.00 9.91   ? 27  ARG B O   1 
ATOM   499 C  CB  . ARG B 2 27 ? -0.592  -1.768  10.605  1.00 10.21  ? 27  ARG B CB  1 
ATOM   500 C  CG  . ARG B 2 27 ? -1.503  -0.916  11.478  1.00 10.41  ? 27  ARG B CG  1 
ATOM   501 C  CD  . ARG B 2 27 ? -0.768  -0.265  12.639  1.00 10.68  ? 27  ARG B CD  1 
ATOM   502 N  NE  . ARG B 2 27 ? -1.739  0.438   13.480  1.00 11.89  ? 27  ARG B NE  1 
ATOM   503 C  CZ  . ARG B 2 27 ? -2.387  -0.101  14.522  1.00 12.82  ? 27  ARG B CZ  1 
ATOM   504 N  NH1 . ARG B 2 27 ? -2.110  -1.330  14.949  1.00 15.63  ? 27  ARG B NH1 1 
ATOM   505 N  NH2 . ARG B 2 27 ? -3.293  0.620   15.184  1.00 12.78  ? 27  ARG B NH2 1 
ATOM   506 N  N   . LYS B 2 28 ? 2.004   -3.008  9.159   1.00 9.91   ? 28  LYS B N   1 
ATOM   507 C  CA  . LYS B 2 28 ? 2.252   -4.021  8.126   1.00 10.66  ? 28  LYS B CA  1 
ATOM   508 C  C   . LYS B 2 28 ? 0.936   -4.733  7.813   1.00 11.70  ? 28  LYS B C   1 
ATOM   509 O  O   . LYS B 2 28 ? 0.210   -5.083  8.734   1.00 14.15  ? 28  LYS B O   1 
ATOM   510 C  CB  . LYS B 2 28 ? 3.324   -5.006  8.573   1.00 12.17  ? 28  LYS B CB  1 
ATOM   511 C  CG  . LYS B 2 28 ? 3.826   -5.858  7.412   1.00 13.94  ? 28  LYS B CG  1 
ATOM   512 C  CD  . LYS B 2 28 ? 4.838   -6.918  7.768   1.00 16.81  ? 28  LYS B CD  1 
ATOM   513 C  CE  . LYS B 2 28 ? 5.348   -7.623  6.516   1.00 19.59  ? 28  LYS B CE  1 
ATOM   514 N  NZ  . LYS B 2 28 ? 6.107   -8.858  6.829   1.00 20.78  ? 28  LYS B NZ  1 
ATOM   515 N  N   . GLU B 2 29 ? 0.632   -4.923  6.528   1.00 12.46  ? 29  GLU B N   1 
ATOM   516 C  CA  . GLU B 2 29 ? -0.692  -5.477  6.099   1.00 12.96  ? 29  GLU B CA  1 
ATOM   517 C  C   . GLU B 2 29 ? -0.640  -6.998  6.229   1.00 13.31  ? 29  GLU B C   1 
ATOM   518 O  O   . GLU B 2 29 ? -0.450  -7.737  5.258   1.00 13.41  ? 29  GLU B O   1 
ATOM   519 C  CB  . GLU B 2 29 ? -1.094  -4.992  4.679   1.00 13.63  ? 29  GLU B CB  1 
ATOM   520 C  CG  . GLU B 2 29 ? -2.345  -5.569  4.001   1.00 17.67  ? 29  GLU B CG  1 
ATOM   521 C  CD  . GLU B 2 29 ? -3.558  -5.606  4.888   1.00 21.66  ? 29  GLU B CD  1 
ATOM   522 O  OE1 . GLU B 2 29 ? -4.410  -4.703  4.792   1.00 29.12  ? 29  GLU B OE1 1 
ATOM   523 O  OE2 . GLU B 2 29 ? -3.645  -6.547  5.685   1.00 21.78  ? 29  GLU B OE2 1 
ATOM   524 N  N   . ILE B 2 30 ? -0.828  -7.478  7.460   1.00 13.81  ? 30  ILE B N   1 
ATOM   525 C  CA  . ILE B 2 30 ? -0.665  -8.899  7.744   1.00 16.16  ? 30  ILE B CA  1 
ATOM   526 C  C   . ILE B 2 30 ? -1.985  -9.664  7.606   1.00 16.48  ? 30  ILE B C   1 
ATOM   527 O  O   . ILE B 2 30 ? -2.053  -10.849 7.903   1.00 14.83  ? 30  ILE B O   1 
ATOM   528 C  CB  . ILE B 2 30 ? 0.011   -9.152  9.123   1.00 19.38  ? 30  ILE B CB  1 
ATOM   529 C  CG1 . ILE B 2 30 ? -0.670  -8.429  10.295  1.00 22.85  ? 30  ILE B CG1 1 
ATOM   530 C  CG2 . ILE B 2 30 ? 1.462   -8.669  9.086   1.00 18.79  ? 30  ILE B CG2 1 
ATOM   531 C  CD1 . ILE B 2 30 ? -2.177  -8.394  10.363  1.00 24.71  ? 30  ILE B CD1 1 
HETATM 532 N  N   . NH2 B 2 31 ? -3.042  -9.023  7.164   1.00 16.67  ? 31  NH2 B N   1 
HETATM 533 BR BR  . BR  C 3 .  ? 2.403   -4.210  -18.144 1.00 31.51  ? 101 BR  A BR  1 
HETATM 534 S  S   . SO4 D 4 .  ? 8.859   5.005   -12.120 0.33 16.27  ? 102 SO4 A S   1 
HETATM 535 O  O1  . SO4 D 4 .  ? 9.575   4.870   -10.835 0.33 18.11  ? 102 SO4 A O1  1 
HETATM 536 O  O2  . SO4 D 4 .  ? 7.478   4.507   -11.942 0.33 22.04  ? 102 SO4 A O2  1 
HETATM 537 O  O3  . SO4 D 4 .  ? 9.567   4.191   -13.136 0.33 18.14  ? 102 SO4 A O3  1 
HETATM 538 O  O4  . SO4 D 4 .  ? 8.845   6.439   -12.481 0.33 16.43  ? 102 SO4 A O4  1 
HETATM 539 C  C1  . GOL E 5 .  ? 10.663  8.536   -16.628 0.50 19.15  ? 103 GOL A C1  1 
HETATM 540 O  O1  . GOL E 5 .  ? 11.944  8.803   -16.065 0.50 23.36  ? 103 GOL A O1  1 
HETATM 541 C  C2  . GOL E 5 .  ? 9.565   9.266   -15.882 0.50 17.94  ? 103 GOL A C2  1 
HETATM 542 O  O2  . GOL E 5 .  ? 9.495   8.755   -14.544 0.50 19.20  ? 103 GOL A O2  1 
HETATM 543 C  C3  . GOL E 5 .  ? 8.260   9.013   -16.607 0.50 22.37  ? 103 GOL A C3  1 
HETATM 544 O  O3  . GOL E 5 .  ? 7.586   10.254  -16.719 0.50 19.57  ? 103 GOL A O3  1 
HETATM 545 BR BR  . BR  F 3 .  ? -2.461  5.702   17.963  1.00 90.97  ? 101 BR  B BR  1 
HETATM 546 S  S   . SO4 G 4 .  ? -8.806  -4.507  12.112  0.33 21.43  ? 102 SO4 B S   1 
HETATM 547 O  O1  . SO4 G 4 .  ? -9.629  -5.627  12.627  0.33 25.49  ? 102 SO4 B O1  1 
HETATM 548 O  O2  . SO4 G 4 .  ? -7.416  -4.637  12.609  0.33 23.82  ? 102 SO4 B O2  1 
HETATM 549 O  O3  . SO4 G 4 .  ? -8.807  -4.531  10.626  0.33 23.95  ? 102 SO4 B O3  1 
HETATM 550 O  O4  . SO4 G 4 .  ? -9.365  -3.214  12.566  0.33 24.88  ? 102 SO4 B O4  1 
HETATM 551 C  C1  . GOL H 5 .  ? -8.439  -9.550  15.860  0.50 22.64  ? 103 GOL B C1  1 
HETATM 552 O  O1  . GOL H 5 .  ? -7.330  -8.816  16.356  0.50 22.72  ? 103 GOL B O1  1 
HETATM 553 C  C2  . GOL H 5 .  ? -9.697  -8.714  15.939  0.50 21.41  ? 103 GOL B C2  1 
HETATM 554 O  O2  . GOL H 5 .  ? -9.377  -7.325  16.069  0.50 24.94  ? 103 GOL B O2  1 
HETATM 555 C  C3  . GOL H 5 .  ? -10.494 -8.948  14.665  0.50 22.76  ? 103 GOL B C3  1 
HETATM 556 O  O3  . GOL H 5 .  ? -11.651 -9.747  14.958  0.50 22.54  ? 103 GOL B O3  1 
HETATM 557 O  O   . HOH I 6 .  ? -7.349  -9.215  -2.157  1.00 36.80  ? 201 HOH A O   1 
HETATM 558 O  O   . HOH I 6 .  ? -5.922  0.422   -0.619  1.00 20.00  ? 202 HOH A O   1 
HETATM 559 O  O   . HOH I 6 .  ? 0.176   12.869  -7.032  1.00 16.18  ? 203 HOH A O   1 
HETATM 560 O  O   . HOH I 6 .  ? -4.938  -11.943 -4.460  1.00 20.61  ? 204 HOH A O   1 
HETATM 561 O  O   . HOH I 6 .  ? 3.738   2.072   -2.477  1.00 15.39  ? 205 HOH A O   1 
HETATM 562 O  O   . HOH I 6 .  ? -3.273  6.846   -3.794  1.00 15.84  ? 206 HOH A O   1 
HETATM 563 O  O   . HOH I 6 .  ? 4.585   -16.841 -4.477  0.33 24.69  ? 207 HOH A O   1 
HETATM 564 O  O   . HOH I 6 .  ? -5.872  -10.518 -2.525  1.00 21.68  ? 208 HOH A O   1 
HETATM 565 O  O   . HOH I 6 .  ? -9.228  -2.648  -8.575  1.00 19.39  ? 209 HOH A O   1 
HETATM 566 O  O   . HOH I 6 .  ? 9.264   -9.154  -7.140  1.00 16.06  ? 210 HOH A O   1 
HETATM 567 O  O   . HOH I 6 .  ? 4.256   -8.964  -0.048  1.00 17.63  ? 211 HOH A O   1 
HETATM 568 O  O   . HOH I 6 .  ? -0.567  5.881   -11.576 1.00 17.36  ? 212 HOH A O   1 
HETATM 569 O  O   . HOH I 6 .  ? -10.163 -6.757  0.194   1.00 22.25  ? 213 HOH A O   1 
HETATM 570 O  O   . HOH I 6 .  ? -0.997  8.349   -3.052  1.00 21.33  ? 214 HOH A O   1 
HETATM 571 O  O   . HOH I 6 .  ? 2.604   4.984   -10.048 1.00 35.65  ? 215 HOH A O   1 
HETATM 572 O  O   . HOH I 6 .  ? -2.801  3.702   -12.409 1.00 11.74  ? 216 HOH A O   1 
HETATM 573 O  O   . HOH I 6 .  ? -9.583  -0.690  -6.520  1.00 26.25  ? 217 HOH A O   1 
HETATM 574 O  O   . HOH I 6 .  ? 1.422   5.543   -13.351 1.00 22.09  ? 218 HOH A O   1 
HETATM 575 O  O   . HOH I 6 .  ? 8.636   -8.963  -10.172 1.00 23.56  ? 219 HOH A O   1 
HETATM 576 O  O   . HOH I 6 .  ? -11.583 -1.500  -9.683  0.33 17.84  ? 220 HOH A O   1 
HETATM 577 O  O   . HOH I 6 .  ? -11.617 -5.759  -5.062  1.00 19.58  ? 221 HOH A O   1 
HETATM 578 O  O   . HOH I 6 .  ? -10.928 -2.180  -4.711  0.33 35.56  ? 222 HOH A O   1 
HETATM 579 O  O   . HOH I 6 .  ? 10.759  -12.942 -9.421  1.00 54.92  ? 223 HOH A O   1 
HETATM 580 O  O   . HOH J 6 .  ? -8.210  -5.669  16.504  0.17 30.87  ? 201 HOH B O   1 
HETATM 581 O  O   . HOH J 6 .  ? 2.773   10.829  8.187   1.00 16.46  ? 202 HOH B O   1 
HETATM 582 O  O   . HOH J 6 .  ? -3.623  13.642  -0.453  1.00 14.31  ? 203 HOH B O   1 
HETATM 583 O  O   . HOH J 6 .  ? -4.197  9.398   0.208   1.00 19.05  ? 204 HOH B O   1 
HETATM 584 O  O   . HOH J 6 .  ? 0.577   4.692   -1.242  1.00 24.72  ? 205 HOH B O   1 
HETATM 585 O  O   . HOH J 6 .  ? -5.459  -8.368  4.791   1.00 14.07  ? 206 HOH B O   1 
HETATM 586 O  O   . HOH J 6 .  ? -6.419  7.959   10.635  1.00 17.94  ? 207 HOH B O   1 
HETATM 587 O  O   . HOH J 6 .  ? 10.008  8.451   1.290   1.00 27.74  ? 208 HOH B O   1 
HETATM 588 O  O   . HOH J 6 .  ? 2.135   13.699  7.962   1.00 32.24  ? 209 HOH B O   1 
HETATM 589 O  O   . HOH J 6 .  ? 3.225   -6.456  3.661   1.00 17.51  ? 210 HOH B O   1 
HETATM 590 O  O   . HOH J 6 .  ? -4.590  -0.371  17.520  1.00 27.91  ? 211 HOH B O   1 
HETATM 591 O  O   . HOH J 6 .  ? 4.932   12.481  4.603   1.00 14.83  ? 212 HOH B O   1 
HETATM 592 O  O   . HOH J 6 .  ? 0.645   -5.364  11.542  1.00 18.35  ? 213 HOH B O   1 
HETATM 593 O  O   . HOH J 6 .  ? 5.461   8.837   -4.822  1.00 15.27  ? 214 HOH B O   1 
HETATM 594 O  O   . HOH J 6 .  ? 2.135   -1.317  14.605  1.00 31.61  ? 215 HOH B O   1 
HETATM 595 O  O   . HOH J 6 .  ? 4.112   10.247  11.846  1.00 28.18  ? 216 HOH B O   1 
HETATM 596 O  O   . HOH J 6 .  ? 6.315   10.776  2.526   1.00 25.67  ? 217 HOH B O   1 
HETATM 597 O  O   . HOH J 6 .  ? 7.468   1.639   4.773   1.00 20.85  ? 218 HOH B O   1 
HETATM 598 O  O   . HOH J 6 .  ? 2.759   -3.230  12.359  1.00 11.36  ? 219 HOH B O   1 
HETATM 599 O  O   . HOH J 6 .  ? 6.961   1.981   2.474   1.00 22.80  ? 220 HOH B O   1 
HETATM 600 O  O   . HOH J 6 .  ? 0.124   7.224   -0.997  1.00 31.10  ? 221 HOH B O   1 
HETATM 601 O  O   . HOH J 6 .  ? -6.304  1.542   17.055  0.50 24.06  ? 222 HOH B O   1 
HETATM 602 O  O   . HOH J 6 .  ? -4.035  11.341  -2.003  1.00 19.40  ? 223 HOH B O   1 
HETATM 603 O  O   . HOH J 6 .  ? 1.713   -10.474 3.230   1.00 21.25  ? 224 HOH B O   1 
HETATM 604 O  O   . HOH J 6 .  ? 0.158   -1.529  18.425  1.00 185.39 ? 225 HOH B O   1 
HETATM 605 O  O   . HOH J 6 .  ? 1.949   -11.135 5.796   1.00 84.75  ? 226 HOH B O   1 
HETATM 606 O  O   . HOH J 6 .  ? 9.855   1.384   6.015   1.00 36.53  ? 227 HOH B O   1 
HETATM 607 O  O   . HOH J 6 .  ? 2.183   15.156  5.909   1.00 20.67  ? 228 HOH B O   1 
HETATM 608 O  O   . HOH J 6 .  ? 0.133   16.788  5.260   1.00 16.75  ? 229 HOH B O   1 
HETATM 609 O  O   . HOH J 6 .  ? 11.685  1.806   9.754   0.33 17.87  ? 230 HOH B O   1 
HETATM 610 O  O   . HOH J 6 .  ? -4.864  17.219  4.203   0.33 22.46  ? 231 HOH B O   1 
HETATM 611 O  O   . HOH J 6 .  ? 11.471  -0.155  7.861   1.00 16.97  ? 232 HOH B O   1 
# 
loop_
_atom_site_anisotrop.id 
_atom_site_anisotrop.type_symbol 
_atom_site_anisotrop.pdbx_label_atom_id 
_atom_site_anisotrop.pdbx_label_alt_id 
_atom_site_anisotrop.pdbx_label_comp_id 
_atom_site_anisotrop.pdbx_label_asym_id 
_atom_site_anisotrop.pdbx_label_seq_id 
_atom_site_anisotrop.pdbx_PDB_ins_code 
_atom_site_anisotrop.U[1][1] 
_atom_site_anisotrop.U[2][2] 
_atom_site_anisotrop.U[3][3] 
_atom_site_anisotrop.U[1][2] 
_atom_site_anisotrop.U[1][3] 
_atom_site_anisotrop.U[2][3] 
_atom_site_anisotrop.pdbx_auth_seq_id 
_atom_site_anisotrop.pdbx_auth_comp_id 
_atom_site_anisotrop.pdbx_auth_asym_id 
_atom_site_anisotrop.pdbx_auth_atom_id 
1   N  N   . DGL A 1  ? 0.1509 0.1805 0.2024 0.0113  0.0662  -0.0129 1   DGL A N   
2   C  CA  . DGL A 1  ? 0.1397 0.1522 0.1620 0.0340  0.0330  0.0059  1   DGL A CA  
3   C  C   . DGL A 1  ? 0.1264 0.1131 0.1300 0.0120  0.0257  0.0208  1   DGL A C   
4   O  O   . DGL A 1  ? 0.1399 0.1398 0.1347 0.0092  0.0242  0.0239  1   DGL A O   
5   C  CB  . DGL A 1  ? 0.1924 0.1451 0.2162 0.0196  0.0282  -0.0077 1   DGL A CB  
6   C  CG  . DGL A 1  ? 0.2850 0.1790 0.2441 0.0099  0.0177  -0.0283 1   DGL A CG  
7   C  CD  . DGL A 1  ? 0.3394 0.1996 0.4101 -0.0178 0.0290  0.0066  1   DGL A CD  
8   O  OE1 . DGL A 1  ? 0.2978 0.3162 0.4703 -0.0373 0.0948  0.0150  1   DGL A OE1 
9   O  OE2 . DGL A 1  ? 0.3214 0.3124 0.5104 0.0333  0.0099  0.0450  1   DGL A OE2 
10  C  C   A F9D A 2  ? 0.0906 0.1155 0.1200 0.0267  0.0434  0.0025  2   F9D A C   
11  C  C   B F9D A 2  ? 0.1186 0.1462 0.1694 0.0071  0.0293  0.0360  2   F9D A C   
12  O  O   A F9D A 2  ? 0.1245 0.1073 0.1033 0.0221  0.0360  0.0044  2   F9D A O   
13  O  O   B F9D A 2  ? 0.1100 0.1188 0.1818 0.0074  0.0340  0.0425  2   F9D A O   
14  C  CA  A F9D A 2  ? 0.1149 0.1000 0.1150 -0.0029 0.0215  0.0123  2   F9D A CA  
15  C  CA  B F9D A 2  ? 0.1261 0.1030 0.1108 0.0014  0.0147  0.0147  2   F9D A CA  
16  N  N   A F9D A 2  ? 0.1118 0.1116 0.1046 -0.0039 0.0195  0.0110  2   F9D A N   
17  N  N   B F9D A 2  ? 0.1152 0.1124 0.1063 -0.0039 0.0166  0.0136  2   F9D A N   
18  C  CB  A F9D A 2  ? 0.1281 0.1068 0.1127 0.0006  0.0141  0.0123  2   F9D A CB  
19  C  CB  B F9D A 2  ? 0.1327 0.1010 0.1126 -0.0001 0.0158  0.0163  2   F9D A CB  
20  C  CG  A F9D A 2  ? 0.1316 0.1039 0.1118 0.0018  0.0188  0.0089  2   F9D A CG  
21  C  CG  B F9D A 2  ? 0.1304 0.0914 0.1321 -0.0004 0.0155  0.0162  2   F9D A CG  
22  C  CD  A F9D A 2  ? 0.1620 0.1597 0.1560 -0.0031 -0.0143 -0.0014 2   F9D A CD  
23  C  CD  B F9D A 2  ? 0.1741 0.1369 0.1658 -0.0102 -0.0116 0.0069  2   F9D A CD  
24  N  N   . DCY A 3  ? 0.1242 0.1254 0.1744 0.0088  0.0539  0.0137  3   DCY A N   
25  C  CA  . DCY A 3  ? 0.1506 0.1358 0.1834 -0.0118 0.0531  0.0234  3   DCY A CA  
26  C  C   . DCY A 3  ? 0.1063 0.1264 0.1956 0.0062  0.0614  0.0231  3   DCY A C   
27  O  O   . DCY A 3  ? 0.1107 0.1465 0.2192 0.0097  0.0412  0.0361  3   DCY A O   
28  C  CB  . DCY A 3  ? 0.1999 0.1705 0.1512 -0.0255 0.0230  0.0198  3   DCY A CB  
29  S  SG  . DCY A 3  ? 0.2546 0.1622 0.1746 -0.0425 0.0690  -0.0110 3   DCY A SG  
30  N  N   . DGN A 4  ? 0.0964 0.1235 0.1857 0.0031  0.0476  0.0366  4   DGN A N   
31  C  CA  . DGN A 4  ? 0.0835 0.1102 0.1936 0.0147  0.0353  0.0195  4   DGN A CA  
32  C  C   . DGN A 4  ? 0.0907 0.1135 0.1819 0.0084  0.0398  0.0379  4   DGN A C   
33  O  O   . DGN A 4  ? 0.0903 0.1269 0.1972 0.0192  0.0310  0.0168  4   DGN A O   
34  C  CB  . DGN A 4  ? 0.0921 0.1274 0.1586 0.0103  0.0237  0.0228  4   DGN A CB  
35  C  CG  . DGN A 4  ? 0.1090 0.1267 0.1667 0.0142  0.0276  0.0318  4   DGN A CG  
36  C  CD  . DGN A 4  ? 0.1528 0.1377 0.1840 0.0146  0.0361  0.0030  4   DGN A CD  
37  O  OE1 . DGN A 4  ? 0.2659 0.1913 0.2042 0.0032  0.0401  -0.0257 4   DGN A OE1 
38  N  NE2 . DGN A 4  ? 0.1766 0.1303 0.1886 -0.0012 0.0441  0.0040  4   DGN A NE2 
39  N  N   . DLY A 5  ? 0.0925 0.1212 0.2255 0.0082  0.0200  0.0304  5   DLY A N   
40  C  CA  . DLY A 5  ? 0.1024 0.1337 0.2312 0.0249  0.0274  0.0216  5   DLY A CA  
41  C  C   . DLY A 5  ? 0.0667 0.1237 0.2237 0.0007  -0.0043 0.0209  5   DLY A C   
42  O  O   . DLY A 5  ? 0.0878 0.1288 0.2008 0.0025  -0.0032 0.0219  5   DLY A O   
43  C  CB  . DLY A 5  ? 0.1143 0.2224 0.2541 -0.0024 0.0240  0.0030  5   DLY A CB  
44  C  CG  . DLY A 5  ? 0.1712 0.2214 0.2381 0.0171  0.0362  0.0153  5   DLY A CG  
45  C  CD  . DLY A 5  ? 0.1569 0.2468 0.2414 -0.0228 0.0451  -0.0019 5   DLY A CD  
46  C  CE  . DLY A 5  ? 0.2197 0.2483 0.2218 -0.0037 0.0186  0.0241  5   DLY A CE  
47  N  NZ  . DLY A 5  ? 0.1605 0.1436 0.2102 0.0145  0.0645  0.0075  5   DLY A NZ  
48  N  N   . DTR A 6  ? 0.1140 0.1299 0.2269 0.0199  -0.0045 0.0165  6   DTR A N   
49  C  CA  . DTR A 6  ? 0.1234 0.1337 0.2235 0.0184  -0.0300 0.0201  6   DTR A CA  
50  C  CB  . DTR A 6  ? 0.1501 0.1262 0.2261 0.0218  -0.0297 -0.0032 6   DTR A CB  
51  C  CG  . DTR A 6  ? 0.1482 0.1266 0.2344 0.0229  -0.0350 -0.0041 6   DTR A CG  
52  C  CD1 . DTR A 6  ? 0.1696 0.1415 0.2295 0.0245  -0.0195 0.0061  6   DTR A CD1 
53  N  NE1 . DTR A 6  ? 0.1671 0.1501 0.2347 0.0033  -0.0287 0.0164  6   DTR A NE1 
54  C  CE2 . DTR A 6  ? 0.1719 0.1722 0.2154 0.0164  -0.0341 0.0156  6   DTR A CE2 
55  C  CZ2 . DTR A 6  ? 0.1944 0.2026 0.2172 0.0328  -0.0208 0.0337  6   DTR A CZ2 
56  C  CH2 . DTR A 6  ? 0.1912 0.2377 0.2506 0.0472  -0.0324 0.0619  6   DTR A CH2 
57  C  CZ3 . DTR A 6  ? 0.1848 0.2076 0.2120 0.0495  -0.0235 0.0239  6   DTR A CZ3 
58  C  CE3 . DTR A 6  ? 0.1569 0.1625 0.1977 0.0252  -0.0270 0.0028  6   DTR A CE3 
59  C  CD2 . DTR A 6  ? 0.1531 0.1346 0.2135 0.0177  -0.0427 -0.0015 6   DTR A CD2 
60  C  C   . DTR A 6  ? 0.0918 0.1460 0.2097 0.0085  -0.0297 0.0271  6   DTR A C   
61  O  O   . DTR A 6  ? 0.1041 0.1420 0.2364 -0.0018 -0.0210 0.0111  6   DTR A O   
62  N  N   . MED A 7  ? 0.1256 0.1164 0.2118 0.0074  -0.0102 0.0202  7   MED A N   
63  C  CA  . MED A 7  ? 0.1386 0.1564 0.1832 0.0030  -0.0183 0.0379  7   MED A CA  
64  C  C   . MED A 7  ? 0.1345 0.1549 0.1756 -0.0013 -0.0422 0.0169  7   MED A C   
65  O  O   . MED A 7  ? 0.2428 0.2275 0.1617 0.0046  -0.0498 0.0076  7   MED A O   
66  C  CB  . MED A 7  ? 0.1712 0.1752 0.1968 0.0244  -0.0369 0.0330  7   MED A CB  
67  C  CG  . MED A 7  ? 0.2700 0.1925 0.1985 0.0652  -0.0484 0.0532  7   MED A CG  
68  S  SD  . MED A 7  ? 0.2826 0.2588 0.2784 0.0597  -0.0488 0.0553  7   MED A SD  
69  C  CE  . MED A 7  ? 0.2689 0.2981 0.2946 0.0175  -0.0077 0.0345  7   MED A CE  
70  N  N   . DTR A 8  ? 0.1185 0.1389 0.1687 -0.0077 -0.0303 0.0152  8   DTR A N   
71  C  CA  . DTR A 8  ? 0.1206 0.1380 0.1865 -0.0139 -0.0282 0.0083  8   DTR A CA  
72  C  CB  . DTR A 8  ? 0.1080 0.1547 0.1912 -0.0107 -0.0223 0.0094  8   DTR A CB  
73  C  CG  . DTR A 8  ? 0.1083 0.1781 0.2340 -0.0201 -0.0023 0.0424  8   DTR A CG  
74  C  CD1 . DTR A 8  ? 0.1114 0.2098 0.2171 -0.0332 -0.0121 0.0313  8   DTR A CD1 
75  N  NE1 . DTR A 8  ? 0.1173 0.2171 0.2369 -0.0313 -0.0013 0.0411  8   DTR A NE1 
76  C  CE2 . DTR A 8  ? 0.1267 0.1796 0.2503 -0.0299 -0.0099 0.0452  8   DTR A CE2 
77  C  CZ2 . DTR A 8  ? 0.1469 0.2026 0.2339 -0.0288 0.0133  0.0338  8   DTR A CZ2 
78  C  CH2 . DTR A 8  ? 0.1517 0.1748 0.2745 -0.0032 0.0036  0.0450  8   DTR A CH2 
79  C  CZ3 . DTR A 8  ? 0.1446 0.1800 0.2597 0.0039  0.0221  0.0701  8   DTR A CZ3 
80  C  CE3 . DTR A 8  ? 0.1318 0.1524 0.2462 0.0025  0.0112  0.0549  8   DTR A CE3 
81  C  CD2 . DTR A 8  ? 0.1228 0.1435 0.2456 -0.0112 -0.0013 0.0500  8   DTR A CD2 
82  C  C   . DTR A 8  ? 0.1259 0.1405 0.1568 -0.0018 -0.0281 -0.0011 8   DTR A C   
83  O  O   . DTR A 8  ? 0.1119 0.1419 0.1492 -0.0087 0.0024  0.0003  8   DTR A O   
84  N  N   A DTH A 9  ? 0.1396 0.1543 0.1664 0.0039  -0.0202 -0.0129 9   DTH A N   
85  N  N   B DTH A 9  ? 0.1401 0.1533 0.1692 0.0036  -0.0186 -0.0125 9   DTH A N   
86  C  CA  A DTH A 9  ? 0.1442 0.1551 0.1517 0.0088  0.0017  -0.0069 9   DTH A CA  
87  C  CA  B DTH A 9  ? 0.1436 0.1635 0.1507 0.0090  0.0038  -0.0070 9   DTH A CA  
88  C  CB  A DTH A 9  ? 0.2025 0.1882 0.1954 0.0183  0.0034  -0.0459 9   DTH A CB  
89  C  CB  B DTH A 9  ? 0.2027 0.1752 0.2035 0.0000  0.0126  -0.0278 9   DTH A CB  
90  C  CG2 A DTH A 9  ? 0.2297 0.2341 0.2039 0.0010  0.0044  -0.0138 9   DTH A CG2 
91  C  CG2 B DTH A 9  ? 0.2081 0.2222 0.2115 0.0075  0.0086  -0.0240 9   DTH A CG2 
92  O  OG1 A DTH A 9  ? 0.2651 0.1289 0.2219 0.0083  -0.0113 -0.0541 9   DTH A OG1 
93  O  OG1 B DTH A 9  ? 0.2295 0.2215 0.2345 0.0053  -0.0186 -0.0476 9   DTH A OG1 
94  C  C   A DTH A 9  ? 0.1209 0.1346 0.1461 0.0105  0.0088  -0.0097 9   DTH A C   
95  C  C   B DTH A 9  ? 0.1208 0.1363 0.1457 0.0094  0.0106  -0.0092 9   DTH A C   
96  O  O   A DTH A 9  ? 0.1307 0.1724 0.1441 -0.0154 -0.0027 0.0039  9   DTH A O   
97  O  O   B DTH A 9  ? 0.1264 0.1717 0.1384 -0.0144 -0.0034 0.0041  9   DTH A O   
98  N  N   . DCY A 10 ? 0.1193 0.1352 0.1192 0.0091  0.0122  -0.0035 10  DCY A N   
99  C  CA  . DCY A 10 ? 0.1007 0.1182 0.1078 0.0132  0.0165  0.0132  10  DCY A CA  
100 C  C   . DCY A 10 ? 0.1053 0.1096 0.1144 0.0183  0.0267  0.0240  10  DCY A C   
101 O  O   . DCY A 10 ? 0.1227 0.1447 0.1174 0.0263  0.0379  0.0148  10  DCY A O   
102 C  CB  . DCY A 10 ? 0.1098 0.1197 0.0932 0.0109  0.0149  0.0130  10  DCY A CB  
103 S  SG  . DCY A 10 ? 0.1073 0.1143 0.0943 0.0126  0.0083  0.0147  10  DCY A SG  
104 N  N   . DAS A 11 ? 0.1027 0.1019 0.1147 0.0181  0.0292  0.0291  11  DAS A N   
105 C  CA  . DAS A 11 ? 0.1011 0.1090 0.1498 0.0155  0.0292  0.0235  11  DAS A CA  
106 C  C   . DAS A 11 ? 0.0996 0.1079 0.1490 -0.0027 0.0289  0.0258  11  DAS A C   
107 O  O   . DAS A 11 ? 0.0924 0.1114 0.1299 0.0109  0.0150  0.0280  11  DAS A O   
108 C  CB  . DAS A 11 ? 0.1284 0.1231 0.1432 0.0130  0.0251  0.0053  11  DAS A CB  
109 C  CG  . DAS A 11 ? 0.1511 0.0991 0.2003 0.0105  -0.0018 0.0078  11  DAS A CG  
110 O  OD1 . DAS A 11 ? 0.2592 0.1316 0.1828 -0.0562 0.0680  -0.0044 11  DAS A OD1 
111 O  OD2 . DAS A 11 ? 0.2528 0.1821 0.2464 -0.0572 -0.0577 0.0296  11  DAS A OD2 
112 N  N   A DSN A 12 ? 0.1037 0.1168 0.1754 0.0009  0.0262  0.0391  12  DSN A N   
113 N  N   B DSN A 12 ? 0.1046 0.1198 0.1727 0.0008  0.0252  0.0389  12  DSN A N   
114 C  CA  A DSN A 12 ? 0.1297 0.1254 0.1890 -0.0035 0.0015  0.0313  12  DSN A CA  
115 C  CA  B DSN A 12 ? 0.1342 0.1311 0.1822 -0.0042 0.0055  0.0291  12  DSN A CA  
116 C  C   A DSN A 12 ? 0.1235 0.1124 0.1736 0.0005  -0.0034 0.0231  12  DSN A C   
117 C  C   B DSN A 12 ? 0.1242 0.1148 0.1707 -0.0006 -0.0025 0.0221  12  DSN A C   
118 O  O   A DSN A 12 ? 0.1821 0.1543 0.1789 -0.0255 0.0062  0.0083  12  DSN A O   
119 O  O   B DSN A 12 ? 0.1841 0.1554 0.1760 -0.0269 0.0063  0.0086  12  DSN A O   
120 C  CB  A DSN A 12 ? 0.1300 0.1379 0.2301 -0.0103 0.0009  0.0327  12  DSN A CB  
121 C  CB  B DSN A 12 ? 0.1365 0.1701 0.1739 -0.0091 0.0072  0.0243  12  DSN A CB  
122 O  OG  A DSN A 12 ? 0.1346 0.1348 0.2525 -0.0188 -0.0133 0.0225  12  DSN A OG  
123 O  OG  B DSN A 12 ? 0.2019 0.1786 0.2155 -0.0301 0.0470  -0.0007 12  DSN A OG  
124 N  N   . DAL A 13 ? 0.0874 0.1084 0.1534 0.0059  0.0093  0.0261  13  DAL A N   
125 C  CA  . DAL A 13 ? 0.0946 0.1093 0.1398 -0.0010 0.0026  0.0238  13  DAL A CA  
126 C  CB  . DAL A 13 ? 0.1216 0.1085 0.1632 0.0106  0.0131  0.0192  13  DAL A CB  
127 C  C   . DAL A 13 ? 0.0901 0.1051 0.1246 -0.0055 0.0067  0.0161  13  DAL A C   
128 O  O   . DAL A 13 ? 0.0961 0.1206 0.1295 -0.0028 0.0105  0.0277  13  DAL A O   
129 N  N   . DAR A 14 ? 0.0919 0.1412 0.1387 0.0121  0.0254  0.0424  14  DAR A N   
130 C  CA  . DAR A 14 ? 0.0986 0.1399 0.1599 0.0269  0.0299  0.0442  14  DAR A CA  
131 C  CB  . DAR A 14 ? 0.1251 0.1347 0.1961 0.0116  0.0285  0.0267  14  DAR A CB  
132 C  CG  . DAR A 14 ? 0.2112 0.1372 0.2374 0.0203  0.0285  0.0379  14  DAR A CG  
133 C  CD  . DAR A 14 ? 0.2284 0.2007 0.3176 -0.0003 -0.0351 -0.0192 14  DAR A CD  
134 N  NE  . DAR A 14 ? 0.3174 0.3492 0.4406 -0.0070 0.0891  -0.0405 14  DAR A NE  
135 C  CZ  . DAR A 14 ? 0.2256 0.3825 0.4534 -0.0143 0.1366  -0.0047 14  DAR A CZ  
136 N  NH1 . DAR A 14 ? 0.2167 0.2549 0.4747 -0.0049 0.1342  0.0074  14  DAR A NH1 
137 N  NH2 . DAR A 14 ? 0.2914 0.4407 0.6561 -0.0405 0.3396  -0.0210 14  DAR A NH2 
138 C  C   . DAR A 14 ? 0.0803 0.1394 0.1335 0.0277  0.0184  0.0453  14  DAR A C   
139 O  O   . DAR A 14 ? 0.1086 0.1384 0.1249 0.0217  0.0154  0.0395  14  DAR A O   
140 N  N   . DAL A 15 ? 0.1318 0.1496 0.1341 0.0121  0.0237  0.0334  15  DAL A N   
141 C  CA  . DAL A 15 ? 0.1317 0.1495 0.1413 0.0174  0.0068  0.0153  15  DAL A CA  
142 C  CB  . DAL A 15 ? 0.1716 0.1729 0.1646 0.0149  -0.0280 0.0197  15  DAL A CB  
143 C  C   . DAL A 15 ? 0.1242 0.1190 0.1155 0.0055  0.0194  0.0167  15  DAL A C   
144 O  O   . DAL A 15 ? 0.1293 0.1656 0.1522 0.0080  0.0446  0.0418  15  DAL A O   
145 N  N   . DCY A 16 ? 0.0913 0.1245 0.1079 0.0100  0.0234  0.0232  16  DCY A N   
146 C  CA  . DCY A 16 ? 0.0898 0.1061 0.1109 0.0028  0.0157  0.0109  16  DCY A CA  
147 C  C   . DCY A 16 ? 0.1150 0.0947 0.1220 -0.0039 0.0393  0.0141  16  DCY A C   
148 O  O   . DCY A 16 ? 0.1599 0.1326 0.1259 0.0087  0.0328  -0.0097 16  DCY A O   
149 C  CB  . DCY A 16 ? 0.0973 0.1041 0.1094 0.0035  0.0073  0.0131  16  DCY A CB  
150 S  SG  . DCY A 16 ? 0.0905 0.1207 0.1171 0.0129  0.0105  0.0128  16  DCY A SG  
151 N  N   . DCY A 17 ? 0.1179 0.1183 0.1445 -0.0021 0.0370  0.0002  17  DCY A N   
152 C  CA  . DCY A 17 ? 0.1476 0.1268 0.1480 0.0104  0.0439  0.0067  17  DCY A CA  
153 C  C   . DCY A 17 ? 0.1515 0.1224 0.1286 0.0204  0.0477  0.0043  17  DCY A C   
154 O  O   . DCY A 17 ? 0.2022 0.1072 0.1420 -0.0151 0.0634  -0.0088 17  DCY A O   
155 C  CB  . DCY A 17 ? 0.1501 0.1733 0.1929 0.0118  0.0480  -0.0026 17  DCY A CB  
156 S  SG  . DCY A 17 ? 0.1295 0.2002 0.2742 -0.0094 0.0571  -0.0726 17  DCY A SG  
157 N  N   . DGL A 18 ? 0.1665 0.1343 0.1251 0.0202  0.0523  0.0049  18  DGL A N   
158 C  CA  . DGL A 18 ? 0.1778 0.1367 0.1129 0.0339  0.0165  -0.0091 18  DGL A CA  
159 C  C   . DGL A 18 ? 0.1628 0.1329 0.1213 0.0398  0.0251  -0.0063 18  DGL A C   
160 O  O   . DGL A 18 ? 0.1741 0.1408 0.1478 0.0298  0.0164  -0.0135 18  DGL A O   
161 C  CB  . DGL A 18 ? 0.1703 0.1562 0.1216 0.0187  0.0190  0.0016  18  DGL A CB  
162 C  CG  . DGL A 18 ? 0.1205 0.1547 0.1157 0.0387  0.0379  0.0104  18  DGL A CG  
163 C  CD  . DGL A 18 ? 0.1094 0.1590 0.1027 0.0257  0.0199  0.0162  18  DGL A CD  
164 O  OE1 . DGL A 18 ? 0.1122 0.1561 0.0891 0.0197  -0.0077 0.0268  18  DGL A OE1 
165 O  OE2 . DGL A 18 ? 0.1098 0.1952 0.0919 -0.0140 -0.0046 0.0242  18  DGL A OE2 
166 N  N   . GLY A 19 ? 0.1524 0.1476 0.1352 0.0319  0.0158  -0.0018 19  GLY A N   
167 C  CA  . GLY A 19 ? 0.1519 0.1230 0.1434 0.0188  0.0173  -0.0058 19  GLY A CA  
168 C  C   . GLY A 19 ? 0.1314 0.1008 0.1343 0.0083  0.0178  0.0123  19  GLY A C   
169 O  O   . GLY A 19 ? 0.1311 0.1020 0.1409 0.0243  0.0044  0.0080  19  GLY A O   
170 N  N   . DLE A 20 ? 0.1378 0.1142 0.1207 0.0227  0.0270  0.0100  20  DLE A N   
171 C  CA  . DLE A 20 ? 0.1158 0.1140 0.1124 0.0142  0.0164  0.0112  20  DLE A CA  
172 C  CB  . DLE A 20 ? 0.1079 0.1116 0.1274 0.0185  0.0182  0.0035  20  DLE A CB  
173 C  CG  . DLE A 20 ? 0.1096 0.1322 0.1604 0.0115  0.0218  0.0049  20  DLE A CG  
174 C  CD1 . DLE A 20 ? 0.1167 0.1441 0.1753 0.0154  -0.0030 -0.0025 20  DLE A CD1 
175 C  CD2 . DLE A 20 ? 0.1422 0.1453 0.1719 -0.0070 0.0280  0.0019  20  DLE A CD2 
176 C  C   . DLE A 20 ? 0.1114 0.0992 0.0986 0.0043  0.0028  0.0096  20  DLE A C   
177 O  O   . DLE A 20 ? 0.1245 0.1388 0.0948 0.0160  0.0067  0.0059  20  DLE A O   
178 N  N   . DAR A 21 ? 0.1134 0.1117 0.1006 0.0168  0.0069  0.0144  21  DAR A N   
179 C  CA  . DAR A 21 ? 0.1004 0.1399 0.1109 0.0023  0.0014  0.0008  21  DAR A CA  
180 C  CB  . DAR A 21 ? 0.1329 0.1588 0.1807 -0.0173 0.0195  -0.0141 21  DAR A CB  
181 C  CG  . DAR A 21 ? 0.2310 0.1967 0.2266 -0.0118 -0.0165 0.0214  21  DAR A CG  
182 C  CD  . DAR A 21 ? 0.3127 0.2922 0.3100 0.0234  0.0374  0.0001  21  DAR A CD  
183 N  NE  . DAR A 21 ? 0.3959 0.4203 0.4836 -0.0010 -0.0557 0.0054  21  DAR A NE  
184 C  CZ  . DAR A 21 ? 0.3847 0.5276 0.6104 0.0305  0.0082  0.0030  21  DAR A CZ  
185 N  NH1 . DAR A 21 ? 0.5146 0.5331 0.6432 -0.0210 0.0097  -0.0263 21  DAR A NH1 
186 N  NH2 . DAR A 21 ? 0.5471 0.6238 0.6405 -0.0068 -0.0767 -0.0367 21  DAR A NH2 
187 C  C   . DAR A 21 ? 0.0979 0.1254 0.0878 0.0019  0.0127  0.0180  21  DAR A C   
188 O  O   . DAR A 21 ? 0.1250 0.1421 0.0929 0.0237  0.0019  0.0168  21  DAR A O   
189 N  N   . DCY A 22 ? 0.0970 0.1202 0.0772 0.0032  0.0092  0.0113  22  DCY A N   
190 C  CA  . DCY A 22 ? 0.1033 0.1146 0.0941 0.0049  0.0007  0.0096  22  DCY A CA  
191 C  C   . DCY A 22 ? 0.0927 0.1322 0.1120 0.0082  0.0071  0.0084  22  DCY A C   
192 O  O   . DCY A 22 ? 0.0923 0.1553 0.1054 -0.0101 0.0210  0.0088  22  DCY A O   
193 C  CB  . DCY A 22 ? 0.0999 0.1272 0.0957 0.0127  0.0014  0.0173  22  DCY A CB  
194 S  SG  . DCY A 22 ? 0.1051 0.1293 0.0991 0.0196  0.0224  0.0174  22  DCY A SG  
195 N  N   . DLY A 23 ? 0.1043 0.1398 0.1050 0.0034  0.0147  0.0151  23  DLY A N   
196 C  CA  . DLY A 23 ? 0.1318 0.1620 0.1058 -0.0072 0.0231  0.0189  23  DLY A CA  
197 C  C   . DLY A 23 ? 0.1280 0.1772 0.1017 -0.0014 0.0274  0.0113  23  DLY A C   
198 O  O   . DLY A 23 ? 0.1419 0.1874 0.1212 0.0003  0.0230  0.0288  23  DLY A O   
199 C  CB  . DLY A 23 ? 0.1751 0.1708 0.1365 -0.0119 0.0121  0.0297  23  DLY A CB  
200 C  CG  . DLY A 23 ? 0.1834 0.1929 0.1498 -0.0304 0.0199  0.0292  23  DLY A CG  
201 C  CD  . DLY A 23 ? 0.2340 0.1941 0.1856 -0.0386 0.0023  0.0244  23  DLY A CD  
202 C  CE  . DLY A 23 ? 0.2510 0.2197 0.2119 -0.0442 0.0170  0.0206  23  DLY A CE  
203 N  NZ  . DLY A 23 ? 0.3335 0.2153 0.2202 -0.0682 0.0170  0.0084  23  DLY A NZ  
204 N  N   . DLE A 24 ? 0.1324 0.1701 0.0956 0.0081  0.0135  -0.0159 24  DLE A N   
205 C  CA  . DLE A 24 ? 0.1354 0.1638 0.1193 0.0124  0.0189  -0.0240 24  DLE A CA  
206 C  CB  . DLE A 24 ? 0.1765 0.1971 0.1200 0.0166  0.0369  -0.0381 24  DLE A CB  
207 C  CG  . DLE A 24 ? 0.1785 0.2727 0.1762 0.0012  0.0280  -0.0398 24  DLE A CG  
208 C  CD1 . DLE A 24 ? 0.1949 0.2690 0.1764 0.0138  0.0369  -0.0616 24  DLE A CD1 
209 C  CD2 . DLE A 24 ? 0.2009 0.2848 0.1745 0.0023  0.0313  -0.0273 24  DLE A CD2 
210 C  C   . DLE A 24 ? 0.1332 0.1511 0.1010 0.0065  0.0106  -0.0141 24  DLE A C   
211 O  O   . DLE A 24 ? 0.1615 0.1327 0.1485 0.0338  0.0275  -0.0171 24  DLE A O   
212 N  N   . DTR A 25 ? 0.1347 0.1497 0.1001 0.0087  -0.0010 0.0074  25  DTR A N   
213 C  CA  . DTR A 25 ? 0.1264 0.1393 0.1128 0.0029  -0.0083 0.0014  25  DTR A CA  
214 C  CB  . DTR A 25 ? 0.1227 0.1575 0.1197 0.0054  -0.0103 0.0015  25  DTR A CB  
215 C  CG  . DTR A 25 ? 0.1526 0.1828 0.1341 0.0090  -0.0040 0.0189  25  DTR A CG  
216 C  CD1 . DTR A 25 ? 0.2051 0.1926 0.1448 0.0360  -0.0212 0.0212  25  DTR A CD1 
217 N  NE1 . DTR A 25 ? 0.2196 0.1973 0.1614 0.0326  -0.0094 0.0278  25  DTR A NE1 
218 C  CE2 . DTR A 25 ? 0.1799 0.2374 0.1463 0.0334  -0.0076 0.0595  25  DTR A CE2 
219 C  CZ2 . DTR A 25 ? 0.2448 0.2748 0.1649 0.0292  0.0020  0.0843  25  DTR A CZ2 
220 C  CH2 . DTR A 25 ? 0.2472 0.3308 0.1825 0.0287  -0.0010 0.0416  25  DTR A CH2 
221 C  CZ3 . DTR A 25 ? 0.1908 0.3608 0.1762 0.0387  0.0372  0.0701  25  DTR A CZ3 
222 C  CE3 . DTR A 25 ? 0.1853 0.2837 0.0975 0.0567  0.0121  0.0086  25  DTR A CE3 
223 C  CD2 . DTR A 25 ? 0.1535 0.2255 0.1231 0.0440  -0.0141 0.0200  25  DTR A CD2 
224 C  C   . DTR A 25 ? 0.1032 0.1324 0.1039 0.0044  -0.0078 0.0104  25  DTR A C   
225 O  O   . DTR A 25 ? 0.1276 0.1345 0.0962 -0.0094 0.0052  0.0188  25  DTR A O   
226 N  N   . DCY A 26 ? 0.0990 0.1240 0.1063 -0.0010 -0.0077 0.0069  26  DCY A N   
227 C  CA  . DCY A 26 ? 0.0830 0.1223 0.1226 0.0118  0.0028  -0.0003 26  DCY A CA  
228 C  C   . DCY A 26 ? 0.0883 0.1268 0.1366 0.0119  -0.0014 0.0077  26  DCY A C   
229 O  O   . DCY A 26 ? 0.1179 0.1362 0.1547 0.0075  -0.0332 0.0367  26  DCY A O   
230 C  CB  . DCY A 26 ? 0.0910 0.1124 0.1273 0.0057  0.0025  0.0079  26  DCY A CB  
231 S  SG  . DCY A 26 ? 0.0958 0.1122 0.1289 0.0056  0.0074  0.0160  26  DCY A SG  
232 N  N   . DAR A 27 ? 0.1258 0.1136 0.1010 0.0047  -0.0082 0.0176  27  DAR A N   
233 C  CA  . DAR A 27 ? 0.1329 0.1194 0.1390 0.0133  0.0029  0.0213  27  DAR A CA  
234 C  CB  . DAR A 27 ? 0.1513 0.1607 0.1478 0.0064  0.0215  0.0265  27  DAR A CB  
235 C  CG  . DAR A 27 ? 0.2144 0.1696 0.1781 0.0140  0.0233  0.0134  27  DAR A CG  
236 C  CD  . DAR A 27 ? 0.2485 0.2179 0.1969 0.0007  0.0322  0.0183  27  DAR A CD  
237 N  NE  . DAR A 27 ? 0.2789 0.2566 0.2190 0.0574  0.0232  0.0094  27  DAR A NE  
238 C  CZ  . DAR A 27 ? 0.3185 0.2632 0.1765 0.0030  -0.0140 0.0461  27  DAR A CZ  
239 N  NH1 . DAR A 27 ? 0.4053 0.2619 0.2904 0.0479  -0.0382 0.0811  27  DAR A NH1 
240 N  NH2 . DAR A 27 ? 0.2283 0.3000 0.2223 0.0227  0.0305  0.0482  27  DAR A NH2 
241 C  C   . DAR A 27 ? 0.1174 0.1190 0.1347 0.0107  -0.0062 0.0159  27  DAR A C   
242 O  O   . DAR A 27 ? 0.1421 0.1418 0.1194 0.0237  0.0062  0.0271  27  DAR A O   
243 N  N   . DLY A 28 ? 0.1446 0.1288 0.1442 0.0236  -0.0212 0.0184  28  DLY A N   
244 C  CA  . DLY A 28 ? 0.1542 0.1296 0.1534 0.0163  0.0001  0.0146  28  DLY A CA  
245 C  C   . DLY A 28 ? 0.1885 0.1188 0.1463 -0.0175 0.0061  0.0192  28  DLY A C   
246 O  O   . DLY A 28 ? 0.2079 0.1496 0.1408 -0.0506 0.0138  -0.0070 28  DLY A O   
247 C  CB  . DLY A 28 ? 0.2254 0.1447 0.1975 0.0532  -0.0012 0.0195  28  DLY A CB  
248 C  CG  . DLY A 28 ? 0.2677 0.2395 0.2562 -0.0110 -0.0098 0.0159  28  DLY A CG  
249 C  CD  . DLY A 28 ? 0.3447 0.2869 0.3814 0.0363  0.0128  0.0361  28  DLY A CD  
250 C  CE  . DLY A 28 ? 0.4299 0.4441 0.4189 -0.0025 -0.0285 0.0164  28  DLY A CE  
251 N  NZ  . DLY A 28 ? 0.4523 0.4365 0.5282 -0.0296 -0.0628 0.0917  28  DLY A NZ  
252 N  N   . DGL A 29 ? 0.2001 0.1550 0.1423 -0.0118 0.0160  0.0133  29  DGL A N   
253 C  CA  . DGL A 29 ? 0.2291 0.1904 0.1863 -0.0485 0.0233  0.0029  29  DGL A CA  
254 C  C   . DGL A 29 ? 0.2686 0.1808 0.2104 -0.0467 0.0501  -0.0068 29  DGL A C   
255 O  O   . DGL A 29 ? 0.3397 0.2062 0.3566 -0.0032 0.1039  -0.0092 29  DGL A O   
256 C  CB  . DGL A 29 ? 0.2582 0.2150 0.1896 -0.0479 0.0080  -0.0067 29  DGL A CB  
257 C  CG  . DGL A 29 ? 0.2842 0.2664 0.2534 -0.0638 -0.0323 -0.0123 29  DGL A CG  
258 C  CD  . DGL A 29 ? 0.2885 0.3381 0.2147 -0.0498 -0.0642 -0.0354 29  DGL A CD  
259 O  OE1 . DGL A 29 ? 0.3933 0.2790 0.3321 -0.0934 -0.0763 -0.0073 29  DGL A OE1 
260 O  OE2 . DGL A 29 ? 0.2373 0.3440 0.3724 -0.0963 -0.0301 0.0641  29  DGL A OE2 
261 N  N   . DIL A 30 ? 0.1695 0.1166 0.1802 -0.0339 -0.0114 0.0049  30  DIL A N   
262 C  CA  . DIL A 30 ? 0.1629 0.1127 0.1944 -0.0461 -0.0065 0.0068  30  DIL A CA  
263 C  C   . DIL A 30 ? 0.1770 0.1397 0.1790 -0.0664 -0.0091 0.0114  30  DIL A C   
264 O  O   . DIL A 30 ? 0.2240 0.1213 0.1946 -0.0684 -0.0151 -0.0180 30  DIL A O   
265 C  CB  . DIL A 30 ? 0.1887 0.1381 0.1993 -0.0348 -0.0385 0.0072  30  DIL A CB  
266 C  CG1 . DIL A 30 ? 0.2166 0.1928 0.1731 -0.0327 -0.0154 0.0002  30  DIL A CG1 
267 C  CG2 . DIL A 30 ? 0.1745 0.1755 0.1905 -0.0123 -0.0310 -0.0196 30  DIL A CG2 
268 C  CD1 . DIL A 30 ? 0.2294 0.2071 0.1714 -0.0113 -0.0045 0.0132  30  DIL A CD1 
269 N  N   . NH2 A 31 ? 0.2016 0.1435 0.2022 -0.0772 -0.0390 0.0154  31  NH2 A N   
270 N  N   . GLU B 1  ? 0.1630 0.1929 0.2234 -0.0054 0.0564  -0.0258 1   GLU B N   
271 C  CA  . GLU B 1  ? 0.1700 0.1654 0.1733 0.0129  0.0142  -0.0239 1   GLU B CA  
272 C  C   . GLU B 1  ? 0.1333 0.1571 0.1479 -0.0126 0.0260  -0.0049 1   GLU B C   
273 O  O   . GLU B 1  ? 0.1689 0.1941 0.1475 0.0042  0.0166  -0.0079 1   GLU B O   
274 C  CB  . GLU B 1  ? 0.2075 0.1848 0.2125 -0.0210 0.0338  -0.0020 1   GLU B CB  
275 C  CG  . GLU B 1  ? 0.2445 0.2630 0.2367 -0.0068 0.0100  0.0170  1   GLU B CG  
276 C  CD  . GLU B 1  ? 0.2510 0.2656 0.2794 0.0212  -0.0101 0.0103  1   GLU B CD  
277 O  OE1 . GLU B 1  ? 0.2603 0.3768 0.3448 0.1275  0.0238  0.1119  1   GLU B OE1 
278 O  OE2 . GLU B 1  ? 0.3746 0.1703 0.3060 0.0033  0.0430  -0.0088 1   GLU B OE2 
279 C  CD  . LPH B 2  ? 0.1810 0.1281 0.1845 0.0119  -0.0159 0.0036  2   LPH B CD  
280 C  CG  . LPH B 2  ? 0.1442 0.1228 0.1687 -0.0040 0.0122  0.0114  2   LPH B CG  
281 C  CB  . LPH B 2  ? 0.1335 0.1168 0.1332 -0.0053 0.0310  0.0117  2   LPH B CB  
282 C  CA  . LPH B 2  ? 0.1387 0.1340 0.1154 -0.0040 0.0305  0.0074  2   LPH B CA  
283 N  N   . LPH B 2  ? 0.1443 0.1194 0.1423 -0.0019 0.0319  0.0091  2   LPH B N   
284 C  C   . LPH B 2  ? 0.1421 0.1486 0.1270 0.0203  0.0323  0.0369  2   LPH B C   
285 O  O   . LPH B 2  ? 0.1817 0.1745 0.1451 0.0196  0.0459  0.0238  2   LPH B O   
286 N  N   . CYS B 3  ? 0.1367 0.1608 0.1801 -0.0195 0.0640  0.0261  3   CYS B N   
287 C  CA  . CYS B 3  ? 0.1359 0.1546 0.1797 -0.0215 0.0675  0.0208  3   CYS B CA  
288 C  C   . CYS B 3  ? 0.1215 0.1153 0.1871 0.0059  0.0664  0.0246  3   CYS B C   
289 O  O   . CYS B 3  ? 0.1139 0.1460 0.2308 0.0087  0.0890  0.0654  3   CYS B O   
290 C  CB  . CYS B 3  ? 0.2227 0.1789 0.1928 -0.0425 0.0692  -0.0075 3   CYS B CB  
291 S  SG  . CYS B 3  ? 0.3502 0.1588 0.3154 -0.0239 0.2344  0.0342  3   CYS B SG  
292 N  N   . GLN B 4  ? 0.1005 0.1181 0.1625 0.0115  0.0531  0.0058  4   GLN B N   
293 C  CA  . GLN B 4  ? 0.0978 0.1174 0.1820 0.0108  0.0241  0.0058  4   GLN B CA  
294 C  C   . GLN B 4  ? 0.0819 0.1223 0.2190 0.0067  0.0261  0.0113  4   GLN B C   
295 O  O   . GLN B 4  ? 0.1050 0.1097 0.2217 0.0098  0.0243  0.0162  4   GLN B O   
296 C  CB  . GLN B 4  ? 0.1060 0.1114 0.1425 0.0083  0.0082  0.0048  4   GLN B CB  
297 C  CG  . GLN B 4  ? 0.1014 0.1212 0.1468 0.0139  0.0056  0.0043  4   GLN B CG  
298 C  CD  . GLN B 4  ? 0.1364 0.1145 0.1603 0.0208  0.0189  0.0104  4   GLN B CD  
299 O  OE1 . GLN B 4  ? 0.2268 0.1637 0.2034 -0.0006 0.0197  0.0561  4   GLN B OE1 
300 N  NE2 . GLN B 4  ? 0.1227 0.1284 0.2023 -0.0168 0.0275  0.0043  4   GLN B NE2 
301 N  N   . LYS B 5  ? 0.0926 0.1420 0.2332 0.0197  0.0092  0.0058  5   LYS B N   
302 C  CA  . LYS B 5  ? 0.1000 0.1424 0.2255 0.0205  0.0153  0.0047  5   LYS B CA  
303 C  C   . LYS B 5  ? 0.1109 0.1330 0.2208 0.0219  -0.0083 0.0144  5   LYS B C   
304 O  O   . LYS B 5  ? 0.0951 0.1166 0.2173 0.0180  -0.0123 0.0224  5   LYS B O   
305 C  CB  . LYS B 5  ? 0.1020 0.1966 0.2027 0.0095  0.0112  0.0102  5   LYS B CB  
306 C  CG  . LYS B 5  ? 0.1899 0.2462 0.2758 -0.0302 0.0355  0.0404  5   LYS B CG  
307 C  CD  . LYS B 5  ? 0.2302 0.3192 0.2811 -0.0025 0.0473  -0.0257 5   LYS B CD  
308 C  CE  . LYS B 5  ? 0.2793 0.3480 0.3075 -0.0128 0.0277  0.0102  5   LYS B CE  
309 N  NZ  . LYS B 5  ? 0.2359 0.4119 0.1934 0.0128  -0.0126 0.0803  5   LYS B NZ  
310 N  N   . TRP B 6  ? 0.1090 0.1225 0.2047 0.0152  -0.0090 0.0012  6   TRP B N   
311 C  CA  . TRP B 6  ? 0.1230 0.1289 0.2107 0.0244  -0.0277 0.0136  6   TRP B CA  
312 C  C   . TRP B 6  ? 0.1152 0.1301 0.1984 0.0136  -0.0256 0.0241  6   TRP B C   
313 O  O   . TRP B 6  ? 0.1054 0.1381 0.2251 0.0171  -0.0289 0.0143  6   TRP B O   
314 C  CB  . TRP B 6  ? 0.1263 0.1459 0.2124 0.0385  -0.0457 -0.0074 6   TRP B CB  
315 C  CG  . TRP B 6  ? 0.1121 0.1506 0.2347 0.0312  -0.0376 -0.0002 6   TRP B CG  
316 C  CD1 . TRP B 6  ? 0.1564 0.1403 0.2264 0.0162  -0.0204 0.0231  6   TRP B CD1 
317 C  CD2 . TRP B 6  ? 0.1351 0.1702 0.2511 0.0434  -0.0436 0.0155  6   TRP B CD2 
318 N  NE1 . TRP B 6  ? 0.1666 0.1430 0.2647 0.0057  -0.0293 0.0429  6   TRP B NE1 
319 C  CE2 . TRP B 6  ? 0.1763 0.1585 0.2806 0.0307  -0.0349 0.0286  6   TRP B CE2 
320 C  CE3 . TRP B 6  ? 0.1414 0.2134 0.2572 0.0478  -0.0189 0.0192  6   TRP B CE3 
321 C  CZ2 . TRP B 6  ? 0.2333 0.2066 0.3155 0.0450  -0.0441 0.0702  6   TRP B CZ2 
322 C  CZ3 . TRP B 6  ? 0.2274 0.2770 0.2994 0.0628  -0.0585 0.0530  6   TRP B CZ3 
323 C  CH2 . TRP B 6  ? 0.2427 0.3054 0.3583 0.0305  -0.0082 0.0349  6   TRP B CH2 
324 N  N   A MSE B 7  ? 0.1205 0.1388 0.1861 0.0136  -0.0258 0.0283  7   MSE B N   
325 N  N   B MSE B 7  ? 0.1223 0.1428 0.1927 0.0134  -0.0243 0.0328  7   MSE B N   
326 C  CA  A MSE B 7  ? 0.1290 0.1541 0.1873 0.0129  -0.0092 0.0233  7   MSE B CA  
327 C  CA  B MSE B 7  ? 0.1475 0.1605 0.1976 0.0113  -0.0113 0.0253  7   MSE B CA  
328 C  C   A MSE B 7  ? 0.1089 0.1513 0.1730 0.0084  -0.0139 0.0082  7   MSE B C   
329 C  C   B MSE B 7  ? 0.1408 0.1597 0.1846 0.0206  -0.0225 0.0139  7   MSE B C   
330 O  O   A MSE B 7  ? 0.1085 0.1846 0.1706 0.0007  0.0106  0.0080  7   MSE B O   
331 O  O   B MSE B 7  ? 0.1886 0.1855 0.2020 0.0418  -0.0362 -0.0054 7   MSE B O   
332 C  CB  A MSE B 7  ? 0.1575 0.1767 0.1862 0.0165  -0.0262 0.0175  7   MSE B CB  
333 C  CB  B MSE B 7  ? 0.1800 0.2096 0.2066 0.0162  -0.0336 0.0198  7   MSE B CB  
334 C  CG  A MSE B 7  ? 0.2691 0.1912 0.2269 0.0553  -0.0383 0.0190  7   MSE B CG  
335 C  CG  B MSE B 7  ? 0.2798 0.2134 0.2511 0.0042  -0.0072 0.0243  7   MSE B CG  
336 SE SE  A MSE B 7  ? 0.3156 0.2691 0.2936 0.0441  -0.0400 0.0479  7   MSE B SE  
337 SE SE  B MSE B 7  ? 0.4860 0.4162 0.3384 0.1278  -0.1537 0.0352  7   MSE B SE  
338 C  CE  A MSE B 7  ? 0.2501 0.2753 0.2288 0.0032  -0.0257 0.0656  7   MSE B CE  
339 C  CE  B MSE B 7  ? 0.4489 0.4440 0.4050 0.0305  -0.0252 0.0056  7   MSE B CE  
340 N  N   . TRP B 8  ? 0.1234 0.1286 0.1776 -0.0039 -0.0180 0.0109  8   TRP B N   
341 C  CA  . TRP B 8  ? 0.1222 0.1282 0.1823 0.0014  -0.0210 -0.0043 8   TRP B CA  
342 C  C   . TRP B 8  ? 0.1231 0.1196 0.1699 -0.0071 -0.0087 -0.0130 8   TRP B C   
343 O  O   . TRP B 8  ? 0.1170 0.1235 0.1924 -0.0088 -0.0014 -0.0315 8   TRP B O   
344 C  CB  . TRP B 8  ? 0.0912 0.1311 0.2069 -0.0113 -0.0128 0.0121  8   TRP B CB  
345 C  CG  . TRP B 8  ? 0.0885 0.1739 0.2640 -0.0166 -0.0093 0.0426  8   TRP B CG  
346 C  CD1 . TRP B 8  ? 0.0918 0.2071 0.2853 -0.0128 -0.0207 0.0511  8   TRP B CD1 
347 C  CD2 . TRP B 8  ? 0.0991 0.1672 0.2808 -0.0293 -0.0152 0.0501  8   TRP B CD2 
348 N  NE1 . TRP B 8  ? 0.1076 0.2361 0.3083 -0.0289 -0.0122 0.0646  8   TRP B NE1 
349 C  CE2 . TRP B 8  ? 0.0868 0.2142 0.2985 -0.0475 -0.0172 0.0592  8   TRP B CE2 
350 C  CE3 . TRP B 8  ? 0.1514 0.1841 0.2816 -0.0113 0.0024  0.0650  8   TRP B CE3 
351 C  CZ2 . TRP B 8  ? 0.1379 0.2511 0.3191 -0.0525 0.0090  0.0798  8   TRP B CZ2 
352 C  CZ3 . TRP B 8  ? 0.1648 0.2202 0.2969 -0.0135 0.0283  0.0602  8   TRP B CZ3 
353 C  CH2 . TRP B 8  ? 0.1667 0.2476 0.3346 -0.0142 0.0207  0.0704  8   TRP B CH2 
354 N  N   . THR B 9  ? 0.1405 0.1205 0.1689 -0.0003 -0.0174 -0.0108 9   THR B N   
355 C  CA  . THR B 9  ? 0.1403 0.1271 0.1557 -0.0057 -0.0071 -0.0143 9   THR B CA  
356 C  C   . THR B 9  ? 0.1272 0.1141 0.1508 0.0008  0.0053  0.0033  9   THR B C   
357 O  O   . THR B 9  ? 0.1240 0.1304 0.1789 -0.0089 0.0211  -0.0022 9   THR B O   
358 C  CB  . THR B 9  ? 0.1852 0.1617 0.1962 0.0130  -0.0230 -0.0458 9   THR B CB  
359 O  OG1 . THR B 9  ? 0.2723 0.1539 0.2623 0.0043  -0.0265 -0.0265 9   THR B OG1 
360 C  CG2 . THR B 9  ? 0.2135 0.1872 0.2011 -0.0024 -0.0337 -0.0295 9   THR B CG2 
361 N  N   . CYS B 10 ? 0.1208 0.1073 0.1258 0.0010  0.0176  0.0112  10  CYS B N   
362 C  CA  . CYS B 10 ? 0.1081 0.1098 0.1244 0.0174  0.0164  0.0169  10  CYS B CA  
363 C  C   . CYS B 10 ? 0.1101 0.1010 0.1217 0.0105  0.0340  0.0080  10  CYS B C   
364 O  O   . CYS B 10 ? 0.1196 0.1225 0.1194 0.0198  0.0348  0.0095  10  CYS B O   
365 C  CB  . CYS B 10 ? 0.1005 0.1126 0.1028 0.0151  0.0101  0.0134  10  CYS B CB  
366 S  SG  . CYS B 10 ? 0.1150 0.1129 0.1042 0.0131  -0.0013 0.0182  10  CYS B SG  
367 N  N   . ASP B 11 ? 0.0947 0.1121 0.1455 0.0160  0.0276  0.0277  11  ASP B N   
368 C  CA  . ASP B 11 ? 0.0918 0.1111 0.1576 0.0180  0.0433  0.0220  11  ASP B CA  
369 C  C   . ASP B 11 ? 0.0914 0.0924 0.1650 0.0170  0.0208  0.0325  11  ASP B C   
370 O  O   . ASP B 11 ? 0.0969 0.0883 0.1508 0.0014  0.0149  0.0121  11  ASP B O   
371 C  CB  . ASP B 11 ? 0.1345 0.1231 0.1667 0.0272  0.0345  0.0127  11  ASP B CB  
372 C  CG  . ASP B 11 ? 0.1612 0.1314 0.1868 0.0226  0.0382  0.0172  11  ASP B CG  
373 O  OD1 . ASP B 11 ? 0.1627 0.1420 0.1874 0.0016  0.0387  0.0060  11  ASP B OD1 
374 O  OD2 . ASP B 11 ? 0.2584 0.1545 0.2086 0.0194  0.0570  -0.0052 11  ASP B OD2 
375 N  N   A SER B 12 ? 0.0838 0.1200 0.1778 0.0066  0.0203  0.0324  12  SER B N   
376 N  N   B SER B 12 ? 0.0847 0.1081 0.1610 -0.0010 0.0199  0.0361  12  SER B N   
377 C  CA  A SER B 12 ? 0.1022 0.1193 0.1812 0.0025  0.0096  0.0280  12  SER B CA  
378 C  CA  B SER B 12 ? 0.0942 0.0930 0.1613 -0.0071 0.0120  0.0346  12  SER B CA  
379 C  C   A SER B 12 ? 0.1143 0.1089 0.1673 -0.0133 -0.0012 0.0153  12  SER B C   
380 C  C   B SER B 12 ? 0.0816 0.0838 0.1510 0.0009  0.0057  0.0331  12  SER B C   
381 O  O   A SER B 12 ? 0.1572 0.1146 0.1562 -0.0014 0.0115  0.0192  12  SER B O   
382 O  O   B SER B 12 ? 0.0898 0.0872 0.1427 -0.0004 -0.0074 0.0369  12  SER B O   
383 C  CB  A SER B 12 ? 0.1074 0.1814 0.1817 0.0124  -0.0012 0.0307  12  SER B CB  
384 C  CB  B SER B 12 ? 0.1052 0.1112 0.1640 0.0027  0.0002  0.0285  12  SER B CB  
385 O  OG  A SER B 12 ? 0.1729 0.2038 0.2302 0.0217  0.0426  0.0103  12  SER B OG  
386 O  OG  B SER B 12 ? 0.0900 0.0971 0.1776 -0.0054 -0.0217 0.0340  12  SER B OG  
387 N  N   . ALA B 13 ? 0.0866 0.0960 0.1517 -0.0032 0.0058  0.0233  13  ALA B N   
388 C  CA  . ALA B 13 ? 0.0986 0.1008 0.1342 0.0039  0.0015  0.0345  13  ALA B CA  
389 C  C   . ALA B 13 ? 0.1036 0.1061 0.1119 0.0154  0.0052  0.0287  13  ALA B C   
390 O  O   . ALA B 13 ? 0.1305 0.1263 0.1289 0.0048  0.0166  0.0394  13  ALA B O   
391 C  CB  . ALA B 13 ? 0.1152 0.0969 0.1583 0.0071  -0.0013 0.0297  13  ALA B CB  
392 N  N   . ARG B 14 ? 0.0910 0.1276 0.1481 0.0242  0.0085  0.0560  14  ARG B N   
393 C  CA  . ARG B 14 ? 0.0842 0.1292 0.1163 0.0185  0.0191  0.0338  14  ARG B CA  
394 C  C   . ARG B 14 ? 0.0805 0.1266 0.1167 0.0231  0.0282  0.0407  14  ARG B C   
395 O  O   . ARG B 14 ? 0.0961 0.1452 0.1227 0.0257  0.0110  0.0474  14  ARG B O   
396 C  CB  . ARG B 14 ? 0.1016 0.1215 0.1318 0.0127  0.0063  0.0308  14  ARG B CB  
397 C  CG  . ARG B 14 ? 0.1710 0.1233 0.1679 0.0136  0.0133  0.0254  14  ARG B CG  
398 C  CD  . ARG B 14 ? 0.1897 0.1629 0.2195 -0.0115 -0.0173 -0.0030 14  ARG B CD  
399 N  NE  . ARG B 14 ? 0.2374 0.1823 0.2296 0.0055  0.0020  0.0078  14  ARG B NE  
400 C  CZ  . ARG B 14 ? 0.2806 0.2788 0.2457 -0.0124 -0.0382 0.0122  14  ARG B CZ  
401 N  NH1 . ARG B 14 ? 0.3248 0.2755 0.3160 -0.0082 -0.0008 0.0752  14  ARG B NH1 
402 N  NH2 . ARG B 14 ? 0.2909 0.3387 0.3597 0.0187  -0.0291 0.0182  14  ARG B NH2 
403 N  N   . ALA B 15 ? 0.1314 0.1356 0.1215 0.0372  0.0165  0.0305  15  ALA B N   
404 C  CA  . ALA B 15 ? 0.1224 0.1376 0.1349 0.0257  0.0033  0.0340  15  ALA B CA  
405 C  C   . ALA B 15 ? 0.1021 0.1398 0.1078 0.0113  0.0295  0.0257  15  ALA B C   
406 O  O   . ALA B 15 ? 0.1127 0.1250 0.1506 0.0105  0.0414  0.0298  15  ALA B O   
407 C  CB  . ALA B 15 ? 0.1853 0.1859 0.1635 0.0190  -0.0285 0.0178  15  ALA B CB  
408 N  N   . CYS B 16 ? 0.0974 0.1240 0.1143 0.0073  0.0212  0.0134  16  CYS B N   
409 C  CA  . CYS B 16 ? 0.0982 0.1122 0.1318 0.0058  0.0226  -0.0004 16  CYS B CA  
410 C  C   . CYS B 16 ? 0.1192 0.1306 0.1486 0.0029  0.0405  -0.0118 16  CYS B C   
411 O  O   . CYS B 16 ? 0.1506 0.1611 0.1261 -0.0120 0.0478  0.0024  16  CYS B O   
412 C  CB  . CYS B 16 ? 0.1053 0.1130 0.1263 0.0049  0.0232  -0.0031 16  CYS B CB  
413 S  SG  . CYS B 16 ? 0.0882 0.1347 0.1143 0.0101  0.0150  0.0139  16  CYS B SG  
414 N  N   . CYS B 17 ? 0.1220 0.1019 0.1409 0.0072  0.0544  -0.0015 17  CYS B N   
415 C  CA  . CYS B 17 ? 0.1332 0.1253 0.1638 0.0106  0.0795  -0.0019 17  CYS B CA  
416 C  C   . CYS B 17 ? 0.1318 0.1232 0.1446 0.0140  0.0635  0.0014  17  CYS B C   
417 O  O   . CYS B 17 ? 0.1422 0.1197 0.1373 0.0043  0.0588  -0.0009 17  CYS B O   
418 C  CB  . CYS B 17 ? 0.1343 0.1301 0.2258 0.0039  0.0859  0.0157  17  CYS B CB  
419 S  SG  . CYS B 17 ? 0.1699 0.1390 0.3919 -0.0208 0.1707  -0.0165 17  CYS B SG  
420 N  N   . GLU B 18 ? 0.1462 0.1393 0.1397 0.0316  0.0475  -0.0067 18  GLU B N   
421 C  CA  . GLU B 18 ? 0.1500 0.1321 0.1329 0.0417  0.0159  -0.0105 18  GLU B CA  
422 C  C   . GLU B 18 ? 0.1487 0.1345 0.1140 0.0299  0.0284  -0.0094 18  GLU B C   
423 O  O   . GLU B 18 ? 0.1698 0.1346 0.1357 0.0234  0.0168  -0.0095 18  GLU B O   
424 C  CB  . GLU B 18 ? 0.1191 0.1441 0.1183 0.0077  -0.0133 -0.0042 18  GLU B CB  
425 C  CG  . GLU B 18 ? 0.1310 0.1793 0.1170 0.0139  0.0043  0.0125  18  GLU B CG  
426 C  CD  . GLU B 18 ? 0.0876 0.1973 0.1081 0.0246  -0.0033 0.0110  18  GLU B CD  
427 O  OE1 . GLU B 18 ? 0.1062 0.1580 0.1205 0.0238  0.0022  -0.0027 18  GLU B OE1 
428 O  OE2 . GLU B 18 ? 0.1064 0.2071 0.1197 0.0000  0.0176  0.0235  18  GLU B OE2 
429 N  N   . GLY B 19 ? 0.1396 0.1203 0.0962 0.0310  0.0143  -0.0135 19  GLY B N   
430 C  CA  . GLY B 19 ? 0.1491 0.1117 0.1199 0.0270  0.0208  -0.0029 19  GLY B CA  
431 C  C   . GLY B 19 ? 0.1232 0.0980 0.1156 0.0164  0.0113  -0.0067 19  GLY B C   
432 O  O   . GLY B 19 ? 0.1414 0.0997 0.1129 0.0081  0.0139  -0.0027 19  GLY B O   
433 N  N   . LEU B 20 ? 0.1346 0.1062 0.1027 0.0286  0.0140  -0.0013 20  LEU B N   
434 C  CA  . LEU B 20 ? 0.1182 0.1009 0.1036 0.0237  0.0170  0.0019  20  LEU B CA  
435 C  C   . LEU B 20 ? 0.1145 0.1048 0.1106 0.0083  0.0156  0.0136  20  LEU B C   
436 O  O   . LEU B 20 ? 0.1295 0.1328 0.1186 0.0171  0.0051  0.0047  20  LEU B O   
437 C  CB  . LEU B 20 ? 0.1206 0.1073 0.1210 0.0145  0.0223  0.0079  20  LEU B CB  
438 C  CG  . LEU B 20 ? 0.1205 0.1259 0.1569 0.0153  0.0196  -0.0047 20  LEU B CG  
439 C  CD1 . LEU B 20 ? 0.1271 0.1398 0.1597 0.0038  0.0211  -0.0027 20  LEU B CD1 
440 C  CD2 . LEU B 20 ? 0.1276 0.1505 0.1838 0.0147  0.0012  0.0083  20  LEU B CD2 
441 N  N   . ARG B 21 ? 0.1036 0.1288 0.1123 0.0145  0.0152  0.0114  21  ARG B N   
442 C  CA  . ARG B 21 ? 0.1021 0.1254 0.1265 0.0103  0.0117  0.0079  21  ARG B CA  
443 C  C   . ARG B 21 ? 0.0980 0.1265 0.1056 0.0064  -0.0005 0.0120  21  ARG B C   
444 O  O   . ARG B 21 ? 0.1376 0.1088 0.1032 0.0224  -0.0091 0.0107  21  ARG B O   
445 C  CB  . ARG B 21 ? 0.1440 0.1471 0.1947 -0.0165 0.0464  -0.0079 21  ARG B CB  
446 C  CG  . ARG B 21 ? 0.2246 0.2030 0.2229 -0.0105 0.0387  0.0096  21  ARG B CG  
447 C  CD  . ARG B 21 ? 0.3112 0.2473 0.2681 -0.0590 0.0419  0.0278  21  ARG B CD  
448 N  NE  . ARG B 21 ? 0.3444 0.3894 0.3549 -0.0225 0.0346  -0.0025 21  ARG B NE  
449 C  CZ  . ARG B 21 ? 0.4819 0.4291 0.3997 -0.1038 0.1237  0.0078  21  ARG B CZ  
450 N  NH1 . ARG B 21 ? 0.4447 0.4630 0.4692 -0.0767 0.0874  0.0076  21  ARG B NH1 
451 N  NH2 . ARG B 21 ? 0.4956 0.4269 0.3673 -0.1298 0.1882  0.0663  21  ARG B NH2 
452 N  N   . CYS B 22 ? 0.0903 0.1237 0.1009 0.0083  0.0026  0.0041  22  CYS B N   
453 C  CA  . CYS B 22 ? 0.0795 0.1259 0.0780 0.0098  0.0067  0.0150  22  CYS B CA  
454 C  C   . CYS B 22 ? 0.0894 0.1320 0.0838 0.0086  0.0103  0.0239  22  CYS B C   
455 O  O   . CYS B 22 ? 0.0826 0.1691 0.1073 0.0125  0.0108  0.0151  22  CYS B O   
456 C  CB  . CYS B 22 ? 0.0921 0.1253 0.0920 0.0060  -0.0022 0.0257  22  CYS B CB  
457 S  SG  . CYS B 22 ? 0.1056 0.1279 0.1180 0.0219  0.0173  0.0150  22  CYS B SG  
458 N  N   . LYS B 23 ? 0.1029 0.1371 0.0808 0.0009  0.0120  0.0215  23  LYS B N   
459 C  CA  . LYS B 23 ? 0.1279 0.1621 0.0901 -0.0002 0.0228  0.0203  23  LYS B CA  
460 C  C   . LYS B 23 ? 0.1170 0.1818 0.0974 -0.0005 0.0091  0.0164  23  LYS B C   
461 O  O   . LYS B 23 ? 0.1483 0.2218 0.0784 -0.0214 0.0020  0.0300  23  LYS B O   
462 C  CB  . LYS B 23 ? 0.1611 0.1719 0.0945 -0.0168 0.0230  0.0310  23  LYS B CB  
463 C  CG  . LYS B 23 ? 0.1713 0.2102 0.1173 -0.0301 0.0354  0.0249  23  LYS B CG  
464 C  CD  . LYS B 23 ? 0.2132 0.2054 0.1561 -0.0196 0.0293  0.0262  23  LYS B CD  
465 C  CE  . LYS B 23 ? 0.2201 0.2063 0.1795 -0.0243 0.0363  0.0313  23  LYS B CE  
466 N  NZ  . LYS B 23 ? 0.2400 0.2012 0.2020 -0.0234 -0.0050 0.0365  23  LYS B NZ  
467 N  N   . LEU B 24 ? 0.1298 0.1723 0.1155 0.0020  0.0048  -0.0041 24  LEU B N   
468 C  CA  . LEU B 24 ? 0.1351 0.1692 0.1130 0.0180  0.0052  -0.0132 24  LEU B CA  
469 C  C   . LEU B 24 ? 0.1327 0.1495 0.1086 0.0185  -0.0013 -0.0032 24  LEU B C   
470 O  O   . LEU B 24 ? 0.1497 0.1524 0.1111 0.0171  0.0063  -0.0028 24  LEU B O   
471 C  CB  . LEU B 24 ? 0.1908 0.2091 0.1136 0.0069  -0.0025 -0.0091 24  LEU B CB  
472 C  CG  . LEU B 24 ? 0.2104 0.3118 0.2118 0.0010  0.0205  -0.0053 24  LEU B CG  
473 C  CD1 . LEU B 24 ? 0.3092 0.3091 0.2763 0.0065  0.0071  0.0096  24  LEU B CD1 
474 C  CD2 . LEU B 24 ? 0.2862 0.3067 0.2326 0.0139  0.0425  -0.0068 24  LEU B CD2 
475 N  N   . TRP B 25 ? 0.1080 0.1441 0.1008 0.0080  0.0015  0.0069  25  TRP B N   
476 C  CA  . TRP B 25 ? 0.1183 0.1192 0.0947 0.0087  0.0084  0.0100  25  TRP B CA  
477 C  C   . TRP B 25 ? 0.1043 0.0955 0.1140 0.0191  -0.0019 0.0163  25  TRP B C   
478 O  O   . TRP B 25 ? 0.0975 0.1099 0.1425 0.0154  0.0003  0.0117  25  TRP B O   
479 C  CB  . TRP B 25 ? 0.1432 0.1597 0.1100 0.0119  -0.0096 0.0064  25  TRP B CB  
480 C  CG  . TRP B 25 ? 0.1272 0.1638 0.1267 0.0202  -0.0322 0.0123  25  TRP B CG  
481 C  CD1 . TRP B 25 ? 0.1721 0.1690 0.1440 0.0474  -0.0296 0.0292  25  TRP B CD1 
482 C  CD2 . TRP B 25 ? 0.1634 0.2210 0.1403 0.0021  -0.0238 0.0201  25  TRP B CD2 
483 N  NE1 . TRP B 25 ? 0.2140 0.2047 0.1615 0.0342  -0.0266 0.0475  25  TRP B NE1 
484 C  CE2 . TRP B 25 ? 0.2166 0.2420 0.1193 0.0262  -0.0455 0.0349  25  TRP B CE2 
485 C  CE3 . TRP B 25 ? 0.1745 0.2789 0.1781 0.0446  -0.0210 0.0168  25  TRP B CE3 
486 C  CZ2 . TRP B 25 ? 0.2629 0.2991 0.1469 0.0018  -0.0235 0.0514  25  TRP B CZ2 
487 C  CZ3 . TRP B 25 ? 0.3264 0.5370 0.2422 -0.0573 -0.1139 0.1893  25  TRP B CZ3 
488 C  CH2 . TRP B 25 ? 0.2268 0.4058 0.1940 0.0194  -0.0232 0.0259  25  TRP B CH2 
489 N  N   . CYS B 26 ? 0.0906 0.1040 0.1308 0.0055  0.0002  0.0140  26  CYS B N   
490 C  CA  . CYS B 26 ? 0.0949 0.1027 0.1197 0.0040  -0.0068 0.0194  26  CYS B CA  
491 C  C   . CYS B 26 ? 0.1050 0.1092 0.1236 0.0112  -0.0042 0.0244  26  CYS B C   
492 O  O   . CYS B 26 ? 0.1140 0.1251 0.1976 0.0159  -0.0286 0.0259  26  CYS B O   
493 C  CB  . CYS B 26 ? 0.0855 0.1111 0.1298 0.0036  0.0042  0.0104  26  CYS B CB  
494 S  SG  . CYS B 26 ? 0.0969 0.1066 0.1301 0.0091  0.0113  0.0155  26  CYS B SG  
495 N  N   . ARG B 27 ? 0.1138 0.1051 0.1227 0.0128  0.0005  0.0144  27  ARG B N   
496 C  CA  . ARG B 27 ? 0.1452 0.1149 0.1026 0.0062  -0.0071 0.0239  27  ARG B CA  
497 C  C   . ARG B 27 ? 0.1357 0.0997 0.1196 0.0105  0.0052  0.0239  27  ARG B C   
498 O  O   . ARG B 27 ? 0.1379 0.1253 0.1132 0.0320  0.0075  0.0126  27  ARG B O   
499 C  CB  . ARG B 27 ? 0.1587 0.1323 0.0969 0.0043  0.0078  0.0265  27  ARG B CB  
500 C  CG  . ARG B 27 ? 0.1654 0.1239 0.1061 -0.0056 0.0124  0.0256  27  ARG B CG  
501 C  CD  . ARG B 27 ? 0.1512 0.1491 0.1053 -0.0029 0.0113  0.0260  27  ARG B CD  
502 N  NE  . ARG B 27 ? 0.1824 0.1592 0.1100 0.0173  0.0132  0.0208  27  ARG B NE  
503 C  CZ  . ARG B 27 ? 0.1807 0.1726 0.1335 0.0140  0.0196  0.0321  27  ARG B CZ  
504 N  NH1 . ARG B 27 ? 0.2462 0.1821 0.1653 0.0279  0.0348  0.0444  27  ARG B NH1 
505 N  NH2 . ARG B 27 ? 0.1869 0.1744 0.1242 0.0153  0.0123  0.0208  27  ARG B NH2 
506 N  N   . LYS B 28 ? 0.1428 0.0947 0.1391 0.0076  -0.0167 0.0170  28  LYS B N   
507 C  CA  . LYS B 28 ? 0.1552 0.1098 0.1397 0.0152  0.0094  0.0176  28  LYS B CA  
508 C  C   . LYS B 28 ? 0.1748 0.1290 0.1406 -0.0128 0.0136  0.0151  28  LYS B C   
509 O  O   . LYS B 28 ? 0.2286 0.1655 0.1434 -0.0556 0.0154  0.0372  28  LYS B O   
510 C  CB  . LYS B 28 ? 0.1557 0.1275 0.1791 0.0256  0.0070  0.0146  28  LYS B CB  
511 C  CG  . LYS B 28 ? 0.1775 0.1344 0.2179 0.0183  0.0199  -0.0112 28  LYS B CG  
512 C  CD  . LYS B 28 ? 0.2048 0.1838 0.2500 0.0395  0.0018  0.0036  28  LYS B CD  
513 C  CE  . LYS B 28 ? 0.2459 0.2405 0.2579 0.0365  0.0182  -0.0108 28  LYS B CE  
514 N  NZ  . LYS B 28 ? 0.2471 0.2287 0.3136 0.0223  0.0088  -0.0096 28  LYS B NZ  
515 N  N   . GLU B 29 ? 0.1716 0.1609 0.1408 -0.0224 0.0154  0.0045  29  GLU B N   
516 C  CA  . GLU B 29 ? 0.1848 0.1520 0.1555 -0.0347 0.0095  -0.0061 29  GLU B CA  
517 C  C   . GLU B 29 ? 0.1983 0.1548 0.1525 -0.0078 -0.0233 -0.0124 29  GLU B C   
518 O  O   . GLU B 29 ? 0.1744 0.1540 0.1811 -0.0195 0.0001  -0.0247 29  GLU B O   
519 C  CB  . GLU B 29 ? 0.1897 0.1626 0.1655 -0.0278 0.0013  0.0002  29  GLU B CB  
520 C  CG  . GLU B 29 ? 0.2266 0.2299 0.2147 -0.0305 -0.0492 -0.0169 29  GLU B CG  
521 C  CD  . GLU B 29 ? 0.2729 0.2655 0.2846 -0.0084 -0.0108 0.0137  29  GLU B CD  
522 O  OE1 . GLU B 29 ? 0.3621 0.3787 0.3655 0.0857  -0.0615 -0.0201 29  GLU B OE1 
523 O  OE2 . GLU B 29 ? 0.2548 0.2169 0.3558 -0.0787 -0.0835 0.0264  29  GLU B OE2 
524 N  N   . ILE B 30 ? 0.1867 0.1626 0.1752 -0.0528 -0.0126 -0.0018 30  ILE B N   
525 C  CA  . ILE B 30 ? 0.2330 0.1558 0.2252 -0.0261 -0.0342 -0.0267 30  ILE B CA  
526 C  C   . ILE B 30 ? 0.2596 0.1658 0.2006 -0.0601 -0.0431 -0.0026 30  ILE B C   
527 O  O   . ILE B 30 ? 0.2289 0.1578 0.1767 -0.0498 0.0268  -0.0119 30  ILE B O   
528 C  CB  . ILE B 30 ? 0.2897 0.2019 0.2447 -0.0449 -0.0482 0.0129  30  ILE B CB  
529 C  CG1 . ILE B 30 ? 0.3264 0.2498 0.2918 -0.0003 0.0087  0.0260  30  ILE B CG1 
530 C  CG2 . ILE B 30 ? 0.3050 0.0861 0.3228 -0.0227 -0.0364 0.0242  30  ILE B CG2 
531 C  CD1 . ILE B 30 ? 0.3277 0.2906 0.3206 0.0079  -0.0179 -0.0033 30  ILE B CD1 
532 N  N   . NH2 B 31 ? 0.2347 0.1650 0.2334 -0.0893 -0.0207 0.0312  31  NH2 B N   
533 BR BR  . BR  C .  ? 0.3728 0.6563 0.1679 0.2696  0.0354  0.0672  101 BR  A BR  
534 S  S   . SO4 D .  ? 0.2907 0.1595 0.1679 0.0296  -0.0621 -0.0352 102 SO4 A S   
535 O  O1  . SO4 D .  ? 0.2885 0.2108 0.1887 0.0164  -0.0879 -0.0613 102 SO4 A O1  
536 O  O2  . SO4 D .  ? 0.2990 0.2751 0.2630 0.0080  -0.0338 -0.0276 102 SO4 A O2  
537 O  O3  . SO4 D .  ? 0.2814 0.2237 0.1838 0.0419  -0.0718 -0.0717 102 SO4 A O3  
538 O  O4  . SO4 D .  ? 0.3129 0.1387 0.1725 0.0363  -0.1273 -0.0688 102 SO4 A O4  
539 C  C1  . GOL E .  ? 0.2605 0.2379 0.2290 0.0036  0.0401  -0.0128 103 GOL A C1  
540 O  O1  . GOL E .  ? 0.2992 0.3333 0.2549 0.0206  -0.0111 0.0085  103 GOL A O1  
541 C  C2  . GOL E .  ? 0.2526 0.2161 0.2127 0.0093  0.0562  0.0398  103 GOL A C2  
542 O  O2  . GOL E .  ? 0.2637 0.2426 0.2230 -0.0193 0.0692  0.0576  103 GOL A O2  
543 C  C3  . GOL E .  ? 0.3013 0.2752 0.2733 -0.0008 0.0154  -0.0018 103 GOL A C3  
544 O  O3  . GOL E .  ? 0.2920 0.2572 0.1942 -0.0154 0.0139  -0.0068 103 GOL A O3  
545 BR BR  . BR  F .  ? 1.1411 1.9895 0.3257 0.1289  0.1971  -0.1062 101 BR  B BR  
546 S  S   . SO4 G .  ? 0.2763 0.2825 0.2553 0.0030  -0.0222 -0.0175 102 SO4 B S   
547 O  O1  . SO4 G .  ? 0.3338 0.2982 0.3361 -0.0287 0.0236  -0.0246 102 SO4 B O1  
548 O  O2  . SO4 G .  ? 0.2437 0.3245 0.3367 0.0107  0.0074  -0.0001 102 SO4 B O2  
549 O  O3  . SO4 G .  ? 0.3344 0.3231 0.2523 0.0025  0.0042  -0.0355 102 SO4 B O3  
550 O  O4  . SO4 G .  ? 0.3513 0.2507 0.3429 0.0003  -0.0577 -0.0396 102 SO4 B O4  
551 C  C1  . GOL H .  ? 0.2853 0.2724 0.3024 0.0126  0.0036  -0.0095 103 GOL B C1  
552 O  O1  . GOL H .  ? 0.2637 0.3331 0.2661 0.0213  0.0273  -0.0632 103 GOL B O1  
553 C  C2  . GOL H .  ? 0.2811 0.2749 0.2574 0.0140  0.0295  0.0103  103 GOL B C2  
554 O  O2  . GOL H .  ? 0.3109 0.3172 0.3193 -0.0235 -0.0280 -0.0435 103 GOL B O2  
555 C  C3  . GOL H .  ? 0.2722 0.2869 0.3053 0.0020  0.0042  -0.0025 103 GOL B C3  
556 O  O3  . GOL H .  ? 0.3160 0.2515 0.2888 -0.0149 -0.0102 0.0151  103 GOL B O3  
557 O  O   . HOH I .  ? 0.2807 0.8439 0.2737 0.0231  -0.0013 -0.1633 201 HOH A O   
558 O  O   . HOH I .  ? 0.1249 0.1945 0.4403 0.0253  -0.0203 -0.0791 202 HOH A O   
559 O  O   . HOH I .  ? 0.1783 0.2310 0.2053 -0.0600 -0.0090 -0.0999 203 HOH A O   
560 O  O   . HOH I .  ? 0.1952 0.2536 0.3342 -0.0945 -0.0649 0.1199  204 HOH A O   
561 O  O   . HOH I .  ? 0.1457 0.3088 0.1300 -0.0299 0.0362  -0.0195 205 HOH A O   
562 O  O   . HOH I .  ? 0.1636 0.1759 0.2621 0.0011  0.0304  -0.0376 206 HOH A O   
563 O  O   . HOH I .  ? 0.2469 0.3692 0.3218 -0.2073 0.0151  0.0372  207 HOH A O   
564 O  O   . HOH I .  ? 0.3415 0.2215 0.2607 0.0254  0.0541  -0.0642 208 HOH A O   
565 O  O   . HOH I .  ? 0.1258 0.2965 0.3145 0.0579  0.0064  -0.0605 209 HOH A O   
566 O  O   . HOH I .  ? 0.1098 0.2264 0.2739 0.0091  0.0462  0.0313  210 HOH A O   
567 O  O   . HOH I .  ? 0.2166 0.1624 0.2905 -0.0294 0.0541  -0.0482 211 HOH A O   
568 O  O   . HOH I .  ? 0.2719 0.2257 0.1619 -0.0202 0.0374  0.0302  212 HOH A O   
569 O  O   . HOH I .  ? 0.3981 0.2127 0.2345 0.0198  -0.0657 0.0164  213 HOH A O   
570 O  O   . HOH I .  ? 0.2611 0.1970 0.3520 -0.0618 0.1137  -0.1095 214 HOH A O   
571 O  O   . HOH I .  ? 0.4554 0.2780 0.6212 -0.0854 -0.1170 -0.0012 215 HOH A O   
572 O  O   . HOH I .  ? 0.1574 0.1238 0.1647 -0.0279 -0.0745 0.0479  216 HOH A O   
573 O  O   . HOH I .  ? 0.2302 0.4565 0.3108 0.1745  -0.0186 -0.1284 217 HOH A O   
574 O  O   . HOH I .  ? 0.3120 0.3249 0.2021 0.0563  0.0268  0.0562  218 HOH A O   
575 O  O   . HOH I .  ? 0.2212 0.2770 0.3969 0.0973  0.1633  0.0919  219 HOH A O   
576 O  O   . HOH I .  ? 0.0811 0.4234 0.1731 0.1346  0.0241  0.0792  220 HOH A O   
577 O  O   . HOH I .  ? 0.1166 0.2282 0.3989 -0.0346 -0.0076 0.0016  221 HOH A O   
578 O  O   . HOH I .  ? 0.5466 0.5804 0.2240 -0.0184 0.0238  -0.1444 222 HOH A O   
579 O  O   . HOH I .  ? 0.4579 1.1760 0.4524 0.2361  0.1683  0.3672  223 HOH A O   
580 O  O   . HOH J .  ? 0.5032 0.4712 0.1985 -0.0208 -0.0453 0.0535  201 HOH B O   
581 O  O   . HOH J .  ? 0.1771 0.1759 0.2721 -0.0271 0.0289  0.0359  202 HOH B O   
582 O  O   . HOH J .  ? 0.2550 0.1743 0.1141 -0.0795 -0.0115 0.0372  203 HOH B O   
583 O  O   . HOH J .  ? 0.3013 0.1896 0.2327 -0.0182 -0.0078 0.0394  204 HOH B O   
584 O  O   . HOH J .  ? 0.3143 0.3504 0.2743 -0.0570 -0.0328 0.1241  205 HOH B O   
585 O  O   . HOH J .  ? 0.2004 0.1815 0.1526 -0.0413 0.0016  -0.0290 206 HOH B O   
586 O  O   . HOH J .  ? 0.1627 0.2946 0.2241 0.0295  0.0572  0.0642  207 HOH B O   
587 O  O   . HOH J .  ? 0.1399 0.2371 0.6768 -0.0116 0.0571  -0.0242 208 HOH B O   
588 O  O   . HOH J .  ? 0.4066 0.3040 0.5141 -0.0446 -0.1937 -0.0635 209 HOH B O   
589 O  O   . HOH J .  ? 0.2928 0.0998 0.2725 0.0236  -0.0014 -0.0183 210 HOH B O   
590 O  O   . HOH J .  ? 0.4237 0.4731 0.1636 -0.2710 0.0205  0.0627  211 HOH B O   
591 O  O   . HOH J .  ? 0.1784 0.1578 0.2271 0.0094  0.0205  -0.0359 212 HOH B O   
592 O  O   . HOH J .  ? 0.3218 0.1934 0.1820 -0.0268 -0.0390 0.0363  213 HOH B O   
593 O  O   . HOH J .  ? 0.2756 0.1398 0.1646 -0.0200 -0.0344 0.0102  214 HOH B O   
594 O  O   . HOH J .  ? 0.6374 0.3226 0.2408 0.2600  -0.0990 0.0655  215 HOH B O   
595 O  O   . HOH J .  ? 0.2465 0.3266 0.4977 -0.1665 0.0747  -0.2166 216 HOH B O   
596 O  O   . HOH J .  ? 0.4150 0.2847 0.2755 -0.1764 -0.0304 0.0744  217 HOH B O   
597 O  O   . HOH J .  ? 0.2188 0.1596 0.4135 0.0921  0.1236  0.0560  218 HOH B O   
598 O  O   . HOH J .  ? 0.1905 0.1133 0.1273 0.0024  -0.0640 0.0319  219 HOH B O   
599 O  O   . HOH J .  ? 0.1515 0.3159 0.3986 0.0038  0.0013  -0.1922 220 HOH B O   
600 O  O   . HOH J .  ? 0.3539 0.5665 0.2612 0.1706  -0.0972 -0.1124 221 HOH B O   
601 O  O   . HOH J .  ? 0.2549 0.4128 0.2464 -0.0710 0.1152  -0.0891 222 HOH B O   
602 O  O   . HOH J .  ? 0.1462 0.3163 0.2747 -0.0542 0.0056  -0.1054 223 HOH B O   
603 O  O   . HOH J .  ? 0.2025 0.2271 0.3774 -0.0846 0.0587  -0.1312 224 HOH B O   
604 O  O   . HOH J .  ? 4.7092 1.0177 1.3167 0.8375  0.1895  1.0935  225 HOH B O   
605 O  O   . HOH J .  ? 1.6150 1.2219 0.3831 -0.5129 -0.0077 0.1651  226 HOH B O   
606 O  O   . HOH J .  ? 0.7568 0.1639 0.4671 0.0147  -0.1572 -0.0799 227 HOH B O   
607 O  O   . HOH J .  ? 0.2218 0.2910 0.2726 0.0632  -0.0249 -0.1057 228 HOH B O   
608 O  O   . HOH J .  ? 0.2672 0.1916 0.1774 -0.0048 -0.0051 0.0054  229 HOH B O   
609 O  O   . HOH J .  ? 0.2787 0.0859 0.3143 0.0218  0.0609  -0.0059 230 HOH B O   
610 O  O   . HOH J .  ? 0.2019 0.3287 0.3225 -0.1080 0.1128  0.0582  231 HOH B O   
611 O  O   . HOH J .  ? 0.1979 0.1610 0.2856 0.0231  0.0278  -0.0382 232 HOH B O   
# 
